data_5NMX
#
_entry.id   5NMX
#
_cell.length_a   74.076
_cell.length_b   76.082
_cell.length_c   81.669
_cell.angle_alpha   71.810
_cell.angle_beta   81.640
_cell.angle_gamma   82.040
#
_symmetry.space_group_name_H-M   'P 1'
#
loop_
_entity.id
_entity.type
_entity.pdbx_description
1 polymer 'Flavin-containing monooxygenase'
2 non-polymer 'FLAVIN-ADENINE DINUCLEOTIDE'
3 non-polymer 'NADP NICOTINAMIDE-ADENINE-DINUCLEOTIDE PHOSPHATE'
4 non-polymer 'MAGNESIUM ION'
5 water water
#
_entity_poly.entity_id   1
_entity_poly.type   'polypeptide(L)'
_entity_poly.pdbx_seq_one_letter_code
;MRRVAVLGAGPSGLTAARYLKQAGFEVMVFERYHHVGGTWNYTDETWMSEDGRPVYSSMYQNLFVNLPKELMAFPDFPFH
DIEGSYVPSKEVLKYFDNFTDAFDLRKLIKLQHHVENVRPCESGWLVTVTDLTTMVEHSFEFDAVVVCTGQTWCPLYPDV
EGRSFFRGRLTHAHEFRSPEPFRNKRVLIVGAGPSGHDMALHISYVSKEVFLSRKELKPVEGLFPDNVTEKPLLTSLSEY
TAHFSDGTSTDVDEILYCTGYRYRFPFLSPECGVTVDEKYVYPLYLHMLNINKPTMLFIGVSYNACYSIMFDLQAQWVTA
VLAGRCTLPDAETMRKEEAEYMEKQRAEAVHPHVLMNHQWEYFKKLEEMSGAKTMPPVYMKMFDDVASDLVKDLQNFRKN
NYMIIDNENYKKIYAAALEHHHHHH
;
_entity_poly.pdbx_strand_id   A,B,C,D
#
# COMPACT_ATOMS: atom_id res chain seq x y z
N MET A 1 -33.12 -20.20 -20.30
CA MET A 1 -32.44 -20.00 -18.97
C MET A 1 -33.19 -18.94 -18.15
N ARG A 2 -33.88 -19.37 -17.11
CA ARG A 2 -34.76 -18.45 -16.44
C ARG A 2 -34.45 -18.60 -14.94
N ARG A 3 -34.39 -19.83 -14.40
CA ARG A 3 -34.44 -19.99 -12.91
C ARG A 3 -33.03 -20.41 -12.46
N VAL A 4 -32.51 -19.66 -11.49
CA VAL A 4 -31.12 -19.80 -11.10
C VAL A 4 -31.06 -19.92 -9.55
N ALA A 5 -30.40 -20.99 -9.09
CA ALA A 5 -30.17 -21.16 -7.61
C ALA A 5 -28.85 -20.46 -7.24
N VAL A 6 -28.81 -19.78 -6.07
CA VAL A 6 -27.55 -19.27 -5.56
C VAL A 6 -27.40 -19.98 -4.21
N LEU A 7 -26.25 -20.58 -3.94
CA LEU A 7 -26.09 -21.41 -2.73
C LEU A 7 -25.24 -20.61 -1.83
N GLY A 8 -25.83 -20.06 -0.74
CA GLY A 8 -25.08 -19.16 0.17
C GLY A 8 -25.46 -17.68 0.03
N ALA A 9 -25.71 -17.03 1.17
CA ALA A 9 -26.01 -15.60 1.13
C ALA A 9 -24.95 -14.82 1.97
N GLY A 10 -23.66 -15.15 1.79
CA GLY A 10 -22.59 -14.28 2.21
C GLY A 10 -22.25 -13.30 1.09
N PRO A 11 -21.14 -12.59 1.23
CA PRO A 11 -20.76 -11.61 0.16
C PRO A 11 -20.84 -12.17 -1.29
N SER A 12 -20.33 -13.38 -1.54
CA SER A 12 -20.47 -13.99 -2.87
C SER A 12 -21.89 -14.08 -3.35
N GLY A 13 -22.71 -14.77 -2.55
CA GLY A 13 -24.05 -15.08 -3.01
C GLY A 13 -24.92 -13.82 -3.15
N LEU A 14 -24.77 -12.88 -2.17
CA LEU A 14 -25.50 -11.62 -2.33
C LEU A 14 -25.13 -10.81 -3.59
N THR A 15 -23.85 -10.80 -3.98
CA THR A 15 -23.46 -10.03 -5.18
C THR A 15 -23.94 -10.80 -6.41
N ALA A 16 -23.87 -12.14 -6.43
CA ALA A 16 -24.52 -12.96 -7.43
C ALA A 16 -26.02 -12.55 -7.58
N ALA A 17 -26.81 -12.62 -6.47
CA ALA A 17 -28.21 -12.33 -6.54
C ALA A 17 -28.40 -10.91 -7.12
N ARG A 18 -27.58 -9.95 -6.73
CA ARG A 18 -27.76 -8.56 -7.24
C ARG A 18 -27.75 -8.60 -8.77
N TYR A 19 -26.69 -9.17 -9.31
CA TYR A 19 -26.58 -9.08 -10.78
C TYR A 19 -27.49 -10.05 -11.53
N LEU A 20 -27.74 -11.23 -11.00
CA LEU A 20 -28.66 -12.18 -11.67
C LEU A 20 -30.09 -11.56 -11.75
N LYS A 21 -30.49 -10.97 -10.65
CA LYS A 21 -31.84 -10.27 -10.63
C LYS A 21 -31.93 -9.13 -11.64
N GLN A 22 -30.88 -8.32 -11.71
CA GLN A 22 -30.86 -7.18 -12.61
C GLN A 22 -30.93 -7.71 -14.06
N ALA A 23 -30.41 -8.91 -14.32
CA ALA A 23 -30.49 -9.51 -15.68
C ALA A 23 -31.80 -10.22 -16.04
N GLY A 24 -32.75 -10.16 -15.12
CA GLY A 24 -34.14 -10.57 -15.31
C GLY A 24 -34.28 -12.07 -15.03
N PHE A 25 -33.31 -12.65 -14.32
CA PHE A 25 -33.47 -14.05 -13.90
C PHE A 25 -34.40 -14.20 -12.71
N GLU A 26 -34.97 -15.38 -12.56
CA GLU A 26 -35.75 -15.70 -11.36
C GLU A 26 -34.79 -16.41 -10.41
N VAL A 27 -34.42 -15.71 -9.38
CA VAL A 27 -33.33 -16.15 -8.45
C VAL A 27 -33.87 -16.63 -7.15
N MET A 28 -33.36 -17.78 -6.70
CA MET A 28 -33.61 -18.25 -5.35
C MET A 28 -32.30 -18.43 -4.64
N VAL A 29 -32.17 -17.86 -3.47
CA VAL A 29 -30.88 -17.93 -2.72
C VAL A 29 -31.14 -18.81 -1.50
N PHE A 30 -30.33 -19.84 -1.26
CA PHE A 30 -30.52 -20.71 -0.05
C PHE A 30 -29.40 -20.35 0.86
N GLU A 31 -29.79 -20.14 2.14
CA GLU A 31 -28.79 -19.78 3.17
C GLU A 31 -29.12 -20.51 4.45
N ARG A 32 -28.16 -21.25 5.03
CA ARG A 32 -28.50 -22.06 6.18
C ARG A 32 -28.66 -21.21 7.48
N TYR A 33 -28.06 -20.04 7.52
CA TYR A 33 -28.07 -19.23 8.79
C TYR A 33 -29.32 -18.41 8.81
N HIS A 34 -29.58 -17.83 9.97
CA HIS A 34 -30.78 -17.01 10.17
C HIS A 34 -30.61 -15.54 9.78
N HIS A 35 -29.45 -15.20 9.27
CA HIS A 35 -29.12 -13.81 8.90
C HIS A 35 -28.22 -13.87 7.66
N VAL A 36 -28.33 -12.91 6.76
CA VAL A 36 -27.31 -12.85 5.66
C VAL A 36 -25.97 -12.38 6.12
N GLY A 37 -24.96 -12.50 5.24
CA GLY A 37 -23.66 -11.89 5.40
C GLY A 37 -22.53 -12.85 5.66
N GLY A 38 -22.87 -14.15 5.74
CA GLY A 38 -21.85 -15.20 5.67
C GLY A 38 -20.93 -15.12 6.88
N THR A 39 -19.61 -15.19 6.65
CA THR A 39 -18.59 -15.26 7.71
C THR A 39 -18.68 -14.05 8.63
N TRP A 40 -19.33 -12.95 8.19
CA TRP A 40 -19.33 -11.75 9.01
C TRP A 40 -20.33 -11.89 10.21
N ASN A 41 -21.13 -12.95 10.23
CA ASN A 41 -21.97 -13.24 11.45
C ASN A 41 -21.10 -13.92 12.51
N TYR A 42 -21.12 -13.39 13.74
CA TYR A 42 -20.42 -14.02 14.83
C TYR A 42 -21.44 -14.91 15.61
N THR A 43 -20.98 -16.09 15.99
CA THR A 43 -21.77 -17.00 16.80
C THR A 43 -20.83 -17.68 17.81
N ASP A 44 -21.32 -17.94 19.03
CA ASP A 44 -20.53 -18.66 19.99
C ASP A 44 -20.45 -20.13 19.64
N GLU A 45 -21.32 -20.63 18.71
CA GLU A 45 -21.29 -22.07 18.32
C GLU A 45 -20.04 -22.30 17.45
N THR A 46 -19.54 -23.55 17.50
CA THR A 46 -18.32 -23.95 16.74
C THR A 46 -18.65 -25.30 16.24
N TRP A 47 -18.12 -25.61 15.04
CA TRP A 47 -18.25 -27.00 14.50
C TRP A 47 -19.65 -27.45 14.02
N MET A 48 -20.61 -27.64 14.94
CA MET A 48 -21.92 -28.09 14.64
C MET A 48 -22.84 -27.21 15.47
N SER A 49 -23.95 -26.86 14.87
CA SER A 49 -24.93 -26.09 15.58
C SER A 49 -25.92 -26.99 16.26
N GLU A 50 -26.61 -26.45 17.28
CA GLU A 50 -27.72 -27.17 17.85
C GLU A 50 -28.84 -27.43 16.89
N ASP A 51 -28.93 -26.71 15.78
CA ASP A 51 -29.90 -27.03 14.77
C ASP A 51 -29.66 -28.24 13.91
N GLY A 52 -28.52 -28.88 14.12
CA GLY A 52 -28.14 -30.15 13.51
C GLY A 52 -27.31 -30.10 12.25
N ARG A 53 -26.86 -28.90 11.84
CA ARG A 53 -25.96 -28.81 10.66
C ARG A 53 -24.78 -28.04 11.06
N PRO A 54 -23.73 -28.05 10.20
CA PRO A 54 -22.50 -27.42 10.56
C PRO A 54 -22.54 -25.91 10.76
N VAL A 55 -21.61 -25.48 11.57
CA VAL A 55 -21.29 -24.01 11.75
C VAL A 55 -20.29 -23.63 10.67
N TYR A 56 -20.68 -22.68 9.82
CA TYR A 56 -19.79 -22.30 8.71
C TYR A 56 -18.96 -21.04 8.96
N SER A 57 -19.34 -20.33 10.01
CA SER A 57 -18.63 -19.11 10.38
C SER A 57 -17.41 -19.39 11.27
N SER A 58 -16.28 -18.75 10.94
CA SER A 58 -15.09 -18.85 11.75
C SER A 58 -14.83 -17.45 12.35
N MET A 59 -15.80 -16.55 12.42
CA MET A 59 -15.60 -15.23 13.01
C MET A 59 -15.36 -15.31 14.51
N TYR A 60 -14.53 -14.44 15.03
CA TYR A 60 -14.27 -14.48 16.50
C TYR A 60 -14.52 -13.08 17.09
N GLN A 61 -14.51 -13.02 18.43
CA GLN A 61 -14.81 -11.78 19.14
C GLN A 61 -13.77 -10.70 18.92
N ASN A 62 -14.23 -9.46 18.84
CA ASN A 62 -13.28 -8.32 18.86
C ASN A 62 -12.36 -8.29 17.65
N LEU A 63 -12.90 -8.78 16.54
CA LEU A 63 -12.15 -8.76 15.24
C LEU A 63 -12.33 -7.40 14.56
N PHE A 64 -11.19 -6.91 14.09
CA PHE A 64 -11.20 -5.69 13.23
C PHE A 64 -10.65 -6.09 11.86
N VAL A 65 -11.24 -5.48 10.84
CA VAL A 65 -10.86 -5.84 9.45
C VAL A 65 -9.36 -5.59 9.20
N ASN A 66 -8.81 -6.32 8.23
CA ASN A 66 -7.39 -6.20 7.91
C ASN A 66 -7.23 -5.47 6.58
N LEU A 67 -8.31 -4.87 6.07
CA LEU A 67 -8.25 -4.02 4.88
C LEU A 67 -9.17 -2.87 5.16
N PRO A 68 -8.84 -1.67 4.73
CA PRO A 68 -9.61 -0.51 5.08
C PRO A 68 -10.99 -0.61 4.47
N LYS A 69 -12.02 -0.06 5.14
CA LYS A 69 -13.40 -0.23 4.68
C LYS A 69 -13.55 0.29 3.23
N GLU A 70 -12.71 1.25 2.82
CA GLU A 70 -12.83 1.86 1.53
C GLU A 70 -12.48 0.86 0.42
N LEU A 71 -11.68 -0.19 0.69
CA LEU A 71 -11.38 -1.20 -0.30
C LEU A 71 -12.32 -2.39 -0.09
N MET A 72 -12.98 -2.48 1.07
CA MET A 72 -13.94 -3.57 1.25
C MET A 72 -15.32 -3.31 0.59
N ALA A 73 -15.64 -2.05 0.38
CA ALA A 73 -16.89 -1.69 -0.34
C ALA A 73 -16.77 -1.89 -1.83
N PHE A 74 -17.91 -2.30 -2.41
CA PHE A 74 -18.06 -2.28 -3.90
C PHE A 74 -17.93 -0.84 -4.43
N PRO A 75 -17.29 -0.70 -5.61
CA PRO A 75 -17.11 0.67 -6.09
C PRO A 75 -18.41 1.48 -6.14
N ASP A 76 -19.54 0.86 -6.38
CA ASP A 76 -20.79 1.66 -6.56
C ASP A 76 -21.70 1.55 -5.37
N PHE A 77 -21.20 0.99 -4.25
CA PHE A 77 -22.03 0.96 -3.03
C PHE A 77 -21.14 1.28 -1.84
N PRO A 78 -20.97 2.57 -1.52
CA PRO A 78 -19.98 2.92 -0.49
C PRO A 78 -20.36 2.50 0.92
N PHE A 79 -19.34 2.33 1.75
CA PHE A 79 -19.52 2.06 3.15
C PHE A 79 -20.34 3.17 3.82
N HIS A 80 -21.18 2.82 4.79
CA HIS A 80 -21.75 3.87 5.62
C HIS A 80 -20.70 4.78 6.32
N ASP A 81 -21.11 5.99 6.66
CA ASP A 81 -20.18 6.98 7.14
C ASP A 81 -19.74 6.89 8.62
N ILE A 82 -19.30 5.76 9.07
CA ILE A 82 -18.71 5.71 10.40
C ILE A 82 -17.23 6.20 10.40
N GLU A 83 -16.75 6.85 11.48
CA GLU A 83 -15.34 7.24 11.56
C GLU A 83 -14.43 6.00 11.57
N GLY A 84 -13.36 6.04 10.78
CA GLY A 84 -12.29 5.04 10.96
C GLY A 84 -12.29 4.05 9.77
N SER A 85 -11.14 3.75 9.26
CA SER A 85 -11.07 2.80 8.14
C SER A 85 -11.07 1.31 8.54
N TYR A 86 -10.43 0.96 9.65
CA TYR A 86 -10.34 -0.48 10.00
C TYR A 86 -11.41 -0.73 11.04
N VAL A 87 -12.61 -0.96 10.52
CA VAL A 87 -13.79 -1.09 11.34
C VAL A 87 -13.85 -2.46 12.08
N PRO A 88 -14.63 -2.54 13.13
CA PRO A 88 -14.87 -3.83 13.77
C PRO A 88 -15.81 -4.61 12.84
N SER A 89 -15.78 -5.94 12.99
CA SER A 89 -16.58 -6.86 12.12
C SER A 89 -18.08 -6.52 12.05
N LYS A 90 -18.69 -5.98 13.13
CA LYS A 90 -20.11 -5.71 13.04
C LYS A 90 -20.44 -4.68 11.97
N GLU A 91 -19.50 -3.79 11.60
CA GLU A 91 -19.81 -2.77 10.61
C GLU A 91 -19.81 -3.42 9.26
N VAL A 92 -19.02 -4.50 9.07
CA VAL A 92 -19.08 -5.12 7.76
C VAL A 92 -20.37 -5.98 7.64
N LEU A 93 -20.82 -6.59 8.75
CA LEU A 93 -22.07 -7.36 8.68
C LEU A 93 -23.23 -6.34 8.31
N LYS A 94 -23.23 -5.15 8.95
CA LYS A 94 -24.15 -4.09 8.62
C LYS A 94 -24.10 -3.69 7.15
N TYR A 95 -22.90 -3.51 6.59
CA TYR A 95 -22.68 -3.24 5.18
C TYR A 95 -23.41 -4.24 4.34
N PHE A 96 -23.25 -5.54 4.63
CA PHE A 96 -23.99 -6.48 3.80
C PHE A 96 -25.50 -6.58 3.97
N ASP A 97 -25.95 -6.34 5.19
CA ASP A 97 -27.41 -6.20 5.44
C ASP A 97 -27.91 -4.98 4.67
N ASN A 98 -27.16 -3.87 4.68
CA ASN A 98 -27.58 -2.67 3.90
C ASN A 98 -27.59 -2.95 2.39
N PHE A 99 -26.60 -3.71 1.92
CA PHE A 99 -26.50 -4.06 0.51
C PHE A 99 -27.69 -4.91 0.09
N THR A 100 -28.07 -5.86 0.98
CA THR A 100 -29.17 -6.75 0.71
C THR A 100 -30.43 -5.95 0.55
N ASP A 101 -30.62 -4.98 1.41
CA ASP A 101 -31.87 -4.22 1.28
C ASP A 101 -31.85 -3.16 0.19
N ALA A 102 -30.68 -2.59 -0.14
CA ALA A 102 -30.54 -1.67 -1.27
C ALA A 102 -31.00 -2.22 -2.59
N PHE A 103 -30.71 -3.48 -2.83
CA PHE A 103 -30.97 -4.11 -4.12
C PHE A 103 -32.15 -5.00 -4.02
N ASP A 104 -32.92 -4.83 -2.95
CA ASP A 104 -34.19 -5.57 -2.85
C ASP A 104 -33.98 -7.10 -2.96
N LEU A 105 -32.98 -7.61 -2.24
CA LEU A 105 -32.63 -9.05 -2.42
C LEU A 105 -33.27 -9.87 -1.35
N ARG A 106 -33.67 -9.25 -0.24
CA ARG A 106 -34.16 -10.07 0.87
C ARG A 106 -35.31 -11.07 0.48
N LYS A 107 -36.24 -10.63 -0.43
CA LYS A 107 -37.38 -11.47 -0.85
C LYS A 107 -36.95 -12.73 -1.60
N LEU A 108 -35.67 -12.74 -2.03
CA LEU A 108 -35.21 -13.91 -2.84
C LEU A 108 -34.56 -15.01 -1.97
N ILE A 109 -34.30 -14.69 -0.70
CA ILE A 109 -33.51 -15.51 0.14
C ILE A 109 -34.35 -16.33 1.10
N LYS A 110 -34.07 -17.64 1.06
CA LYS A 110 -34.69 -18.61 1.93
C LYS A 110 -33.69 -18.86 3.04
N LEU A 111 -33.93 -18.18 4.18
CA LEU A 111 -32.94 -18.33 5.29
C LEU A 111 -33.21 -19.65 6.10
N GLN A 112 -32.23 -20.09 6.89
CA GLN A 112 -32.38 -21.42 7.50
C GLN A 112 -32.74 -22.56 6.54
N HIS A 113 -32.18 -22.50 5.33
CA HIS A 113 -32.35 -23.58 4.36
C HIS A 113 -30.97 -24.13 4.11
N HIS A 114 -30.77 -25.37 4.53
CA HIS A 114 -29.42 -25.95 4.38
C HIS A 114 -29.47 -26.83 3.12
N VAL A 115 -28.51 -26.57 2.20
CA VAL A 115 -28.42 -27.36 0.94
C VAL A 115 -27.74 -28.70 1.28
N GLU A 116 -28.45 -29.77 0.89
CA GLU A 116 -28.03 -31.15 1.17
C GLU A 116 -27.52 -31.82 -0.11
N ASN A 117 -28.14 -31.57 -1.26
CA ASN A 117 -27.62 -32.30 -2.46
C ASN A 117 -27.90 -31.48 -3.69
N VAL A 118 -27.02 -31.54 -4.67
CA VAL A 118 -27.24 -30.88 -5.96
C VAL A 118 -26.90 -31.96 -6.97
N ARG A 119 -27.82 -32.16 -7.91
CA ARG A 119 -27.48 -33.13 -9.01
C ARG A 119 -28.06 -32.60 -10.31
N PRO A 120 -27.42 -32.99 -11.44
CA PRO A 120 -28.01 -32.65 -12.73
C PRO A 120 -29.16 -33.54 -13.07
N CYS A 121 -30.16 -32.99 -13.75
CA CYS A 121 -31.06 -33.80 -14.59
C CYS A 121 -31.09 -33.11 -15.92
N GLU A 122 -30.63 -33.83 -16.94
CA GLU A 122 -30.68 -33.29 -18.27
C GLU A 122 -29.84 -32.02 -18.18
N SER A 123 -30.30 -30.91 -18.73
CA SER A 123 -29.40 -29.75 -18.77
C SER A 123 -29.52 -28.76 -17.56
N GLY A 124 -30.57 -28.97 -16.75
CA GLY A 124 -30.75 -28.22 -15.48
C GLY A 124 -30.36 -29.03 -14.21
N TRP A 125 -31.00 -28.71 -13.08
CA TRP A 125 -30.47 -29.14 -11.77
C TRP A 125 -31.57 -29.36 -10.79
N LEU A 126 -31.36 -30.33 -9.90
CA LEU A 126 -32.23 -30.51 -8.78
C LEU A 126 -31.45 -30.20 -7.53
N VAL A 127 -31.99 -29.28 -6.71
CA VAL A 127 -31.37 -28.87 -5.48
C VAL A 127 -32.27 -29.27 -4.34
N THR A 128 -31.71 -30.01 -3.41
CA THR A 128 -32.49 -30.53 -2.24
C THR A 128 -31.96 -29.85 -0.98
N VAL A 129 -32.90 -29.32 -0.17
CA VAL A 129 -32.48 -28.58 0.98
C VAL A 129 -33.37 -28.97 2.15
N THR A 130 -32.90 -28.69 3.36
CA THR A 130 -33.78 -28.88 4.51
C THR A 130 -34.09 -27.49 5.13
N ASP A 131 -35.39 -27.23 5.34
CA ASP A 131 -35.83 -26.03 6.07
C ASP A 131 -35.64 -26.39 7.53
N LEU A 132 -34.66 -25.75 8.15
CA LEU A 132 -34.25 -26.11 9.51
C LEU A 132 -35.28 -25.63 10.54
N THR A 133 -36.18 -24.74 10.14
CA THR A 133 -37.27 -24.29 11.08
C THR A 133 -38.35 -25.38 11.25
N THR A 134 -38.44 -26.28 10.29
CA THR A 134 -39.54 -27.33 10.29
C THR A 134 -38.93 -28.71 10.17
N MET A 135 -37.64 -28.78 9.83
CA MET A 135 -36.95 -30.06 9.45
C MET A 135 -37.60 -30.80 8.25
N VAL A 136 -38.33 -30.07 7.43
CA VAL A 136 -38.91 -30.65 6.23
C VAL A 136 -37.88 -30.52 5.09
N GLU A 137 -37.71 -31.60 4.31
CA GLU A 137 -36.86 -31.54 3.11
C GLU A 137 -37.66 -31.02 1.91
N HIS A 138 -37.03 -30.21 1.03
CA HIS A 138 -37.72 -29.67 -0.13
C HIS A 138 -36.75 -29.76 -1.31
N SER A 139 -37.23 -30.01 -2.53
CA SER A 139 -36.40 -29.93 -3.70
C SER A 139 -37.00 -29.01 -4.70
N PHE A 140 -36.12 -28.46 -5.54
CA PHE A 140 -36.48 -27.40 -6.50
C PHE A 140 -35.63 -27.65 -7.73
N GLU A 141 -36.25 -27.38 -8.88
CA GLU A 141 -35.58 -27.54 -10.14
C GLU A 141 -35.10 -26.20 -10.64
N PHE A 142 -33.89 -26.13 -11.23
CA PHE A 142 -33.33 -24.86 -11.74
C PHE A 142 -32.66 -25.10 -13.07
N ASP A 143 -32.49 -24.02 -13.84
CA ASP A 143 -31.67 -24.10 -15.09
C ASP A 143 -30.19 -23.88 -14.87
N ALA A 144 -29.76 -23.30 -13.70
CA ALA A 144 -28.36 -23.04 -13.44
C ALA A 144 -28.17 -22.97 -11.93
N VAL A 145 -26.98 -23.24 -11.46
CA VAL A 145 -26.73 -23.15 -9.96
C VAL A 145 -25.42 -22.43 -9.80
N VAL A 146 -25.38 -21.43 -8.89
CA VAL A 146 -24.20 -20.63 -8.61
C VAL A 146 -23.81 -20.95 -7.17
N VAL A 147 -22.66 -21.64 -7.06
CA VAL A 147 -22.22 -22.12 -5.74
C VAL A 147 -21.33 -21.10 -5.06
N CYS A 148 -21.84 -20.61 -3.87
CA CYS A 148 -21.18 -19.54 -3.17
C CYS A 148 -21.13 -19.87 -1.70
N THR A 149 -20.60 -21.05 -1.37
CA THR A 149 -20.72 -21.50 0.02
C THR A 149 -19.42 -21.31 0.83
N GLY A 150 -18.39 -20.71 0.26
CA GLY A 150 -17.25 -20.16 1.05
C GLY A 150 -16.16 -21.28 1.22
N GLN A 151 -15.03 -20.89 1.75
CA GLN A 151 -13.91 -21.80 1.93
C GLN A 151 -13.16 -21.49 3.20
N THR A 152 -13.88 -21.05 4.23
CA THR A 152 -13.16 -20.77 5.50
C THR A 152 -13.86 -21.50 6.63
N TRP A 153 -14.30 -22.72 6.39
CA TRP A 153 -14.95 -23.48 7.49
C TRP A 153 -14.45 -24.92 7.66
N CYS A 154 -13.95 -25.57 6.62
CA CYS A 154 -13.46 -26.96 6.74
C CYS A 154 -11.95 -26.93 6.90
N PRO A 155 -11.40 -27.32 8.09
CA PRO A 155 -10.02 -26.89 8.40
C PRO A 155 -9.00 -27.75 7.60
N LEU A 156 -7.84 -27.15 7.41
CA LEU A 156 -6.71 -27.90 6.82
C LEU A 156 -5.68 -28.02 7.95
N TYR A 157 -5.18 -29.23 8.18
CA TYR A 157 -4.14 -29.45 9.21
C TYR A 157 -2.88 -29.94 8.50
N PRO A 158 -1.72 -29.47 8.95
CA PRO A 158 -0.43 -30.03 8.41
C PRO A 158 -0.26 -31.52 8.88
N ASP A 159 0.52 -32.29 8.16
CA ASP A 159 0.90 -33.61 8.59
C ASP A 159 2.17 -33.36 9.40
N VAL A 160 2.18 -33.58 10.73
CA VAL A 160 3.42 -33.36 11.52
C VAL A 160 3.76 -34.72 12.14
N GLU A 161 5.05 -35.13 12.01
CA GLU A 161 5.48 -36.39 12.53
C GLU A 161 5.21 -36.44 14.05
N GLY A 162 4.65 -37.54 14.55
CA GLY A 162 4.50 -37.74 16.02
C GLY A 162 3.23 -37.05 16.52
N ARG A 163 2.42 -36.49 15.63
CA ARG A 163 1.24 -35.71 16.14
C ARG A 163 0.31 -36.62 16.96
N SER A 164 0.21 -37.89 16.59
CA SER A 164 -0.66 -38.82 17.35
C SER A 164 -0.11 -39.06 18.80
N PHE A 165 1.15 -38.65 19.11
CA PHE A 165 1.66 -38.77 20.50
C PHE A 165 1.38 -37.55 21.40
N PHE A 166 0.93 -36.44 20.81
CA PHE A 166 0.80 -35.17 21.60
C PHE A 166 -0.42 -35.31 22.48
N ARG A 167 -0.25 -34.95 23.75
CA ARG A 167 -1.34 -35.05 24.78
C ARG A 167 -1.79 -33.73 25.24
N GLY A 168 -1.29 -32.65 24.66
CA GLY A 168 -1.88 -31.33 25.02
C GLY A 168 -3.21 -31.09 24.26
N ARG A 169 -3.73 -29.86 24.27
CA ARG A 169 -5.06 -29.58 23.58
C ARG A 169 -4.77 -29.09 22.19
N LEU A 170 -5.45 -29.61 21.21
CA LEU A 170 -5.28 -29.16 19.80
C LEU A 170 -6.53 -28.46 19.41
N THR A 171 -6.38 -27.29 18.78
CA THR A 171 -7.54 -26.66 18.20
C THR A 171 -7.16 -26.06 16.86
N HIS A 172 -8.18 -25.69 16.10
CA HIS A 172 -7.97 -25.07 14.80
C HIS A 172 -8.57 -23.71 14.83
N ALA A 173 -8.00 -22.85 13.99
CA ALA A 173 -8.54 -21.45 13.86
C ALA A 173 -10.05 -21.43 13.70
N HIS A 174 -10.67 -22.42 13.04
CA HIS A 174 -12.13 -22.38 12.88
C HIS A 174 -12.86 -22.13 14.20
N GLU A 175 -12.39 -22.73 15.28
CA GLU A 175 -13.18 -22.69 16.48
C GLU A 175 -12.70 -21.64 17.41
N PHE A 176 -11.70 -20.83 17.02
CA PHE A 176 -11.27 -19.72 17.89
C PHE A 176 -12.38 -18.69 17.99
N ARG A 177 -12.76 -18.36 19.27
CA ARG A 177 -13.81 -17.35 19.48
C ARG A 177 -13.35 -16.26 20.42
N SER A 178 -12.46 -16.56 21.37
CA SER A 178 -11.80 -15.57 22.22
C SER A 178 -10.54 -16.20 22.81
N PRO A 179 -9.62 -15.36 23.30
CA PRO A 179 -8.37 -15.89 23.80
C PRO A 179 -8.55 -16.57 25.16
N GLU A 180 -9.77 -16.53 25.72
CA GLU A 180 -9.95 -17.05 27.13
C GLU A 180 -9.37 -18.45 27.48
N PRO A 181 -9.60 -19.48 26.64
CA PRO A 181 -9.15 -20.85 26.95
C PRO A 181 -7.65 -20.95 26.99
N PHE A 182 -6.95 -19.95 26.44
CA PHE A 182 -5.45 -19.90 26.37
C PHE A 182 -4.77 -19.19 27.56
N ARG A 183 -5.61 -18.74 28.54
CA ARG A 183 -5.06 -17.95 29.66
C ARG A 183 -4.04 -18.73 30.44
N ASN A 184 -2.88 -18.14 30.64
CA ASN A 184 -1.78 -18.76 31.41
C ASN A 184 -1.31 -20.12 30.85
N LYS A 185 -1.61 -20.36 29.58
CA LYS A 185 -1.04 -21.54 28.87
C LYS A 185 0.21 -21.19 28.02
N ARG A 186 1.04 -22.23 27.82
CA ARG A 186 2.16 -22.15 26.84
C ARG A 186 1.56 -22.62 25.53
N VAL A 187 1.42 -21.71 24.58
CA VAL A 187 0.64 -21.95 23.36
C VAL A 187 1.60 -21.87 22.13
N LEU A 188 1.50 -22.88 21.27
CA LEU A 188 2.13 -22.85 19.93
C LEU A 188 1.07 -22.64 18.88
N ILE A 189 1.20 -21.55 18.10
CA ILE A 189 0.34 -21.30 16.99
C ILE A 189 1.10 -21.71 15.75
N VAL A 190 0.54 -22.61 14.95
CA VAL A 190 1.22 -23.03 13.72
C VAL A 190 0.56 -22.29 12.56
N GLY A 191 1.36 -21.52 11.81
CA GLY A 191 0.82 -20.81 10.65
C GLY A 191 0.90 -19.34 11.02
N ALA A 192 1.67 -18.57 10.25
CA ALA A 192 1.80 -17.11 10.51
C ALA A 192 1.18 -16.26 9.36
N GLY A 193 0.03 -16.70 8.85
CA GLY A 193 -0.90 -15.80 8.12
C GLY A 193 -1.68 -14.86 8.99
N PRO A 194 -2.70 -14.26 8.41
CA PRO A 194 -3.55 -13.27 9.08
C PRO A 194 -4.13 -13.87 10.36
N SER A 195 -4.62 -15.15 10.34
CA SER A 195 -5.18 -15.74 11.61
C SER A 195 -4.08 -15.95 12.62
N GLY A 196 -3.00 -16.50 12.14
CA GLY A 196 -1.81 -16.63 12.94
C GLY A 196 -1.40 -15.35 13.61
N HIS A 197 -1.22 -14.30 12.83
CA HIS A 197 -0.72 -13.08 13.38
C HIS A 197 -1.72 -12.51 14.38
N ASP A 198 -2.95 -12.49 13.95
CA ASP A 198 -3.97 -11.89 14.75
C ASP A 198 -4.36 -12.63 15.99
N MET A 199 -4.41 -13.94 15.85
CA MET A 199 -4.60 -14.80 17.00
C MET A 199 -3.50 -14.75 18.02
N ALA A 200 -2.29 -14.65 17.52
CA ALA A 200 -1.17 -14.49 18.38
C ALA A 200 -1.28 -13.21 19.17
N LEU A 201 -1.68 -12.12 18.52
CA LEU A 201 -1.82 -10.88 19.23
C LEU A 201 -2.86 -11.00 20.33
N HIS A 202 -4.02 -11.54 19.98
CA HIS A 202 -5.14 -11.66 20.91
C HIS A 202 -4.72 -12.54 22.09
N ILE A 203 -4.10 -13.67 21.76
CA ILE A 203 -3.62 -14.55 22.83
C ILE A 203 -2.53 -14.02 23.70
N SER A 204 -1.65 -13.15 23.14
CA SER A 204 -0.54 -12.62 23.94
C SER A 204 -1.04 -11.77 25.11
N TYR A 205 -2.27 -11.27 25.04
CA TYR A 205 -2.82 -10.56 26.27
C TYR A 205 -3.16 -11.47 27.45
N VAL A 206 -3.36 -12.79 27.20
CA VAL A 206 -3.70 -13.67 28.31
C VAL A 206 -2.64 -14.73 28.66
N SER A 207 -1.64 -14.85 27.82
CA SER A 207 -0.49 -15.66 28.25
C SER A 207 0.80 -14.96 27.96
N LYS A 208 1.73 -15.14 28.88
CA LYS A 208 3.07 -14.65 28.65
C LYS A 208 3.90 -15.69 27.86
N GLU A 209 3.31 -16.82 27.42
CA GLU A 209 4.11 -17.57 26.41
C GLU A 209 3.47 -18.14 25.21
N VAL A 210 3.50 -17.33 24.15
CA VAL A 210 3.02 -17.70 22.86
C VAL A 210 4.22 -17.90 21.94
N PHE A 211 4.18 -18.96 21.16
CA PHE A 211 5.18 -19.23 20.09
C PHE A 211 4.42 -19.25 18.79
N LEU A 212 4.98 -18.58 17.76
CA LEU A 212 4.34 -18.56 16.49
C LEU A 212 5.37 -19.17 15.53
N SER A 213 4.96 -20.28 14.98
CA SER A 213 5.76 -21.13 14.08
C SER A 213 5.35 -20.85 12.65
N ARG A 214 6.34 -20.47 11.84
CA ARG A 214 6.12 -20.14 10.42
C ARG A 214 6.95 -21.01 9.46
N LYS A 215 6.47 -21.35 8.26
CA LYS A 215 7.34 -21.85 7.18
C LYS A 215 8.28 -20.71 6.72
N PHE A 224 6.31 -8.14 16.49
CA PHE A 224 5.38 -8.78 17.35
C PHE A 224 5.50 -8.40 18.79
N PRO A 225 4.28 -8.54 19.47
CA PRO A 225 4.35 -8.17 20.89
C PRO A 225 5.36 -8.93 21.69
N ASP A 226 5.71 -8.44 22.87
CA ASP A 226 6.86 -8.93 23.64
C ASP A 226 6.89 -10.43 23.86
N ASN A 227 5.76 -11.02 24.14
CA ASN A 227 5.81 -12.40 24.62
C ASN A 227 5.37 -13.27 23.50
N VAL A 228 5.60 -12.83 22.25
CA VAL A 228 5.36 -13.80 21.16
C VAL A 228 6.74 -14.15 20.59
N THR A 229 7.13 -15.40 20.77
CA THR A 229 8.46 -15.86 20.28
C THR A 229 8.25 -16.51 18.93
N GLU A 230 9.01 -16.06 17.94
CA GLU A 230 9.02 -16.66 16.63
C GLU A 230 9.74 -18.01 16.59
N LYS A 231 9.14 -18.98 15.92
CA LYS A 231 9.78 -20.27 15.73
C LYS A 231 9.70 -20.59 14.28
N PRO A 232 10.63 -21.44 13.79
CA PRO A 232 10.58 -21.88 12.42
C PRO A 232 9.63 -23.08 12.27
N LEU A 233 9.73 -23.88 11.18
CA LEU A 233 8.78 -24.90 10.90
C LEU A 233 8.68 -25.98 12.03
N LEU A 234 7.47 -26.34 12.44
CA LEU A 234 7.28 -27.46 13.39
C LEU A 234 7.50 -28.77 12.60
N THR A 235 8.46 -29.58 13.09
CA THR A 235 8.85 -30.80 12.40
C THR A 235 8.44 -32.08 13.12
N SER A 236 8.20 -32.01 14.46
CA SER A 236 7.68 -33.21 15.11
C SER A 236 7.07 -32.83 16.45
N LEU A 237 6.21 -33.72 16.91
CA LEU A 237 5.61 -33.58 18.26
C LEU A 237 5.91 -34.84 19.10
N SER A 238 6.01 -34.61 20.42
CA SER A 238 5.96 -35.74 21.34
C SER A 238 4.87 -35.46 22.38
N GLU A 239 4.87 -36.17 23.51
CA GLU A 239 3.74 -35.98 24.43
C GLU A 239 3.40 -34.58 24.83
N TYR A 240 4.45 -33.77 25.13
CA TYR A 240 4.14 -32.41 25.52
C TYR A 240 5.13 -31.44 24.99
N THR A 241 5.84 -31.83 23.90
CA THR A 241 6.98 -31.02 23.44
C THR A 241 6.89 -30.94 21.91
N ALA A 242 7.12 -29.74 21.44
CA ALA A 242 7.17 -29.42 19.98
C ALA A 242 8.68 -29.32 19.62
N HIS A 243 9.02 -29.79 18.41
CA HIS A 243 10.43 -29.80 17.98
C HIS A 243 10.40 -29.11 16.61
N PHE A 244 11.34 -28.20 16.41
CA PHE A 244 11.33 -27.39 15.20
C PHE A 244 12.52 -27.62 14.27
N SER A 245 12.41 -27.03 13.08
CA SER A 245 13.40 -27.30 12.01
C SER A 245 14.78 -26.79 12.36
N ASP A 246 14.95 -25.83 13.28
CA ASP A 246 16.28 -25.46 13.80
C ASP A 246 16.87 -26.40 14.85
N GLY A 247 16.21 -27.50 15.18
CA GLY A 247 16.67 -28.38 16.19
C GLY A 247 16.35 -27.95 17.60
N THR A 248 15.54 -26.91 17.79
CA THR A 248 15.12 -26.52 19.18
C THR A 248 13.79 -27.20 19.53
N SER A 249 13.48 -27.20 20.83
CA SER A 249 12.24 -27.84 21.33
C SER A 249 11.67 -26.92 22.35
N THR A 250 10.32 -26.93 22.52
CA THR A 250 9.71 -26.13 23.58
C THR A 250 8.56 -26.99 24.10
N ASP A 251 8.42 -27.05 25.41
CA ASP A 251 7.21 -27.66 25.96
C ASP A 251 5.96 -26.77 25.77
N VAL A 252 4.84 -27.38 25.39
CA VAL A 252 3.63 -26.57 25.17
C VAL A 252 2.39 -27.31 25.70
N ASP A 253 1.40 -26.54 26.16
CA ASP A 253 0.13 -27.14 26.64
C ASP A 253 -0.92 -27.23 25.54
N GLU A 254 -0.84 -26.32 24.56
CA GLU A 254 -1.93 -26.03 23.58
C GLU A 254 -1.22 -25.81 22.26
N ILE A 255 -1.80 -26.41 21.21
CA ILE A 255 -1.39 -26.05 19.82
C ILE A 255 -2.64 -25.54 19.14
N LEU A 256 -2.49 -24.41 18.47
CA LEU A 256 -3.57 -23.83 17.70
C LEU A 256 -3.11 -23.82 16.22
N TYR A 257 -3.82 -24.58 15.40
CA TYR A 257 -3.48 -24.60 13.99
C TYR A 257 -4.19 -23.48 13.21
N CYS A 258 -3.38 -22.59 12.63
CA CYS A 258 -3.78 -21.43 11.78
C CYS A 258 -3.19 -21.73 10.39
N THR A 259 -3.34 -22.96 9.99
CA THR A 259 -2.83 -23.49 8.73
C THR A 259 -3.78 -23.36 7.58
N GLY A 260 -4.89 -22.65 7.79
CA GLY A 260 -5.87 -22.49 6.74
C GLY A 260 -6.95 -23.50 6.63
N TYR A 261 -7.63 -23.46 5.47
CA TYR A 261 -8.82 -24.20 5.27
C TYR A 261 -8.75 -24.91 3.94
N ARG A 262 -9.54 -25.95 3.83
CA ARG A 262 -9.69 -26.72 2.59
CA ARG A 262 -9.68 -26.77 2.60
C ARG A 262 -11.04 -26.58 1.90
N TYR A 263 -11.07 -26.74 0.56
CA TYR A 263 -12.36 -26.82 -0.12
C TYR A 263 -13.15 -27.99 0.30
N ARG A 264 -14.50 -27.74 0.43
CA ARG A 264 -15.37 -28.82 0.74
C ARG A 264 -16.81 -28.47 0.39
N PHE A 265 -17.48 -29.29 -0.42
CA PHE A 265 -18.81 -28.98 -0.99
C PHE A 265 -19.53 -30.25 -0.88
N PRO A 266 -19.99 -30.57 0.34
CA PRO A 266 -20.62 -31.91 0.55
C PRO A 266 -21.82 -32.23 -0.29
N PHE A 267 -22.58 -31.20 -0.71
CA PHE A 267 -23.77 -31.36 -1.46
C PHE A 267 -23.55 -31.69 -2.93
N LEU A 268 -22.32 -31.57 -3.43
CA LEU A 268 -22.12 -31.87 -4.89
C LEU A 268 -22.17 -33.38 -5.09
N SER A 269 -23.14 -33.84 -5.85
CA SER A 269 -23.16 -35.30 -6.24
C SER A 269 -22.00 -35.55 -7.20
N PRO A 270 -21.47 -36.78 -7.27
CA PRO A 270 -20.39 -37.02 -8.25
C PRO A 270 -20.81 -36.70 -9.72
N GLU A 271 -22.07 -36.83 -10.03
CA GLU A 271 -22.53 -36.61 -11.38
C GLU A 271 -22.39 -35.11 -11.76
N CYS A 272 -22.25 -34.23 -10.75
CA CYS A 272 -22.02 -32.78 -11.08
C CYS A 272 -20.72 -32.60 -11.83
N GLY A 273 -19.82 -33.58 -11.83
CA GLY A 273 -18.60 -33.48 -12.62
C GLY A 273 -17.44 -32.67 -12.08
N VAL A 274 -17.48 -32.32 -10.78
CA VAL A 274 -16.37 -31.56 -10.14
C VAL A 274 -15.62 -32.43 -9.19
N THR A 275 -14.34 -32.34 -9.21
CA THR A 275 -13.47 -33.00 -8.25
C THR A 275 -13.00 -31.97 -7.28
N VAL A 276 -13.17 -32.30 -5.99
CA VAL A 276 -12.75 -31.35 -4.98
C VAL A 276 -11.58 -31.87 -4.15
N ASP A 277 -10.41 -31.35 -4.33
CA ASP A 277 -9.25 -31.64 -3.48
C ASP A 277 -9.01 -30.56 -2.46
N GLU A 278 -8.05 -30.76 -1.58
CA GLU A 278 -7.82 -29.81 -0.50
C GLU A 278 -7.64 -28.37 -0.94
N LYS A 279 -6.83 -28.14 -1.99
CA LYS A 279 -6.49 -26.84 -2.43
C LYS A 279 -6.83 -26.64 -3.96
N TYR A 280 -7.61 -27.55 -4.52
CA TYR A 280 -7.87 -27.53 -5.99
C TYR A 280 -9.22 -28.07 -6.30
N VAL A 281 -10.02 -27.25 -7.01
CA VAL A 281 -11.29 -27.70 -7.50
C VAL A 281 -11.27 -27.69 -9.04
N TYR A 282 -11.72 -28.79 -9.67
CA TYR A 282 -11.55 -28.88 -11.10
C TYR A 282 -12.64 -29.71 -11.73
N PRO A 283 -12.86 -29.54 -13.07
CA PRO A 283 -12.20 -28.56 -13.92
C PRO A 283 -12.99 -27.25 -13.99
N LEU A 284 -12.43 -26.13 -13.53
CA LEU A 284 -13.12 -24.83 -13.61
C LEU A 284 -12.43 -23.95 -14.63
N TYR A 285 -13.19 -23.20 -15.42
CA TYR A 285 -12.58 -22.19 -16.22
C TYR A 285 -12.61 -20.85 -15.44
N LEU A 286 -11.45 -20.19 -15.31
CA LEU A 286 -11.22 -18.87 -14.68
C LEU A 286 -11.79 -18.94 -13.24
N HIS A 287 -11.62 -20.11 -12.60
CA HIS A 287 -12.10 -20.32 -11.19
C HIS A 287 -13.59 -20.31 -11.02
N MET A 288 -14.37 -20.31 -12.12
CA MET A 288 -15.86 -20.14 -11.99
C MET A 288 -16.63 -21.22 -12.67
N LEU A 289 -16.38 -21.46 -13.98
CA LEU A 289 -17.33 -22.28 -14.72
C LEU A 289 -16.98 -23.80 -14.60
N ASN A 290 -17.97 -24.60 -14.26
CA ASN A 290 -17.80 -26.06 -14.29
C ASN A 290 -17.74 -26.47 -15.79
N ILE A 291 -16.54 -26.83 -16.24
CA ILE A 291 -16.37 -27.15 -17.70
C ILE A 291 -17.16 -28.40 -18.09
N ASN A 292 -17.32 -29.37 -17.19
CA ASN A 292 -18.14 -30.57 -17.47
C ASN A 292 -19.66 -30.32 -17.56
N LYS A 293 -20.15 -29.33 -16.76
CA LYS A 293 -21.58 -29.06 -16.66
C LYS A 293 -21.71 -27.54 -16.55
N PRO A 294 -21.77 -26.83 -17.69
CA PRO A 294 -21.40 -25.41 -17.63
C PRO A 294 -22.57 -24.52 -17.29
N THR A 295 -23.64 -25.09 -16.78
CA THR A 295 -24.65 -24.25 -16.11
C THR A 295 -24.47 -24.26 -14.58
N MET A 296 -23.46 -24.95 -14.11
CA MET A 296 -22.95 -24.73 -12.67
C MET A 296 -21.77 -23.86 -12.68
N LEU A 297 -21.73 -22.85 -11.80
CA LEU A 297 -20.65 -21.90 -11.69
C LEU A 297 -20.35 -21.69 -10.21
N PHE A 298 -19.15 -21.25 -9.89
CA PHE A 298 -18.72 -20.98 -8.54
C PHE A 298 -18.28 -19.54 -8.44
N ILE A 299 -18.57 -18.88 -7.29
CA ILE A 299 -17.98 -17.59 -6.96
C ILE A 299 -17.31 -17.74 -5.62
N GLY A 300 -16.12 -17.18 -5.49
CA GLY A 300 -15.38 -17.21 -4.22
C GLY A 300 -14.59 -18.47 -4.03
N VAL A 301 -14.29 -19.24 -5.10
CA VAL A 301 -13.30 -20.35 -4.96
C VAL A 301 -11.94 -19.78 -5.04
N SER A 302 -11.76 -18.83 -5.93
CA SER A 302 -10.55 -18.03 -5.84
C SER A 302 -10.46 -17.20 -4.56
N TYR A 303 -9.23 -16.90 -4.16
CA TYR A 303 -8.97 -16.05 -2.96
C TYR A 303 -7.59 -15.39 -2.98
N ASN A 304 -7.24 -14.70 -1.89
CA ASN A 304 -6.09 -13.85 -1.83
C ASN A 304 -6.03 -12.75 -2.87
N ALA A 305 -6.93 -11.79 -2.73
CA ALA A 305 -7.22 -10.76 -3.76
C ALA A 305 -7.95 -9.61 -3.08
N CYS A 306 -8.17 -8.53 -3.82
CA CYS A 306 -9.05 -7.44 -3.39
C CYS A 306 -10.48 -8.01 -3.54
N TYR A 307 -11.03 -8.59 -2.47
CA TYR A 307 -12.27 -9.38 -2.53
C TYR A 307 -13.49 -8.62 -3.06
N SER A 308 -13.59 -7.32 -2.70
CA SER A 308 -14.75 -6.56 -3.20
C SER A 308 -14.85 -6.63 -4.72
N ILE A 309 -13.72 -6.36 -5.37
CA ILE A 309 -13.64 -6.38 -6.87
C ILE A 309 -13.82 -7.81 -7.38
N MET A 310 -13.24 -8.78 -6.65
CA MET A 310 -13.32 -10.14 -7.15
C MET A 310 -14.83 -10.58 -7.16
N PHE A 311 -15.52 -10.36 -6.02
CA PHE A 311 -16.92 -10.83 -5.95
C PHE A 311 -17.73 -10.07 -7.00
N ASP A 312 -17.50 -8.74 -7.14
CA ASP A 312 -18.38 -7.91 -8.07
C ASP A 312 -18.17 -8.44 -9.51
N LEU A 313 -16.93 -8.69 -9.86
CA LEU A 313 -16.65 -9.13 -11.25
C LEU A 313 -17.01 -10.55 -11.51
N GLN A 314 -16.72 -11.48 -10.58
CA GLN A 314 -17.15 -12.82 -10.80
C GLN A 314 -18.65 -12.91 -10.95
N ALA A 315 -19.41 -12.16 -10.10
CA ALA A 315 -20.84 -12.20 -10.28
C ALA A 315 -21.37 -11.64 -11.60
N GLN A 316 -20.72 -10.59 -12.10
CA GLN A 316 -21.14 -10.09 -13.44
C GLN A 316 -20.69 -11.03 -14.54
N TRP A 317 -19.59 -11.75 -14.34
CA TRP A 317 -19.17 -12.78 -15.44
C TRP A 317 -20.06 -13.95 -15.44
N VAL A 318 -20.39 -14.53 -14.28
CA VAL A 318 -21.39 -15.57 -14.18
C VAL A 318 -22.72 -15.12 -14.83
N THR A 319 -23.19 -13.90 -14.51
CA THR A 319 -24.42 -13.44 -15.05
C THR A 319 -24.34 -13.35 -16.62
N ALA A 320 -23.20 -12.86 -17.10
CA ALA A 320 -22.99 -12.75 -18.59
C ALA A 320 -23.01 -14.09 -19.26
N VAL A 321 -22.36 -15.07 -18.66
CA VAL A 321 -22.32 -16.38 -19.25
C VAL A 321 -23.74 -16.98 -19.26
N LEU A 322 -24.47 -16.86 -18.16
CA LEU A 322 -25.76 -17.45 -18.06
C LEU A 322 -26.78 -16.70 -18.94
N ALA A 323 -26.53 -15.42 -19.21
CA ALA A 323 -27.48 -14.70 -20.05
C ALA A 323 -27.14 -14.79 -21.52
N GLY A 324 -26.10 -15.55 -21.89
CA GLY A 324 -25.64 -15.62 -23.31
C GLY A 324 -24.93 -14.38 -23.86
N ARG A 325 -24.46 -13.49 -22.99
CA ARG A 325 -23.79 -12.28 -23.43
C ARG A 325 -22.32 -12.51 -23.56
N CYS A 326 -21.82 -13.53 -22.88
CA CYS A 326 -20.38 -13.85 -22.95
C CYS A 326 -20.42 -15.21 -23.60
N THR A 327 -19.92 -15.38 -24.84
CA THR A 327 -19.82 -16.77 -25.40
C THR A 327 -18.42 -17.35 -25.15
N LEU A 328 -18.36 -18.47 -24.44
CA LEU A 328 -17.08 -19.02 -24.02
C LEU A 328 -16.42 -19.83 -25.11
N PRO A 329 -15.08 -20.07 -24.96
CA PRO A 329 -14.34 -21.03 -25.86
C PRO A 329 -14.89 -22.37 -25.70
N ASP A 330 -14.62 -23.26 -26.67
CA ASP A 330 -15.12 -24.57 -26.47
C ASP A 330 -14.38 -25.25 -25.27
N ALA A 331 -14.98 -26.33 -24.80
CA ALA A 331 -14.47 -27.03 -23.58
C ALA A 331 -13.04 -27.41 -23.78
N GLU A 332 -12.67 -27.91 -24.99
CA GLU A 332 -11.27 -28.25 -25.17
C GLU A 332 -10.35 -27.13 -24.89
N THR A 333 -10.69 -25.95 -25.41
CA THR A 333 -9.87 -24.77 -25.28
C THR A 333 -9.88 -24.32 -23.79
N MET A 334 -11.00 -24.39 -23.14
CA MET A 334 -11.00 -24.04 -21.71
C MET A 334 -10.12 -24.97 -20.90
N ARG A 335 -10.17 -26.27 -21.18
CA ARG A 335 -9.27 -27.18 -20.47
C ARG A 335 -7.77 -26.89 -20.70
N LYS A 336 -7.41 -26.57 -21.99
CA LYS A 336 -6.10 -26.13 -22.22
C LYS A 336 -5.65 -24.90 -21.54
N GLU A 337 -6.52 -23.86 -21.50
CA GLU A 337 -6.18 -22.68 -20.75
C GLU A 337 -6.10 -22.90 -19.26
N GLU A 338 -7.01 -23.73 -18.71
CA GLU A 338 -6.96 -24.06 -17.26
C GLU A 338 -5.59 -24.76 -16.96
N ALA A 339 -5.19 -25.66 -17.84
CA ALA A 339 -3.97 -26.45 -17.56
C ALA A 339 -2.74 -25.52 -17.66
N GLU A 340 -2.70 -24.61 -18.61
CA GLU A 340 -1.61 -23.62 -18.62
C GLU A 340 -1.57 -22.69 -17.43
N TYR A 341 -2.77 -22.24 -17.00
CA TYR A 341 -2.83 -21.39 -15.83
C TYR A 341 -2.30 -22.16 -14.59
N MET A 342 -2.67 -23.42 -14.46
CA MET A 342 -2.27 -24.18 -13.24
C MET A 342 -0.78 -24.54 -13.27
N GLU A 343 -0.23 -24.71 -14.49
CA GLU A 343 1.20 -24.84 -14.56
C GLU A 343 1.95 -23.56 -14.08
N LYS A 344 1.46 -22.37 -14.42
CA LYS A 344 2.00 -21.09 -13.96
C LYS A 344 1.83 -20.93 -12.45
N GLN A 345 0.75 -21.47 -11.91
CA GLN A 345 0.54 -21.41 -10.40
C GLN A 345 1.65 -22.18 -9.77
N ARG A 346 1.87 -23.42 -10.21
CA ARG A 346 2.98 -24.24 -9.67
C ARG A 346 4.35 -23.56 -9.86
N ALA A 347 4.60 -22.92 -10.99
CA ALA A 347 5.89 -22.23 -11.20
C ALA A 347 6.08 -21.08 -10.28
N GLU A 348 4.99 -20.47 -9.87
CA GLU A 348 5.08 -19.35 -8.97
C GLU A 348 4.92 -19.76 -7.51
N ALA A 349 4.76 -21.04 -7.28
CA ALA A 349 4.66 -21.65 -5.97
C ALA A 349 3.50 -21.04 -5.21
N VAL A 350 2.35 -20.85 -5.89
CA VAL A 350 1.12 -20.45 -5.13
C VAL A 350 0.09 -21.55 -5.27
N HIS A 351 -0.91 -21.60 -4.39
CA HIS A 351 -1.94 -22.61 -4.58
C HIS A 351 -2.81 -22.37 -5.85
N PRO A 352 -3.50 -23.41 -6.33
CA PRO A 352 -4.21 -23.29 -7.62
C PRO A 352 -5.13 -22.08 -7.81
N HIS A 353 -5.85 -21.72 -6.76
CA HIS A 353 -6.84 -20.65 -6.94
C HIS A 353 -6.45 -19.33 -6.30
N VAL A 354 -5.15 -19.16 -6.00
CA VAL A 354 -4.70 -17.95 -5.42
C VAL A 354 -4.45 -16.85 -6.50
N LEU A 355 -5.00 -15.63 -6.32
CA LEU A 355 -4.99 -14.63 -7.40
C LEU A 355 -3.97 -13.58 -7.21
N MET A 356 -3.33 -13.51 -6.03
CA MET A 356 -2.57 -12.31 -5.67
C MET A 356 -1.62 -11.80 -6.75
N ASN A 357 -0.83 -12.69 -7.36
CA ASN A 357 0.21 -12.21 -8.28
C ASN A 357 -0.26 -11.52 -9.56
N HIS A 358 -1.47 -11.84 -10.02
CA HIS A 358 -1.95 -11.38 -11.31
C HIS A 358 -3.39 -10.89 -11.22
N GLN A 359 -3.82 -10.47 -10.03
CA GLN A 359 -5.26 -10.17 -9.91
C GLN A 359 -5.75 -9.06 -10.81
N TRP A 360 -4.95 -8.02 -11.04
CA TRP A 360 -5.40 -6.90 -11.85
C TRP A 360 -5.58 -7.31 -13.31
N GLU A 361 -4.69 -8.22 -13.78
CA GLU A 361 -4.85 -8.70 -15.13
C GLU A 361 -6.04 -9.59 -15.23
N TYR A 362 -6.25 -10.39 -14.18
CA TYR A 362 -7.40 -11.31 -14.15
C TYR A 362 -8.74 -10.51 -14.19
N PHE A 363 -8.77 -9.44 -13.38
CA PHE A 363 -10.00 -8.61 -13.26
C PHE A 363 -10.19 -7.92 -14.62
N LYS A 364 -9.13 -7.49 -15.27
CA LYS A 364 -9.36 -6.82 -16.57
C LYS A 364 -9.94 -7.74 -17.62
N LYS A 365 -9.49 -9.00 -17.61
CA LYS A 365 -10.07 -10.02 -18.46
C LYS A 365 -11.55 -10.27 -18.13
N LEU A 366 -11.84 -10.32 -16.84
CA LEU A 366 -13.30 -10.52 -16.44
C LEU A 366 -14.14 -9.35 -16.87
N GLU A 367 -13.61 -8.13 -16.77
CA GLU A 367 -14.38 -6.93 -17.23
C GLU A 367 -14.62 -7.04 -18.72
N GLU A 368 -13.57 -7.44 -19.46
CA GLU A 368 -13.72 -7.50 -20.90
C GLU A 368 -14.76 -8.54 -21.30
N MET A 369 -14.71 -9.74 -20.68
CA MET A 369 -15.64 -10.79 -21.05
C MET A 369 -17.09 -10.49 -20.63
N SER A 370 -17.23 -9.96 -19.42
CA SER A 370 -18.54 -9.77 -18.80
C SER A 370 -19.29 -8.54 -19.20
N GLY A 371 -18.61 -7.54 -19.75
CA GLY A 371 -19.28 -6.23 -20.08
C GLY A 371 -19.40 -5.34 -18.86
N ALA A 372 -18.60 -5.58 -17.82
CA ALA A 372 -18.71 -4.77 -16.61
C ALA A 372 -17.98 -3.48 -16.81
N LYS A 373 -18.31 -2.50 -15.99
CA LYS A 373 -17.54 -1.28 -15.97
C LYS A 373 -16.11 -1.56 -15.47
N THR A 374 -15.15 -0.83 -16.04
CA THR A 374 -13.73 -0.83 -15.57
C THR A 374 -13.60 -0.39 -14.09
N MET A 375 -12.89 -1.17 -13.29
CA MET A 375 -12.58 -0.82 -11.88
C MET A 375 -11.87 0.53 -11.77
N PRO A 376 -12.25 1.40 -10.77
CA PRO A 376 -11.44 2.62 -10.40
C PRO A 376 -9.97 2.22 -10.10
N PRO A 377 -8.99 2.87 -10.78
CA PRO A 377 -7.61 2.52 -10.54
C PRO A 377 -7.21 2.76 -9.08
N VAL A 378 -7.88 3.66 -8.37
CA VAL A 378 -7.63 3.93 -6.93
C VAL A 378 -7.65 2.64 -6.10
N TYR A 379 -8.52 1.68 -6.46
CA TYR A 379 -8.54 0.37 -5.71
C TYR A 379 -7.19 -0.32 -5.79
N MET A 380 -6.59 -0.31 -6.99
CA MET A 380 -5.37 -1.03 -7.19
C MET A 380 -4.27 -0.27 -6.44
N LYS A 381 -4.30 1.06 -6.51
CA LYS A 381 -3.27 1.90 -5.85
C LYS A 381 -3.30 1.70 -4.35
N MET A 382 -4.49 1.80 -3.79
CA MET A 382 -4.63 1.67 -2.37
C MET A 382 -4.32 0.24 -1.92
N PHE A 383 -4.75 -0.74 -2.69
CA PHE A 383 -4.58 -2.15 -2.25
C PHE A 383 -3.07 -2.46 -2.19
N ASP A 384 -2.39 -2.01 -3.21
CA ASP A 384 -0.99 -2.30 -3.25
C ASP A 384 -0.25 -1.52 -2.13
N ASP A 385 -0.70 -0.33 -1.80
CA ASP A 385 -0.22 0.34 -0.61
C ASP A 385 -0.51 -0.25 0.78
N VAL A 386 -1.71 -0.73 1.06
CA VAL A 386 -1.97 -1.33 2.36
C VAL A 386 -1.20 -2.59 2.46
N ALA A 387 -0.99 -3.23 1.35
CA ALA A 387 -0.13 -4.38 1.32
C ALA A 387 1.27 -4.00 1.87
N SER A 388 1.72 -2.80 1.53
CA SER A 388 2.96 -2.24 2.05
C SER A 388 2.83 -1.98 3.57
N ASP A 389 1.66 -1.54 4.02
CA ASP A 389 1.43 -1.35 5.43
C ASP A 389 1.56 -2.67 6.17
N LEU A 390 1.09 -3.74 5.54
CA LEU A 390 1.18 -5.15 6.00
C LEU A 390 2.59 -5.67 6.20
N VAL A 391 3.46 -5.21 5.34
CA VAL A 391 4.87 -5.49 5.39
C VAL A 391 5.45 -4.74 6.57
N LYS A 392 4.58 -4.29 7.43
CA LYS A 392 5.16 -3.57 8.49
C LYS A 392 4.70 -3.86 9.85
N ASP A 393 3.40 -3.67 9.99
CA ASP A 393 2.87 -3.35 11.25
C ASP A 393 1.68 -3.93 12.01
N LEU A 394 1.63 -5.19 12.13
CA LEU A 394 0.57 -5.86 12.87
C LEU A 394 -0.02 -5.14 14.07
N GLN A 395 0.87 -4.56 14.86
CA GLN A 395 0.46 -3.77 15.97
C GLN A 395 -0.05 -2.41 15.57
N ASN A 396 0.38 -1.85 14.45
CA ASN A 396 0.06 -0.44 14.16
C ASN A 396 -0.75 0.00 12.91
N PHE A 397 -0.89 -0.88 11.96
CA PHE A 397 -1.50 -0.52 10.69
C PHE A 397 -2.94 0.00 10.76
N ARG A 398 -3.67 -0.46 11.73
CA ARG A 398 -5.08 -0.20 11.81
C ARG A 398 -5.38 1.21 12.32
N LYS A 399 -4.34 1.87 12.78
CA LYS A 399 -4.44 3.25 13.14
C LYS A 399 -4.55 4.19 11.95
N ASN A 400 -4.13 3.76 10.78
CA ASN A 400 -4.30 4.53 9.58
C ASN A 400 -5.73 4.66 9.05
N ASN A 401 -6.09 5.83 8.56
CA ASN A 401 -7.39 6.12 7.97
C ASN A 401 -7.22 6.63 6.53
N TYR A 402 -8.10 6.21 5.64
CA TYR A 402 -7.98 6.53 4.23
C TYR A 402 -9.24 7.17 3.71
N MET A 403 -9.09 7.99 2.66
CA MET A 403 -10.23 8.54 2.00
C MET A 403 -9.94 8.55 0.53
N ILE A 404 -10.91 8.13 -0.27
CA ILE A 404 -10.77 8.14 -1.72
C ILE A 404 -11.16 9.57 -2.14
N ILE A 405 -10.26 10.18 -2.90
CA ILE A 405 -10.47 11.52 -3.45
C ILE A 405 -11.22 11.42 -4.77
N ASP A 406 -10.83 10.49 -5.64
CA ASP A 406 -11.52 10.39 -6.91
C ASP A 406 -11.14 9.02 -7.45
N ASN A 407 -11.34 8.81 -8.75
CA ASN A 407 -11.23 7.52 -9.38
C ASN A 407 -9.82 6.98 -9.33
N GLU A 408 -8.85 7.89 -9.24
CA GLU A 408 -7.42 7.51 -9.31
C GLU A 408 -6.59 7.71 -8.02
N ASN A 409 -7.10 8.52 -7.10
CA ASN A 409 -6.32 9.03 -5.94
C ASN A 409 -6.95 8.85 -4.56
N TYR A 410 -6.11 8.67 -3.56
CA TYR A 410 -6.61 8.59 -2.20
C TYR A 410 -5.69 9.39 -1.28
N LYS A 411 -6.08 9.59 -0.05
CA LYS A 411 -5.10 10.07 0.85
C LYS A 411 -5.21 9.42 2.20
N LYS A 412 -4.06 9.31 2.86
CA LYS A 412 -3.89 8.65 4.14
C LYS A 412 -3.85 9.69 5.16
N ILE A 413 -4.48 9.40 6.28
CA ILE A 413 -4.33 10.13 7.54
C ILE A 413 -3.89 9.25 8.74
N TYR A 414 -2.76 9.63 9.32
CA TYR A 414 -2.20 9.04 10.57
C TYR A 414 -3.12 9.30 11.77
N MET B 1 -30.17 36.83 21.23
CA MET B 1 -30.79 35.56 20.73
C MET B 1 -30.26 35.14 19.35
N ARG B 2 -29.14 34.44 19.34
CA ARG B 2 -28.48 34.23 18.11
C ARG B 2 -28.19 32.73 18.04
N ARG B 3 -27.57 32.16 19.07
CA ARG B 3 -27.00 30.80 18.98
C ARG B 3 -27.88 29.80 19.73
N VAL B 4 -28.22 28.72 19.00
CA VAL B 4 -29.25 27.80 19.52
C VAL B 4 -28.69 26.39 19.38
N ALA B 5 -28.81 25.62 20.44
CA ALA B 5 -28.29 24.21 20.43
C ALA B 5 -29.54 23.39 20.23
N VAL B 6 -29.43 22.36 19.40
CA VAL B 6 -30.50 21.35 19.26
C VAL B 6 -29.88 20.02 19.69
N LEU B 7 -30.51 19.35 20.64
CA LEU B 7 -29.98 18.10 21.20
C LEU B 7 -30.69 16.95 20.54
N GLY B 8 -29.99 16.23 19.63
CA GLY B 8 -30.58 15.12 18.92
C GLY B 8 -30.88 15.47 17.47
N ALA B 9 -30.53 14.59 16.53
CA ALA B 9 -30.84 14.77 15.12
C ALA B 9 -31.75 13.65 14.60
N GLY B 10 -32.74 13.25 15.40
CA GLY B 10 -33.89 12.52 14.93
C GLY B 10 -34.88 13.48 14.23
N PRO B 11 -36.06 12.94 13.85
CA PRO B 11 -37.07 13.75 13.19
C PRO B 11 -37.32 15.12 13.97
N SER B 12 -37.36 15.10 15.32
CA SER B 12 -37.61 16.35 16.13
C SER B 12 -36.54 17.34 15.94
N GLY B 13 -35.29 16.88 16.08
CA GLY B 13 -34.17 17.79 15.96
C GLY B 13 -33.89 18.30 14.56
N LEU B 14 -34.13 17.43 13.58
CA LEU B 14 -33.94 17.85 12.17
C LEU B 14 -34.97 18.90 11.81
N THR B 15 -36.21 18.72 12.26
CA THR B 15 -37.26 19.67 11.94
C THR B 15 -36.97 21.00 12.67
N ALA B 16 -36.57 20.92 13.94
CA ALA B 16 -36.21 22.12 14.71
C ALA B 16 -35.08 22.85 13.88
N ALA B 17 -34.01 22.15 13.46
CA ALA B 17 -32.95 22.81 12.71
C ALA B 17 -33.43 23.50 11.43
N ARG B 18 -34.32 22.84 10.69
CA ARG B 18 -34.92 23.40 9.48
C ARG B 18 -35.45 24.84 9.81
N TYR B 19 -36.31 24.91 10.80
CA TYR B 19 -37.06 26.18 11.00
C TYR B 19 -36.16 27.17 11.75
N LEU B 20 -35.28 26.66 12.59
CA LEU B 20 -34.39 27.61 13.31
C LEU B 20 -33.46 28.27 12.31
N LYS B 21 -32.89 27.49 11.38
CA LYS B 21 -32.03 28.05 10.36
C LYS B 21 -32.76 29.07 9.50
N GLN B 22 -33.99 28.71 9.10
CA GLN B 22 -34.77 29.65 8.23
C GLN B 22 -35.08 30.96 9.01
N ALA B 23 -35.12 30.94 10.33
CA ALA B 23 -35.41 32.14 11.12
C ALA B 23 -34.13 32.97 11.37
N GLY B 24 -33.01 32.48 10.83
CA GLY B 24 -31.75 33.23 10.90
C GLY B 24 -30.88 32.93 12.10
N PHE B 25 -31.22 31.91 12.90
CA PHE B 25 -30.38 31.67 14.11
C PHE B 25 -29.16 30.91 13.69
N GLU B 26 -28.12 30.98 14.56
CA GLU B 26 -26.93 30.15 14.35
C GLU B 26 -27.18 28.80 15.11
N VAL B 27 -27.22 27.71 14.41
CA VAL B 27 -27.74 26.44 15.05
C VAL B 27 -26.61 25.44 15.08
N MET B 28 -26.45 24.73 16.20
CA MET B 28 -25.55 23.58 16.28
C MET B 28 -26.44 22.44 16.80
N VAL B 29 -26.39 21.33 16.11
CA VAL B 29 -27.16 20.10 16.42
C VAL B 29 -26.10 19.09 16.92
N PHE B 30 -26.36 18.52 18.10
CA PHE B 30 -25.48 17.44 18.63
C PHE B 30 -26.22 16.09 18.52
N GLU B 31 -25.52 15.11 17.98
CA GLU B 31 -26.15 13.79 17.84
C GLU B 31 -25.17 12.70 18.10
N ARG B 32 -25.53 11.76 18.99
CA ARG B 32 -24.53 10.75 19.39
C ARG B 32 -24.28 9.65 18.34
N TYR B 33 -25.19 9.43 17.41
CA TYR B 33 -25.07 8.39 16.39
C TYR B 33 -24.23 8.88 15.24
N HIS B 34 -23.83 7.95 14.32
CA HIS B 34 -22.95 8.40 13.25
C HIS B 34 -23.83 8.78 12.06
N HIS B 35 -25.18 8.71 12.19
CA HIS B 35 -26.11 8.98 11.09
C HIS B 35 -27.33 9.70 11.64
N VAL B 36 -27.90 10.60 10.87
CA VAL B 36 -29.13 11.36 11.33
C VAL B 36 -30.32 10.42 11.28
N GLY B 37 -31.47 10.82 11.85
CA GLY B 37 -32.66 10.11 11.69
C GLY B 37 -33.19 9.39 12.92
N GLY B 38 -32.47 9.45 13.99
CA GLY B 38 -33.04 9.03 15.30
C GLY B 38 -33.32 7.55 15.31
N THR B 39 -34.50 7.18 15.79
CA THR B 39 -34.94 5.81 16.01
C THR B 39 -35.04 5.06 14.73
N TRP B 40 -35.03 5.76 13.60
CA TRP B 40 -35.12 5.07 12.25
C TRP B 40 -33.81 4.40 11.92
N ASN B 41 -32.78 4.65 12.67
CA ASN B 41 -31.48 3.91 12.48
C ASN B 41 -31.66 2.54 13.20
N TYR B 42 -31.31 1.47 12.50
CA TYR B 42 -31.29 0.14 13.10
C TYR B 42 -29.88 -0.24 13.47
N THR B 43 -29.73 -0.75 14.69
CA THR B 43 -28.44 -1.23 15.13
C THR B 43 -28.60 -2.53 15.88
N ASP B 44 -27.64 -3.50 15.69
CA ASP B 44 -27.76 -4.73 16.48
C ASP B 44 -27.46 -4.49 17.94
N GLU B 45 -26.80 -3.38 18.29
CA GLU B 45 -26.41 -3.07 19.71
C GLU B 45 -27.71 -2.78 20.47
N THR B 46 -27.65 -3.12 21.76
CA THR B 46 -28.78 -2.82 22.65
C THR B 46 -28.14 -2.32 23.95
N TRP B 47 -28.91 -1.45 24.65
CA TRP B 47 -28.57 -0.89 25.98
C TRP B 47 -27.38 0.07 25.99
N MET B 48 -26.14 -0.45 25.76
CA MET B 48 -24.98 0.37 25.80
C MET B 48 -24.17 0.01 24.61
N SER B 49 -23.60 0.99 23.97
CA SER B 49 -22.81 0.70 22.76
C SER B 49 -21.36 0.47 23.19
N GLU B 50 -20.64 -0.22 22.30
CA GLU B 50 -19.16 -0.40 22.56
C GLU B 50 -18.44 0.91 22.61
N ASP B 51 -19.07 1.99 22.13
CA ASP B 51 -18.43 3.29 22.24
C ASP B 51 -18.57 3.97 23.60
N GLY B 52 -19.26 3.31 24.58
CA GLY B 52 -19.23 3.83 25.92
C GLY B 52 -20.45 4.61 26.36
N ARG B 53 -21.36 4.78 25.45
CA ARG B 53 -22.60 5.55 25.80
C ARG B 53 -23.82 4.71 25.42
N PRO B 54 -25.02 5.09 25.92
CA PRO B 54 -26.18 4.25 25.68
C PRO B 54 -26.62 4.11 24.21
N VAL B 55 -27.39 3.07 23.98
CA VAL B 55 -27.96 2.91 22.69
C VAL B 55 -29.37 3.51 22.81
N TYR B 56 -29.72 4.49 21.96
CA TYR B 56 -31.07 5.11 22.09
C TYR B 56 -32.11 4.55 21.14
N SER B 57 -31.69 3.81 20.12
CA SER B 57 -32.63 3.29 19.14
C SER B 57 -33.24 2.01 19.65
N SER B 58 -34.56 1.90 19.49
CA SER B 58 -35.29 0.69 19.79
C SER B 58 -35.85 0.05 18.48
N MET B 59 -35.28 0.40 17.31
CA MET B 59 -35.73 -0.19 16.05
C MET B 59 -35.34 -1.66 15.98
N TYR B 60 -36.23 -2.43 15.38
CA TYR B 60 -35.94 -3.87 15.14
C TYR B 60 -35.84 -4.21 13.67
N GLN B 61 -35.40 -5.44 13.38
CA GLN B 61 -35.34 -5.95 12.02
C GLN B 61 -36.64 -6.13 11.35
N ASN B 62 -36.66 -5.85 10.00
CA ASN B 62 -37.84 -6.14 9.20
C ASN B 62 -39.08 -5.45 9.68
N LEU B 63 -38.85 -4.23 10.16
CA LEU B 63 -39.98 -3.38 10.60
C LEU B 63 -40.61 -2.63 9.41
N PHE B 64 -41.94 -2.61 9.38
CA PHE B 64 -42.62 -1.77 8.42
C PHE B 64 -43.43 -0.73 9.17
N VAL B 65 -43.64 0.43 8.55
CA VAL B 65 -44.39 1.48 9.28
C VAL B 65 -45.81 1.04 9.59
N ASN B 66 -46.34 1.62 10.68
CA ASN B 66 -47.73 1.44 11.04
C ASN B 66 -48.68 2.54 10.69
N LEU B 67 -48.23 3.45 9.85
CA LEU B 67 -49.03 4.54 9.33
C LEU B 67 -48.58 4.71 7.91
N PRO B 68 -49.50 5.03 7.01
CA PRO B 68 -49.01 5.12 5.62
C PRO B 68 -48.03 6.28 5.39
N LYS B 69 -47.12 6.09 4.39
CA LYS B 69 -46.05 7.08 4.16
C LYS B 69 -46.68 8.45 3.87
N GLU B 70 -47.88 8.49 3.27
CA GLU B 70 -48.55 9.80 2.98
C GLU B 70 -48.76 10.68 4.24
N LEU B 71 -48.97 10.01 5.34
CA LEU B 71 -49.15 10.69 6.63
C LEU B 71 -47.84 10.89 7.37
N MET B 72 -46.76 10.18 6.99
CA MET B 72 -45.47 10.34 7.68
C MET B 72 -44.67 11.48 7.06
N ALA B 73 -44.99 11.84 5.82
CA ALA B 73 -44.31 12.97 5.23
C ALA B 73 -44.82 14.32 5.81
N PHE B 74 -43.91 15.30 5.84
CA PHE B 74 -44.39 16.71 6.12
C PHE B 74 -45.18 17.17 4.93
N PRO B 75 -46.17 18.03 5.17
CA PRO B 75 -47.02 18.50 4.07
C PRO B 75 -46.22 19.12 2.93
N ASP B 76 -45.09 19.81 3.17
CA ASP B 76 -44.33 20.39 2.06
C ASP B 76 -43.03 19.71 1.67
N PHE B 77 -42.88 18.44 2.09
CA PHE B 77 -41.76 17.67 1.65
C PHE B 77 -42.23 16.24 1.38
N PRO B 78 -42.61 15.95 0.15
CA PRO B 78 -43.26 14.63 -0.02
C PRO B 78 -42.24 13.52 0.05
N PHE B 79 -42.76 12.33 0.29
CA PHE B 79 -41.95 11.16 0.25
C PHE B 79 -41.38 10.88 -1.17
N HIS B 80 -40.17 10.33 -1.25
CA HIS B 80 -39.65 9.94 -2.54
C HIS B 80 -40.55 8.88 -3.14
N ASP B 81 -40.37 8.64 -4.44
CA ASP B 81 -41.23 7.71 -5.12
C ASP B 81 -40.84 6.33 -4.71
N ILE B 82 -41.85 5.59 -4.22
CA ILE B 82 -41.61 4.20 -3.77
C ILE B 82 -42.95 3.49 -3.94
N GLU B 83 -42.94 2.24 -4.31
CA GLU B 83 -44.20 1.54 -4.49
C GLU B 83 -44.69 1.11 -3.09
N GLY B 84 -45.97 1.35 -2.79
CA GLY B 84 -46.59 0.94 -1.52
C GLY B 84 -46.64 2.07 -0.49
N SER B 85 -47.69 2.06 0.34
CA SER B 85 -47.84 3.05 1.43
C SER B 85 -47.13 2.64 2.70
N TYR B 86 -47.22 1.34 3.04
CA TYR B 86 -46.61 0.91 4.33
C TYR B 86 -45.20 0.41 4.12
N VAL B 87 -44.26 1.37 4.10
CA VAL B 87 -42.91 1.16 3.68
C VAL B 87 -42.06 0.50 4.76
N PRO B 88 -40.98 -0.20 4.36
CA PRO B 88 -39.98 -0.60 5.34
C PRO B 88 -39.27 0.56 6.01
N SER B 89 -38.79 0.30 7.20
CA SER B 89 -38.16 1.37 7.99
C SER B 89 -37.03 2.10 7.25
N LYS B 90 -36.29 1.38 6.39
CA LYS B 90 -35.16 2.02 5.74
C LYS B 90 -35.61 3.15 4.83
N GLU B 91 -36.83 3.11 4.37
CA GLU B 91 -37.32 4.22 3.49
C GLU B 91 -37.56 5.46 4.30
N VAL B 92 -37.97 5.29 5.56
CA VAL B 92 -38.15 6.46 6.39
C VAL B 92 -36.84 7.02 6.75
N LEU B 93 -35.86 6.15 7.04
CA LEU B 93 -34.53 6.65 7.26
C LEU B 93 -34.00 7.53 6.08
N LYS B 94 -34.21 7.00 4.87
CA LYS B 94 -33.86 7.68 3.62
C LYS B 94 -34.60 8.99 3.51
N TYR B 95 -35.89 9.00 3.87
CA TYR B 95 -36.67 10.27 3.87
C TYR B 95 -35.96 11.32 4.73
N PHE B 96 -35.57 10.97 5.97
CA PHE B 96 -34.87 11.98 6.82
C PHE B 96 -33.49 12.35 6.33
N ASP B 97 -32.75 11.43 5.72
CA ASP B 97 -31.45 11.84 5.11
C ASP B 97 -31.72 12.81 3.97
N ASN B 98 -32.75 12.57 3.20
CA ASN B 98 -33.04 13.44 2.09
C ASN B 98 -33.52 14.79 2.57
N PHE B 99 -34.35 14.80 3.60
CA PHE B 99 -34.78 16.09 4.24
C PHE B 99 -33.54 16.89 4.70
N THR B 100 -32.59 16.20 5.32
CA THR B 100 -31.38 16.83 5.89
C THR B 100 -30.64 17.52 4.73
N ASP B 101 -30.54 16.82 3.62
CA ASP B 101 -29.77 17.44 2.49
C ASP B 101 -30.57 18.49 1.78
N ALA B 102 -31.88 18.35 1.72
CA ALA B 102 -32.73 19.32 0.99
C ALA B 102 -32.68 20.70 1.61
N PHE B 103 -32.57 20.71 2.94
CA PHE B 103 -32.53 21.94 3.69
C PHE B 103 -31.17 22.36 4.21
N ASP B 104 -30.12 21.72 3.67
CA ASP B 104 -28.75 22.14 3.92
C ASP B 104 -28.46 22.13 5.44
N LEU B 105 -28.94 21.04 6.10
CA LEU B 105 -28.77 20.93 7.52
C LEU B 105 -27.54 20.16 7.96
N ARG B 106 -26.99 19.40 7.01
CA ARG B 106 -25.90 18.46 7.36
C ARG B 106 -24.70 19.20 7.97
N LYS B 107 -24.37 20.38 7.47
CA LYS B 107 -23.33 21.20 8.01
C LYS B 107 -23.51 21.71 9.41
N LEU B 108 -24.73 21.63 9.95
CA LEU B 108 -24.98 22.11 11.29
C LEU B 108 -24.82 20.99 12.33
N ILE B 109 -24.69 19.77 11.85
CA ILE B 109 -24.82 18.57 12.76
C ILE B 109 -23.47 18.03 13.21
N LYS B 110 -23.22 17.91 14.52
CA LYS B 110 -21.99 17.24 15.00
C LYS B 110 -22.34 15.84 15.36
N LEU B 111 -21.99 14.87 14.53
CA LEU B 111 -22.30 13.49 14.78
C LEU B 111 -21.28 12.84 15.71
N GLN B 112 -21.67 11.67 16.26
CA GLN B 112 -20.88 11.03 17.29
C GLN B 112 -20.48 12.02 18.38
N HIS B 113 -21.38 12.90 18.79
CA HIS B 113 -21.13 13.77 19.91
C HIS B 113 -22.24 13.52 20.93
N HIS B 114 -21.86 13.14 22.17
CA HIS B 114 -22.90 12.69 23.15
C HIS B 114 -23.02 13.81 24.20
N VAL B 115 -24.26 14.32 24.36
CA VAL B 115 -24.47 15.41 25.32
C VAL B 115 -24.50 14.87 26.73
N GLU B 116 -23.62 15.42 27.59
CA GLU B 116 -23.43 14.94 29.00
C GLU B 116 -24.09 15.87 30.00
N ASN B 117 -24.06 17.16 29.76
CA ASN B 117 -24.64 18.03 30.73
C ASN B 117 -25.14 19.35 30.09
N VAL B 118 -26.20 19.85 30.65
CA VAL B 118 -26.74 21.15 30.23
C VAL B 118 -27.05 21.90 31.54
N ARG B 119 -26.65 23.16 31.62
CA ARG B 119 -26.86 23.92 32.82
C ARG B 119 -26.92 25.42 32.42
N PRO B 120 -27.76 26.17 33.11
CA PRO B 120 -27.90 27.62 32.78
C PRO B 120 -26.68 28.46 33.14
N CYS B 121 -26.57 29.59 32.43
CA CYS B 121 -25.54 30.60 32.62
C CYS B 121 -26.26 31.92 32.68
N GLU B 122 -25.80 32.83 33.54
CA GLU B 122 -26.51 34.08 33.87
C GLU B 122 -27.30 34.56 32.68
N SER B 123 -26.65 34.51 31.52
CA SER B 123 -27.26 34.89 30.27
C SER B 123 -28.03 33.70 29.67
N GLY B 124 -27.31 32.66 29.24
CA GLY B 124 -27.94 31.57 28.50
C GLY B 124 -27.64 30.19 29.10
N TRP B 125 -26.89 29.37 28.35
CA TRP B 125 -26.71 27.90 28.65
C TRP B 125 -25.31 27.39 28.36
N LEU B 126 -24.82 26.43 29.15
CA LEU B 126 -23.62 25.74 28.80
C LEU B 126 -23.99 24.27 28.56
N VAL B 127 -23.53 23.77 27.41
CA VAL B 127 -23.75 22.35 27.01
C VAL B 127 -22.40 21.64 26.94
N THR B 128 -22.28 20.57 27.73
CA THR B 128 -21.06 19.77 27.80
C THR B 128 -21.28 18.50 26.97
N VAL B 129 -20.39 18.23 26.02
CA VAL B 129 -20.57 17.15 25.07
C VAL B 129 -19.27 16.34 24.92
N THR B 130 -19.37 15.02 24.84
CA THR B 130 -18.13 14.26 24.48
C THR B 130 -18.09 13.98 23.01
N ASP B 131 -16.94 14.22 22.36
CA ASP B 131 -16.78 13.79 21.02
C ASP B 131 -16.36 12.32 21.10
N LEU B 132 -17.20 11.38 20.65
CA LEU B 132 -16.90 9.96 20.88
C LEU B 132 -15.72 9.42 20.05
N THR B 133 -15.27 10.21 19.07
CA THR B 133 -14.13 9.73 18.24
C THR B 133 -12.81 9.95 19.02
N THR B 134 -12.83 10.85 19.97
CA THR B 134 -11.63 11.16 20.75
C THR B 134 -11.78 10.95 22.19
N MET B 135 -13.01 10.69 22.65
CA MET B 135 -13.37 10.70 24.03
C MET B 135 -13.09 11.98 24.83
N VAL B 136 -12.85 13.08 24.16
CA VAL B 136 -12.61 14.31 24.83
C VAL B 136 -13.93 15.07 24.99
N GLU B 137 -14.14 15.58 26.21
CA GLU B 137 -15.23 16.48 26.53
C GLU B 137 -14.88 17.89 26.11
N HIS B 138 -15.91 18.61 25.64
CA HIS B 138 -15.84 20.06 25.29
C HIS B 138 -17.13 20.68 25.74
N SER B 139 -17.11 21.97 26.02
CA SER B 139 -18.33 22.73 26.38
C SER B 139 -18.56 23.84 25.38
N PHE B 140 -19.84 24.21 25.21
CA PHE B 140 -20.23 25.15 24.21
C PHE B 140 -21.25 26.05 24.86
N GLU B 141 -21.22 27.35 24.53
CA GLU B 141 -22.18 28.32 25.10
C GLU B 141 -23.29 28.68 24.10
N PHE B 142 -24.53 28.74 24.60
CA PHE B 142 -25.68 29.05 23.76
C PHE B 142 -26.62 30.04 24.39
N ASP B 143 -27.39 30.74 23.55
CA ASP B 143 -28.49 31.55 23.98
C ASP B 143 -29.74 30.75 24.25
N ALA B 144 -29.90 29.56 23.61
CA ALA B 144 -31.12 28.81 23.84
C ALA B 144 -30.80 27.32 23.56
N VAL B 145 -31.57 26.44 24.18
CA VAL B 145 -31.34 24.97 23.91
C VAL B 145 -32.67 24.34 23.55
N VAL B 146 -32.73 23.52 22.48
CA VAL B 146 -33.98 22.83 22.15
C VAL B 146 -33.71 21.36 22.31
N VAL B 147 -34.47 20.72 23.19
CA VAL B 147 -34.14 19.30 23.64
C VAL B 147 -34.97 18.36 22.78
N CYS B 148 -34.31 17.48 22.01
CA CYS B 148 -35.02 16.64 21.03
C CYS B 148 -34.46 15.21 21.13
N THR B 149 -34.30 14.70 22.34
CA THR B 149 -33.56 13.42 22.52
C THR B 149 -34.47 12.19 22.63
N GLY B 150 -35.77 12.35 22.46
CA GLY B 150 -36.64 11.13 22.28
C GLY B 150 -37.17 10.62 23.62
N GLN B 151 -38.11 9.70 23.52
CA GLN B 151 -38.68 9.10 24.73
C GLN B 151 -38.98 7.64 24.47
N THR B 152 -38.13 7.00 23.64
CA THR B 152 -38.42 5.56 23.42
C THR B 152 -37.14 4.75 23.66
N TRP B 153 -36.43 5.07 24.70
CA TRP B 153 -35.20 4.31 25.01
C TRP B 153 -35.03 3.88 26.45
N CYS B 154 -35.69 4.61 27.40
CA CYS B 154 -35.51 4.27 28.79
C CYS B 154 -36.76 3.50 29.19
N PRO B 155 -36.66 2.21 29.52
CA PRO B 155 -37.87 1.37 29.58
C PRO B 155 -38.71 1.63 30.85
N LEU B 156 -40.00 1.34 30.74
CA LEU B 156 -40.89 1.33 31.89
C LEU B 156 -41.30 -0.10 32.11
N TYR B 157 -41.19 -0.54 33.36
CA TYR B 157 -41.61 -1.91 33.72
C TYR B 157 -42.77 -1.79 34.72
N PRO B 158 -43.81 -2.56 34.54
CA PRO B 158 -44.88 -2.47 35.58
C PRO B 158 -44.36 -3.17 36.85
N ASP B 159 -44.87 -2.83 38.04
CA ASP B 159 -44.42 -3.55 39.27
C ASP B 159 -45.33 -4.77 39.31
N VAL B 160 -44.79 -5.94 39.54
CA VAL B 160 -45.71 -7.10 39.52
C VAL B 160 -45.26 -7.93 40.71
N GLU B 161 -46.22 -8.42 41.48
CA GLU B 161 -45.89 -9.21 42.67
C GLU B 161 -45.05 -10.43 42.20
N GLY B 162 -43.97 -10.70 42.91
CA GLY B 162 -43.16 -11.89 42.69
C GLY B 162 -42.22 -11.77 41.50
N ARG B 163 -42.10 -10.57 40.92
CA ARG B 163 -41.20 -10.48 39.78
C ARG B 163 -39.77 -10.91 40.04
N SER B 164 -39.20 -10.69 41.23
CA SER B 164 -37.83 -11.12 41.42
C SER B 164 -37.70 -12.66 41.62
N PHE B 165 -38.82 -13.39 41.65
CA PHE B 165 -38.80 -14.86 41.62
C PHE B 165 -38.69 -15.42 40.23
N PHE B 166 -39.07 -14.66 39.21
CA PHE B 166 -39.09 -15.26 37.85
C PHE B 166 -37.66 -15.61 37.34
N ARG B 167 -37.37 -16.86 36.84
CA ARG B 167 -36.05 -17.31 36.44
C ARG B 167 -35.94 -17.52 34.97
N GLY B 168 -37.04 -17.25 34.25
CA GLY B 168 -36.90 -17.34 32.74
C GLY B 168 -36.20 -16.07 32.21
N ARG B 169 -36.23 -15.88 30.91
CA ARG B 169 -35.52 -14.73 30.28
C ARG B 169 -36.52 -13.62 30.27
N LEU B 170 -36.12 -12.45 30.74
CA LEU B 170 -37.05 -11.37 30.81
C LEU B 170 -36.40 -10.23 30.08
N THR B 171 -37.12 -9.67 29.10
CA THR B 171 -36.55 -8.60 28.28
C THR B 171 -37.64 -7.52 28.07
N HIS B 172 -37.18 -6.36 27.59
CA HIS B 172 -38.10 -5.28 27.29
C HIS B 172 -38.11 -5.02 25.80
N ALA B 173 -39.16 -4.38 25.31
CA ALA B 173 -39.25 -4.01 23.89
C ALA B 173 -38.02 -3.21 23.41
N HIS B 174 -37.38 -2.40 24.22
CA HIS B 174 -36.09 -1.68 23.83
C HIS B 174 -35.13 -2.58 23.12
N GLU B 175 -34.90 -3.78 23.68
CA GLU B 175 -33.81 -4.61 23.16
C GLU B 175 -34.29 -5.63 22.15
N PHE B 176 -35.59 -5.62 21.79
CA PHE B 176 -36.08 -6.53 20.70
C PHE B 176 -35.39 -6.17 19.40
N ARG B 177 -34.76 -7.16 18.76
CA ARG B 177 -34.10 -6.88 17.47
C ARG B 177 -34.46 -7.87 16.41
N SER B 178 -34.74 -9.11 16.82
CA SER B 178 -35.09 -10.19 15.92
C SER B 178 -36.04 -11.12 16.70
N PRO B 179 -36.96 -11.84 16.05
CA PRO B 179 -37.69 -12.89 16.75
C PRO B 179 -36.84 -14.11 17.07
N GLU B 180 -35.66 -14.24 16.47
CA GLU B 180 -34.93 -15.49 16.59
C GLU B 180 -34.76 -16.10 18.01
N PRO B 181 -34.44 -15.30 19.06
CA PRO B 181 -34.28 -15.86 20.42
C PRO B 181 -35.53 -16.47 20.95
N PHE B 182 -36.66 -16.13 20.35
CA PHE B 182 -38.02 -16.65 20.81
C PHE B 182 -38.44 -17.95 20.10
N ARG B 183 -37.58 -18.47 19.22
CA ARG B 183 -37.99 -19.65 18.43
C ARG B 183 -38.25 -20.83 19.36
N ASN B 184 -39.40 -21.43 19.16
CA ASN B 184 -39.84 -22.65 19.90
C ASN B 184 -40.06 -22.35 21.38
N LYS B 185 -40.22 -21.06 21.76
CA LYS B 185 -40.38 -20.75 23.19
C LYS B 185 -41.84 -20.45 23.50
N ARG B 186 -42.22 -20.56 24.79
CA ARG B 186 -43.57 -20.14 25.25
C ARG B 186 -43.31 -18.71 25.82
N VAL B 187 -43.98 -17.70 25.23
CA VAL B 187 -43.64 -16.25 25.49
C VAL B 187 -44.86 -15.56 26.01
N LEU B 188 -44.67 -14.82 27.08
CA LEU B 188 -45.71 -13.91 27.59
C LEU B 188 -45.28 -12.49 27.16
N ILE B 189 -46.17 -11.78 26.43
CA ILE B 189 -45.87 -10.35 26.09
C ILE B 189 -46.81 -9.56 26.99
N VAL B 190 -46.25 -8.67 27.79
CA VAL B 190 -47.11 -7.81 28.67
C VAL B 190 -47.24 -6.45 27.98
N GLY B 191 -48.46 -6.04 27.74
CA GLY B 191 -48.72 -4.73 27.08
C GLY B 191 -49.16 -4.94 25.67
N ALA B 192 -50.27 -4.31 25.30
CA ALA B 192 -50.99 -4.59 24.07
C ALA B 192 -51.15 -3.27 23.28
N GLY B 193 -50.12 -2.43 23.43
CA GLY B 193 -49.95 -1.23 22.64
C GLY B 193 -49.43 -1.59 21.26
N PRO B 194 -48.85 -0.63 20.56
CA PRO B 194 -48.41 -0.96 19.18
C PRO B 194 -47.22 -1.90 19.16
N SER B 195 -46.29 -1.74 20.13
CA SER B 195 -45.17 -2.68 20.23
C SER B 195 -45.68 -4.07 20.48
N GLY B 196 -46.54 -4.17 21.51
CA GLY B 196 -47.19 -5.47 21.86
C GLY B 196 -47.83 -6.18 20.64
N HIS B 197 -48.67 -5.49 19.88
CA HIS B 197 -49.28 -6.09 18.68
C HIS B 197 -48.25 -6.50 17.61
N ASP B 198 -47.36 -5.59 17.19
CA ASP B 198 -46.42 -5.97 16.14
C ASP B 198 -45.40 -7.02 16.59
N MET B 199 -44.91 -6.91 17.84
CA MET B 199 -43.98 -7.92 18.35
C MET B 199 -44.65 -9.28 18.48
N ALA B 200 -45.94 -9.29 18.87
CA ALA B 200 -46.62 -10.57 19.01
C ALA B 200 -46.79 -11.23 17.63
N LEU B 201 -47.06 -10.40 16.62
CA LEU B 201 -47.10 -10.92 15.25
C LEU B 201 -45.75 -11.46 14.80
N HIS B 202 -44.66 -10.68 14.94
CA HIS B 202 -43.31 -11.14 14.55
C HIS B 202 -42.93 -12.45 15.29
N ILE B 203 -43.23 -12.50 16.61
CA ILE B 203 -42.78 -13.64 17.45
C ILE B 203 -43.66 -14.87 17.13
N SER B 204 -44.91 -14.61 16.78
CA SER B 204 -45.89 -15.74 16.52
C SER B 204 -45.38 -16.68 15.40
N TYR B 205 -44.61 -16.15 14.46
CA TYR B 205 -44.19 -16.96 13.32
C TYR B 205 -43.08 -17.93 13.74
N VAL B 206 -42.44 -17.72 14.90
CA VAL B 206 -41.31 -18.55 15.32
C VAL B 206 -41.54 -19.34 16.62
N SER B 207 -42.50 -18.91 17.42
CA SER B 207 -42.56 -19.45 18.76
C SER B 207 -43.54 -20.60 18.84
N LYS B 208 -43.51 -21.30 19.97
CA LYS B 208 -44.59 -22.23 20.23
C LYS B 208 -45.96 -21.56 20.51
N GLU B 209 -45.97 -20.68 21.50
CA GLU B 209 -47.19 -20.19 21.97
C GLU B 209 -46.85 -18.84 22.57
N VAL B 210 -47.70 -17.87 22.25
CA VAL B 210 -47.55 -16.50 22.71
C VAL B 210 -48.78 -16.19 23.52
N PHE B 211 -48.58 -15.58 24.66
CA PHE B 211 -49.69 -15.13 25.44
C PHE B 211 -49.57 -13.60 25.54
N LEU B 212 -50.66 -12.91 25.26
CA LEU B 212 -50.65 -11.45 25.28
C LEU B 212 -51.52 -10.93 26.40
N SER B 213 -50.89 -10.33 27.42
CA SER B 213 -51.54 -9.83 28.62
C SER B 213 -51.76 -8.30 28.58
N ARG B 214 -53.01 -7.89 28.68
CA ARG B 214 -53.37 -6.49 28.71
C ARG B 214 -53.91 -6.11 30.10
N LYS B 215 -53.81 -4.83 30.46
CA LYS B 215 -54.49 -4.24 31.63
C LYS B 215 -56.00 -4.35 31.37
N LEU B 223 -57.79 -11.17 16.60
CA LEU B 223 -57.44 -11.01 15.17
C LEU B 223 -55.97 -11.45 14.92
N PHE B 224 -55.48 -12.22 15.87
CA PHE B 224 -54.13 -12.72 15.85
C PHE B 224 -54.04 -14.12 15.26
N PRO B 225 -52.81 -14.56 14.89
CA PRO B 225 -52.59 -15.98 14.55
C PRO B 225 -53.05 -16.96 15.62
N ASP B 226 -53.31 -18.21 15.24
CA ASP B 226 -53.87 -19.20 16.16
C ASP B 226 -53.00 -19.42 17.39
N ASN B 227 -51.68 -19.22 17.29
CA ASN B 227 -50.86 -19.55 18.44
C ASN B 227 -50.68 -18.31 19.36
N VAL B 228 -51.54 -17.30 19.23
CA VAL B 228 -51.56 -16.14 20.18
C VAL B 228 -52.82 -16.21 21.02
N THR B 229 -52.63 -16.26 22.33
CA THR B 229 -53.75 -16.26 23.28
C THR B 229 -53.76 -15.00 24.08
N GLU B 230 -54.92 -14.34 24.16
CA GLU B 230 -55.12 -13.19 25.03
C GLU B 230 -55.32 -13.54 26.51
N LYS B 231 -54.69 -12.79 27.38
CA LYS B 231 -54.83 -12.95 28.82
C LYS B 231 -55.15 -11.62 29.46
N PRO B 232 -55.79 -11.64 30.65
CA PRO B 232 -56.09 -10.40 31.37
C PRO B 232 -54.80 -9.95 32.12
N LEU B 233 -54.95 -9.02 33.08
CA LEU B 233 -53.87 -8.44 33.83
C LEU B 233 -52.97 -9.52 34.48
N LEU B 234 -51.68 -9.34 34.30
CA LEU B 234 -50.64 -10.17 35.02
C LEU B 234 -50.64 -9.75 36.50
N THR B 235 -50.97 -10.65 37.40
CA THR B 235 -50.98 -10.33 38.83
C THR B 235 -49.81 -10.84 39.65
N SER B 236 -49.09 -11.92 39.24
CA SER B 236 -47.90 -12.32 39.99
C SER B 236 -47.07 -13.23 39.08
N LEU B 237 -45.79 -13.31 39.42
CA LEU B 237 -44.87 -14.24 38.73
C LEU B 237 -44.31 -15.18 39.78
N SER B 238 -44.01 -16.38 39.35
CA SER B 238 -43.22 -17.34 40.17
C SER B 238 -42.03 -17.80 39.30
N GLU B 239 -41.31 -18.88 39.65
CA GLU B 239 -40.09 -19.19 38.95
C GLU B 239 -40.19 -19.34 37.45
N TYR B 240 -41.23 -20.00 37.00
CA TYR B 240 -41.36 -20.20 35.54
C TYR B 240 -42.78 -20.10 35.13
N THR B 241 -43.60 -19.41 35.92
CA THR B 241 -45.04 -19.38 35.67
C THR B 241 -45.60 -17.95 35.85
N ALA B 242 -46.49 -17.58 34.95
CA ALA B 242 -47.25 -16.29 35.05
C ALA B 242 -48.66 -16.59 35.51
N HIS B 243 -49.17 -15.71 36.42
CA HIS B 243 -50.47 -15.89 37.07
C HIS B 243 -51.31 -14.62 36.75
N PHE B 244 -52.56 -14.81 36.45
CA PHE B 244 -53.39 -13.73 35.98
C PHE B 244 -54.57 -13.40 36.89
N SER B 245 -55.22 -12.27 36.62
CA SER B 245 -56.20 -11.76 37.64
C SER B 245 -57.36 -12.70 37.71
N ASP B 246 -57.43 -13.63 36.76
CA ASP B 246 -58.57 -14.53 36.69
C ASP B 246 -58.31 -15.83 37.45
N GLY B 247 -57.18 -15.91 38.13
CA GLY B 247 -56.73 -17.14 38.74
C GLY B 247 -56.18 -18.20 37.79
N THR B 248 -56.10 -17.92 36.50
CA THR B 248 -55.38 -18.84 35.52
C THR B 248 -53.86 -18.61 35.61
N SER B 249 -53.10 -19.61 35.16
CA SER B 249 -51.68 -19.46 35.09
C SER B 249 -51.19 -20.18 33.87
N THR B 250 -49.99 -19.80 33.47
CA THR B 250 -49.39 -20.35 32.26
C THR B 250 -47.88 -20.47 32.54
N ASP B 251 -47.25 -21.63 32.24
CA ASP B 251 -45.79 -21.68 32.32
C ASP B 251 -45.20 -21.04 31.03
N VAL B 252 -44.21 -20.20 31.23
CA VAL B 252 -43.55 -19.51 30.13
C VAL B 252 -42.03 -19.55 30.28
N ASP B 253 -41.36 -19.52 29.13
CA ASP B 253 -39.92 -19.49 29.04
C ASP B 253 -39.36 -18.03 29.04
N GLU B 254 -40.17 -17.11 28.50
CA GLU B 254 -39.68 -15.78 28.18
C GLU B 254 -40.80 -14.81 28.51
N ILE B 255 -40.43 -13.66 29.07
CA ILE B 255 -41.42 -12.61 29.24
C ILE B 255 -40.84 -11.38 28.53
N LEU B 256 -41.65 -10.76 27.68
CA LEU B 256 -41.19 -9.57 26.93
C LEU B 256 -42.12 -8.44 27.38
N TYR B 257 -41.56 -7.40 27.96
CA TYR B 257 -42.45 -6.28 28.37
C TYR B 257 -42.57 -5.24 27.27
N CYS B 258 -43.77 -5.05 26.82
CA CYS B 258 -44.10 -4.02 25.80
C CYS B 258 -44.95 -2.98 26.52
N THR B 259 -44.43 -2.57 27.68
CA THR B 259 -45.15 -1.67 28.55
C THR B 259 -44.67 -0.23 28.44
N GLY B 260 -43.94 0.09 27.38
CA GLY B 260 -43.66 1.51 27.07
C GLY B 260 -42.34 1.99 27.73
N TYR B 261 -42.21 3.29 27.71
CA TYR B 261 -40.98 3.94 28.11
C TYR B 261 -41.25 5.07 29.06
N ARG B 262 -40.22 5.49 29.77
CA ARG B 262 -40.33 6.65 30.61
C ARG B 262 -39.47 7.78 30.09
N TYR B 263 -39.79 8.97 30.54
CA TYR B 263 -38.97 10.12 30.19
C TYR B 263 -37.66 10.03 30.95
N ARG B 264 -36.58 10.41 30.26
CA ARG B 264 -35.27 10.41 30.93
C ARG B 264 -34.38 11.35 30.19
N PHE B 265 -33.86 12.36 30.90
CA PHE B 265 -32.94 13.36 30.29
C PHE B 265 -31.73 13.53 31.22
N PRO B 266 -30.77 12.63 31.16
CA PRO B 266 -29.74 12.53 32.25
C PRO B 266 -28.88 13.77 32.28
N PHE B 267 -28.80 14.48 31.16
CA PHE B 267 -27.95 15.66 31.05
C PHE B 267 -28.61 16.89 31.70
N LEU B 268 -29.86 16.83 32.10
CA LEU B 268 -30.41 18.10 32.67
C LEU B 268 -29.99 18.29 34.11
N SER B 269 -29.37 19.41 34.40
CA SER B 269 -29.03 19.66 35.82
C SER B 269 -30.35 20.18 36.46
N PRO B 270 -30.49 20.03 37.78
CA PRO B 270 -31.70 20.54 38.42
C PRO B 270 -31.88 22.07 38.21
N GLU B 271 -30.78 22.78 38.08
CA GLU B 271 -30.80 24.22 37.88
C GLU B 271 -31.50 24.59 36.57
N CYS B 272 -31.74 23.61 35.66
CA CYS B 272 -32.46 23.90 34.40
C CYS B 272 -33.92 24.26 34.65
N GLY B 273 -34.42 23.80 35.80
CA GLY B 273 -35.74 24.09 36.28
C GLY B 273 -36.84 23.19 35.76
N VAL B 274 -36.47 22.00 35.23
CA VAL B 274 -37.48 20.99 34.86
C VAL B 274 -37.41 19.83 35.83
N THR B 275 -38.54 19.27 36.14
CA THR B 275 -38.60 18.01 36.92
C THR B 275 -39.03 16.94 35.96
N VAL B 276 -38.31 15.81 35.96
CA VAL B 276 -38.67 14.71 34.99
C VAL B 276 -39.13 13.51 35.78
N ASP B 277 -40.42 13.22 35.78
CA ASP B 277 -40.98 12.02 36.40
C ASP B 277 -41.24 10.99 35.29
N GLU B 278 -41.67 9.77 35.64
CA GLU B 278 -41.80 8.70 34.63
C GLU B 278 -42.57 9.10 33.40
N LYS B 279 -43.75 9.70 33.62
CA LYS B 279 -44.69 10.01 32.54
C LYS B 279 -45.02 11.54 32.53
N TYR B 280 -44.26 12.35 33.26
CA TYR B 280 -44.60 13.77 33.33
C TYR B 280 -43.35 14.62 33.45
N VAL B 281 -43.21 15.62 32.55
CA VAL B 281 -42.13 16.55 32.55
C VAL B 281 -42.78 17.94 32.79
N TYR B 282 -42.22 18.67 33.76
CA TYR B 282 -42.90 19.94 34.11
C TYR B 282 -41.98 20.94 34.72
N PRO B 283 -42.33 22.23 34.68
CA PRO B 283 -43.51 22.86 34.03
C PRO B 283 -43.29 23.23 32.60
N LEU B 284 -44.01 22.61 31.66
CA LEU B 284 -43.83 22.91 30.21
C LEU B 284 -45.17 23.64 29.79
N TYR B 285 -45.08 24.69 29.02
CA TYR B 285 -46.31 25.17 28.40
C TYR B 285 -46.45 24.48 27.04
N LEU B 286 -47.63 23.87 26.83
CA LEU B 286 -48.05 23.24 25.52
C LEU B 286 -47.01 22.14 25.22
N HIS B 287 -46.46 21.54 26.24
CA HIS B 287 -45.46 20.38 26.05
C HIS B 287 -44.16 20.83 25.51
N MET B 288 -43.87 22.14 25.40
CA MET B 288 -42.63 22.59 24.77
C MET B 288 -41.81 23.52 25.67
N LEU B 289 -42.44 24.62 26.18
CA LEU B 289 -41.64 25.71 26.76
C LEU B 289 -41.33 25.47 28.25
N ASN B 290 -40.08 25.45 28.65
CA ASN B 290 -39.74 25.43 30.05
C ASN B 290 -40.18 26.74 30.69
N ILE B 291 -41.22 26.68 31.48
CA ILE B 291 -41.81 27.96 32.02
C ILE B 291 -40.81 28.63 32.91
N ASN B 292 -40.02 27.84 33.66
CA ASN B 292 -39.02 28.41 34.59
C ASN B 292 -37.84 29.07 33.90
N LYS B 293 -37.40 28.55 32.74
CA LYS B 293 -36.24 29.06 32.00
C LYS B 293 -36.60 29.04 30.53
N PRO B 294 -37.26 30.08 30.05
CA PRO B 294 -37.95 29.95 28.78
C PRO B 294 -37.14 30.06 27.51
N THR B 295 -35.84 29.96 27.61
CA THR B 295 -35.03 29.76 26.40
C THR B 295 -34.59 28.27 26.31
N MET B 296 -35.11 27.42 27.18
CA MET B 296 -35.05 25.90 26.95
C MET B 296 -36.45 25.47 26.51
N LEU B 297 -36.52 24.72 25.40
CA LEU B 297 -37.76 24.19 24.92
C LEU B 297 -37.51 22.70 24.51
N PHE B 298 -38.60 21.96 24.50
CA PHE B 298 -38.59 20.55 24.12
C PHE B 298 -39.45 20.34 22.91
N ILE B 299 -39.00 19.40 22.02
CA ILE B 299 -39.86 18.90 20.95
C ILE B 299 -39.91 17.41 21.07
N GLY B 300 -41.08 16.83 20.90
CA GLY B 300 -41.25 15.37 21.02
C GLY B 300 -41.32 14.84 22.45
N VAL B 301 -41.71 15.71 23.45
CA VAL B 301 -42.16 15.18 24.73
C VAL B 301 -43.59 14.67 24.64
N SER B 302 -44.46 15.35 23.86
CA SER B 302 -45.80 14.83 23.57
C SER B 302 -45.69 13.66 22.59
N TYR B 303 -46.68 12.78 22.69
CA TYR B 303 -46.72 11.64 21.77
C TYR B 303 -48.15 11.14 21.59
N ASN B 304 -48.31 10.07 20.83
CA ASN B 304 -49.61 9.49 20.38
C ASN B 304 -50.43 10.50 19.58
N ALA B 305 -49.86 10.85 18.42
CA ALA B 305 -50.43 11.86 17.52
C ALA B 305 -49.94 11.49 16.14
N CYS B 306 -50.35 12.32 15.19
CA CYS B 306 -49.83 12.29 13.78
C CYS B 306 -48.52 13.07 13.88
N TYR B 307 -47.44 12.30 14.00
CA TYR B 307 -46.10 12.84 14.36
C TYR B 307 -45.61 13.83 13.35
N SER B 308 -45.84 13.59 12.03
CA SER B 308 -45.27 14.49 11.03
C SER B 308 -45.70 15.92 11.33
N ILE B 309 -47.00 16.09 11.57
CA ILE B 309 -47.55 17.42 11.81
C ILE B 309 -47.12 17.90 13.19
N MET B 310 -47.09 17.00 14.18
CA MET B 310 -46.56 17.42 15.50
C MET B 310 -45.12 17.98 15.45
N PHE B 311 -44.21 17.30 14.73
CA PHE B 311 -42.87 17.81 14.74
C PHE B 311 -42.86 19.11 13.96
N ASP B 312 -43.54 19.15 12.80
CA ASP B 312 -43.51 20.34 11.97
C ASP B 312 -44.01 21.59 12.75
N LEU B 313 -45.10 21.45 13.50
CA LEU B 313 -45.63 22.60 14.24
C LEU B 313 -44.93 22.85 15.54
N GLN B 314 -44.50 21.81 16.24
CA GLN B 314 -43.69 22.15 17.42
C GLN B 314 -42.41 22.91 17.06
N ALA B 315 -41.73 22.47 15.97
CA ALA B 315 -40.56 23.21 15.54
C ALA B 315 -40.87 24.67 15.14
N GLN B 316 -41.98 24.88 14.47
CA GLN B 316 -42.39 26.28 14.10
C GLN B 316 -42.77 27.12 15.34
N TRP B 317 -43.38 26.53 16.32
CA TRP B 317 -43.69 27.20 17.56
C TRP B 317 -42.52 27.54 18.38
N VAL B 318 -41.59 26.60 18.55
CA VAL B 318 -40.38 26.86 19.28
C VAL B 318 -39.59 27.99 18.60
N THR B 319 -39.48 27.91 17.27
CA THR B 319 -38.77 28.94 16.48
C THR B 319 -39.45 30.31 16.72
N ALA B 320 -40.78 30.36 16.72
CA ALA B 320 -41.54 31.67 16.91
C ALA B 320 -41.26 32.22 18.30
N VAL B 321 -41.27 31.37 19.31
CA VAL B 321 -40.95 31.77 20.66
C VAL B 321 -39.52 32.34 20.74
N LEU B 322 -38.53 31.65 20.18
CA LEU B 322 -37.16 32.16 20.23
C LEU B 322 -36.98 33.44 19.42
N ALA B 323 -37.80 33.61 18.40
CA ALA B 323 -37.71 34.79 17.56
C ALA B 323 -38.57 35.96 18.18
N GLY B 324 -39.20 35.73 19.33
CA GLY B 324 -40.06 36.75 20.01
C GLY B 324 -41.37 37.00 19.28
N ARG B 325 -41.75 36.11 18.34
CA ARG B 325 -42.92 36.32 17.49
C ARG B 325 -44.17 35.54 17.89
N CYS B 326 -44.10 34.80 18.98
CA CYS B 326 -45.21 33.98 19.42
C CYS B 326 -45.74 34.80 20.58
N THR B 327 -47.06 34.97 20.62
CA THR B 327 -47.68 35.75 21.65
C THR B 327 -47.94 34.88 22.83
N LEU B 328 -47.02 34.91 23.78
CA LEU B 328 -47.18 34.00 24.94
C LEU B 328 -47.84 34.70 26.08
N PRO B 329 -48.65 34.00 26.83
CA PRO B 329 -49.15 34.57 28.12
C PRO B 329 -47.98 34.77 29.11
N ASP B 330 -48.15 35.51 30.22
CA ASP B 330 -46.96 35.67 31.09
C ASP B 330 -46.77 34.36 31.84
N ALA B 331 -45.62 34.22 32.53
CA ALA B 331 -45.30 32.94 33.24
C ALA B 331 -46.44 32.47 34.10
N GLU B 332 -47.00 33.39 34.88
CA GLU B 332 -48.10 33.01 35.73
C GLU B 332 -49.34 32.43 35.06
N THR B 333 -49.71 32.97 33.92
CA THR B 333 -50.81 32.39 33.19
C THR B 333 -50.43 31.04 32.54
N MET B 334 -49.20 30.89 32.08
CA MET B 334 -48.92 29.57 31.43
C MET B 334 -48.96 28.48 32.48
N ARG B 335 -48.44 28.82 33.69
CA ARG B 335 -48.55 27.86 34.81
C ARG B 335 -50.01 27.40 35.06
N LYS B 336 -50.96 28.38 35.11
CA LYS B 336 -52.39 28.00 35.27
C LYS B 336 -52.94 27.15 34.14
N GLU B 337 -52.56 27.47 32.92
CA GLU B 337 -53.09 26.74 31.80
C GLU B 337 -52.58 25.28 31.77
N GLU B 338 -51.33 25.13 32.15
CA GLU B 338 -50.68 23.77 32.24
C GLU B 338 -51.40 22.97 33.31
N ALA B 339 -51.68 23.63 34.45
CA ALA B 339 -52.43 22.94 35.50
C ALA B 339 -53.83 22.48 35.07
N GLU B 340 -54.60 23.35 34.37
CA GLU B 340 -55.84 22.95 33.87
C GLU B 340 -55.74 21.80 32.80
N TYR B 341 -54.73 21.92 31.95
CA TYR B 341 -54.54 20.85 30.92
C TYR B 341 -54.28 19.42 31.56
N MET B 342 -53.44 19.44 32.57
CA MET B 342 -53.03 18.20 33.22
C MET B 342 -54.18 17.65 34.04
N GLU B 343 -54.99 18.56 34.61
CA GLU B 343 -56.18 18.00 35.25
C GLU B 343 -57.13 17.29 34.28
N LYS B 344 -57.19 17.86 33.07
CA LYS B 344 -58.04 17.26 32.07
C LYS B 344 -57.51 15.88 31.54
N GLN B 345 -56.19 15.77 31.42
CA GLN B 345 -55.57 14.51 31.11
C GLN B 345 -55.96 13.47 32.14
N ARG B 346 -55.93 13.85 33.42
CA ARG B 346 -56.28 12.83 34.45
C ARG B 346 -57.77 12.45 34.29
N ALA B 347 -58.59 13.46 34.06
CA ALA B 347 -60.00 13.12 33.85
C ALA B 347 -60.27 12.20 32.71
N GLU B 348 -59.47 12.27 31.64
CA GLU B 348 -59.65 11.42 30.49
C GLU B 348 -58.87 10.12 30.52
N ALA B 349 -58.16 9.89 31.64
CA ALA B 349 -57.38 8.69 31.93
C ALA B 349 -56.32 8.48 30.87
N VAL B 350 -55.71 9.58 30.45
CA VAL B 350 -54.49 9.45 29.61
C VAL B 350 -53.27 10.00 30.29
N HIS B 351 -52.06 9.58 29.86
CA HIS B 351 -50.90 10.18 30.45
C HIS B 351 -50.68 11.68 30.14
N PRO B 352 -49.91 12.40 30.96
CA PRO B 352 -49.78 13.85 30.83
C PRO B 352 -49.58 14.37 29.39
N HIS B 353 -48.76 13.68 28.60
CA HIS B 353 -48.31 14.33 27.34
C HIS B 353 -48.89 13.63 26.11
N VAL B 354 -49.97 12.87 26.32
CA VAL B 354 -50.64 12.13 25.23
C VAL B 354 -51.61 13.06 24.54
N LEU B 355 -51.38 13.27 23.26
CA LEU B 355 -52.17 14.23 22.46
C LEU B 355 -53.40 13.62 21.81
N MET B 356 -53.53 12.30 21.77
CA MET B 356 -54.51 11.67 20.90
C MET B 356 -55.97 12.20 20.89
N ASN B 357 -56.51 12.48 22.06
CA ASN B 357 -57.93 12.85 22.13
C ASN B 357 -58.22 14.25 21.62
N HIS B 358 -57.21 15.11 21.47
CA HIS B 358 -57.44 16.53 21.13
C HIS B 358 -56.40 17.05 20.18
N GLN B 359 -55.77 16.15 19.43
CA GLN B 359 -54.54 16.65 18.74
C GLN B 359 -54.85 17.72 17.71
N TRP B 360 -55.98 17.56 16.99
CA TRP B 360 -56.27 18.55 15.89
C TRP B 360 -56.57 19.96 16.43
N GLU B 361 -57.27 20.04 17.59
CA GLU B 361 -57.43 21.32 18.26
C GLU B 361 -56.09 21.91 18.73
N TYR B 362 -55.24 21.05 19.31
CA TYR B 362 -53.91 21.46 19.74
C TYR B 362 -53.12 21.94 18.54
N PHE B 363 -53.17 21.24 17.42
CA PHE B 363 -52.43 21.71 16.22
C PHE B 363 -52.95 23.06 15.69
N LYS B 364 -54.27 23.27 15.74
CA LYS B 364 -54.82 24.57 15.29
C LYS B 364 -54.31 25.67 16.20
N LYS B 365 -54.20 25.39 17.54
CA LYS B 365 -53.72 26.41 18.46
C LYS B 365 -52.22 26.70 18.14
N LEU B 366 -51.42 25.65 17.87
CA LEU B 366 -50.03 25.91 17.54
C LEU B 366 -49.90 26.72 16.27
N GLU B 367 -50.74 26.41 15.29
CA GLU B 367 -50.65 27.16 14.02
C GLU B 367 -50.93 28.63 14.27
N GLU B 368 -51.99 28.94 15.04
CA GLU B 368 -52.40 30.35 15.32
C GLU B 368 -51.32 31.08 16.09
N MET B 369 -50.74 30.38 17.04
CA MET B 369 -49.66 31.00 17.77
C MET B 369 -48.38 31.20 17.01
N SER B 370 -47.97 30.22 16.19
CA SER B 370 -46.63 30.26 15.59
C SER B 370 -46.62 31.01 14.26
N GLY B 371 -47.77 31.25 13.64
CA GLY B 371 -47.76 31.77 12.28
C GLY B 371 -47.64 30.73 11.17
N ALA B 372 -47.70 29.45 11.50
CA ALA B 372 -47.48 28.39 10.51
C ALA B 372 -48.67 28.30 9.55
N LYS B 373 -48.42 27.74 8.35
CA LYS B 373 -49.48 27.45 7.39
C LYS B 373 -50.41 26.41 7.97
N THR B 374 -51.72 26.59 7.68
CA THR B 374 -52.77 25.61 8.08
C THR B 374 -52.48 24.20 7.52
N MET B 375 -52.64 23.19 8.37
CA MET B 375 -52.44 21.83 7.93
C MET B 375 -53.47 21.41 6.80
N PRO B 376 -53.07 20.60 5.79
CA PRO B 376 -54.11 20.09 4.82
C PRO B 376 -55.15 19.25 5.54
N PRO B 377 -56.46 19.52 5.41
CA PRO B 377 -57.42 18.70 6.14
C PRO B 377 -57.38 17.22 5.82
N VAL B 378 -56.79 16.85 4.67
CA VAL B 378 -56.72 15.42 4.28
C VAL B 378 -55.90 14.64 5.36
N TYR B 379 -54.94 15.31 6.03
CA TYR B 379 -54.13 14.52 7.05
C TYR B 379 -55.07 14.08 8.18
N MET B 380 -55.95 14.97 8.64
CA MET B 380 -56.87 14.63 9.72
C MET B 380 -57.81 13.50 9.26
N LYS B 381 -58.43 13.71 8.10
CA LYS B 381 -59.38 12.70 7.56
C LYS B 381 -58.68 11.34 7.47
N MET B 382 -57.57 11.31 6.76
CA MET B 382 -56.85 10.07 6.63
C MET B 382 -56.37 9.49 7.94
N PHE B 383 -55.72 10.29 8.79
CA PHE B 383 -55.26 9.75 10.10
C PHE B 383 -56.47 9.17 10.86
N ASP B 384 -57.61 9.85 10.89
CA ASP B 384 -58.66 9.40 11.80
C ASP B 384 -59.23 8.17 11.16
N ASP B 385 -59.18 8.03 9.84
CA ASP B 385 -59.66 6.78 9.20
C ASP B 385 -58.73 5.57 9.39
N VAL B 386 -57.42 5.78 9.27
CA VAL B 386 -56.54 4.62 9.26
C VAL B 386 -55.66 4.38 10.45
N ALA B 387 -55.54 5.34 11.38
CA ALA B 387 -54.38 5.22 12.31
C ALA B 387 -54.64 4.01 13.21
N SER B 388 -55.91 3.72 13.45
CA SER B 388 -56.23 2.56 14.30
C SER B 388 -56.14 1.18 13.59
N ASP B 389 -55.75 1.15 12.30
CA ASP B 389 -55.76 -0.15 11.60
C ASP B 389 -54.85 -1.18 12.19
N LEU B 390 -53.76 -0.75 12.83
CA LEU B 390 -52.81 -1.69 13.43
C LEU B 390 -53.57 -2.62 14.40
N VAL B 391 -54.63 -2.07 14.98
CA VAL B 391 -55.41 -2.76 16.00
C VAL B 391 -56.70 -3.37 15.45
N LYS B 392 -57.35 -2.78 14.46
CA LYS B 392 -58.58 -3.42 13.92
C LYS B 392 -58.27 -4.37 12.79
N ASP B 393 -57.12 -4.25 12.15
CA ASP B 393 -56.85 -5.07 10.97
C ASP B 393 -55.35 -5.56 10.99
N LEU B 394 -54.88 -6.05 12.14
CA LEU B 394 -53.42 -6.24 12.37
C LEU B 394 -52.64 -7.00 11.27
N GLN B 395 -53.19 -8.10 10.77
CA GLN B 395 -52.42 -8.89 9.87
C GLN B 395 -52.53 -8.40 8.43
N ASN B 396 -53.53 -7.59 8.08
CA ASN B 396 -53.69 -7.25 6.71
C ASN B 396 -53.57 -5.75 6.34
N PHE B 397 -53.56 -4.89 7.35
CA PHE B 397 -53.68 -3.46 7.05
C PHE B 397 -52.53 -2.96 6.19
N ARG B 398 -51.37 -3.60 6.26
CA ARG B 398 -50.22 -3.05 5.57
C ARG B 398 -50.25 -3.34 4.06
N LYS B 399 -51.24 -4.13 3.66
CA LYS B 399 -51.48 -4.40 2.23
C LYS B 399 -52.27 -3.24 1.58
N ASN B 400 -52.85 -2.34 2.36
CA ASN B 400 -53.57 -1.15 1.87
C ASN B 400 -52.66 -0.06 1.32
N ASN B 401 -53.04 0.53 0.16
CA ASN B 401 -52.23 1.57 -0.45
C ASN B 401 -53.10 2.76 -0.69
N TYR B 402 -52.58 3.96 -0.44
CA TYR B 402 -53.38 5.15 -0.51
C TYR B 402 -52.68 6.16 -1.42
N MET B 403 -53.50 7.09 -1.92
CA MET B 403 -53.03 8.26 -2.59
C MET B 403 -53.82 9.54 -2.15
N ILE B 404 -53.13 10.60 -1.80
CA ILE B 404 -53.78 11.91 -1.61
C ILE B 404 -54.15 12.54 -2.97
N ILE B 405 -55.39 13.02 -3.07
CA ILE B 405 -55.99 13.51 -4.31
C ILE B 405 -55.74 15.00 -4.31
N ASP B 406 -56.03 15.64 -3.19
CA ASP B 406 -56.07 17.11 -3.12
C ASP B 406 -55.88 17.48 -1.68
N ASN B 407 -56.09 18.75 -1.37
CA ASN B 407 -55.90 19.26 0.02
C ASN B 407 -56.86 18.60 1.02
N GLU B 408 -57.99 18.04 0.56
CA GLU B 408 -59.01 17.50 1.42
C GLU B 408 -59.26 15.97 1.29
N ASN B 409 -58.85 15.30 0.21
CA ASN B 409 -59.37 13.95 -0.02
C ASN B 409 -58.29 13.00 -0.36
N TYR B 410 -58.57 11.73 -0.11
CA TYR B 410 -57.65 10.70 -0.52
C TYR B 410 -58.46 9.49 -1.07
N LYS B 411 -57.76 8.54 -1.69
CA LYS B 411 -58.43 7.24 -2.01
C LYS B 411 -57.49 6.07 -1.82
N LYS B 412 -58.05 4.87 -1.83
CA LYS B 412 -57.31 3.62 -1.95
C LYS B 412 -56.89 3.32 -3.39
N ILE B 413 -55.73 2.74 -3.59
CA ILE B 413 -55.26 2.43 -4.92
C ILE B 413 -54.86 0.93 -4.92
N TYR B 414 -54.84 0.31 -6.10
CA TYR B 414 -54.57 -1.15 -6.28
C TYR B 414 -53.55 -1.41 -7.38
N MET C 1 59.47 4.73 21.50
CA MET C 1 58.47 5.79 21.69
C MET C 1 58.36 6.05 23.15
N ARG C 2 58.28 7.30 23.51
CA ARG C 2 57.86 7.64 24.80
C ARG C 2 56.81 8.68 24.79
N ARG C 3 56.93 9.66 23.92
CA ARG C 3 56.02 10.87 24.05
C ARG C 3 54.99 10.83 22.92
N VAL C 4 53.69 10.75 23.25
CA VAL C 4 52.69 10.54 22.18
C VAL C 4 51.64 11.60 22.21
N ALA C 5 51.31 12.15 21.06
CA ALA C 5 50.29 13.18 20.99
C ALA C 5 49.03 12.49 20.50
N VAL C 6 47.94 12.82 21.16
CA VAL C 6 46.62 12.43 20.68
C VAL C 6 45.90 13.69 20.27
N LEU C 7 45.39 13.69 19.02
CA LEU C 7 44.72 14.94 18.53
C LEU C 7 43.19 14.69 18.60
N GLY C 8 42.54 15.35 19.54
CA GLY C 8 41.09 15.31 19.73
C GLY C 8 40.74 14.50 21.00
N ALA C 9 39.70 14.92 21.73
CA ALA C 9 39.30 14.20 22.94
C ALA C 9 37.83 13.83 22.84
N GLY C 10 37.42 13.41 21.60
CA GLY C 10 36.19 12.62 21.50
C GLY C 10 36.45 11.16 21.90
N PRO C 11 35.44 10.33 21.63
CA PRO C 11 35.54 8.90 21.95
C PRO C 11 36.83 8.25 21.40
N SER C 12 37.24 8.54 20.14
CA SER C 12 38.51 7.99 19.70
C SER C 12 39.72 8.44 20.53
N GLY C 13 39.86 9.76 20.79
CA GLY C 13 41.01 10.28 21.49
C GLY C 13 41.01 9.84 22.96
N LEU C 14 39.82 9.80 23.58
CA LEU C 14 39.81 9.37 25.00
C LEU C 14 40.24 7.92 25.09
N THR C 15 39.75 7.06 24.22
CA THR C 15 40.07 5.64 24.29
C THR C 15 41.54 5.42 23.95
N ALA C 16 42.05 6.18 22.96
CA ALA C 16 43.53 6.18 22.72
C ALA C 16 44.30 6.52 24.05
N ALA C 17 43.88 7.59 24.72
CA ALA C 17 44.60 8.11 25.90
C ALA C 17 44.54 7.03 26.95
N ARG C 18 43.39 6.39 27.11
CA ARG C 18 43.31 5.30 28.12
C ARG C 18 44.42 4.28 27.92
N TYR C 19 44.56 3.72 26.71
CA TYR C 19 45.45 2.61 26.48
C TYR C 19 46.91 3.09 26.35
N LEU C 20 47.14 4.29 25.79
CA LEU C 20 48.52 4.79 25.72
C LEU C 20 49.00 5.04 27.12
N LYS C 21 48.15 5.60 27.96
CA LYS C 21 48.55 5.88 29.38
C LYS C 21 48.85 4.55 30.06
N GLN C 22 47.94 3.60 29.84
CA GLN C 22 48.07 2.21 30.41
C GLN C 22 49.44 1.67 30.10
N ALA C 23 49.85 1.91 28.86
CA ALA C 23 51.12 1.42 28.35
C ALA C 23 52.36 2.13 28.86
N GLY C 24 52.21 3.21 29.61
CA GLY C 24 53.34 3.84 30.28
C GLY C 24 53.88 4.96 29.39
N PHE C 25 53.22 5.29 28.25
CA PHE C 25 53.66 6.53 27.53
C PHE C 25 53.39 7.85 28.22
N GLU C 26 54.11 8.89 27.80
CA GLU C 26 53.80 10.23 28.24
C GLU C 26 52.88 10.82 27.20
N VAL C 27 51.64 11.04 27.56
CA VAL C 27 50.59 11.34 26.58
C VAL C 27 50.18 12.74 26.80
N MET C 28 50.01 13.46 25.68
CA MET C 28 49.31 14.67 25.74
C MET C 28 48.16 14.70 24.73
N VAL C 29 47.01 15.09 25.18
CA VAL C 29 45.77 15.15 24.34
C VAL C 29 45.42 16.59 24.09
N PHE C 30 45.28 16.97 22.80
CA PHE C 30 44.89 18.29 22.45
C PHE C 30 43.42 18.34 22.03
N GLU C 31 42.60 19.21 22.59
CA GLU C 31 41.21 19.26 22.24
C GLU C 31 40.80 20.72 22.15
N ARG C 32 40.26 21.12 21.03
CA ARG C 32 39.83 22.54 20.86
C ARG C 32 38.61 23.02 21.65
N TYR C 33 37.72 22.07 22.03
CA TYR C 33 36.52 22.46 22.75
C TYR C 33 36.88 22.60 24.22
N HIS C 34 35.89 23.17 24.95
CA HIS C 34 36.10 23.36 26.41
C HIS C 34 35.62 22.20 27.22
N HIS C 35 35.05 21.15 26.57
CA HIS C 35 34.65 19.89 27.29
C HIS C 35 35.12 18.71 26.47
N VAL C 36 35.43 17.59 27.13
CA VAL C 36 35.73 16.32 26.40
C VAL C 36 34.45 15.77 25.79
N GLY C 37 34.59 14.72 24.95
CA GLY C 37 33.39 14.01 24.48
C GLY C 37 33.08 14.20 22.98
N GLY C 38 33.76 15.10 22.29
CA GLY C 38 33.69 15.14 20.81
C GLY C 38 32.30 15.56 20.38
N THR C 39 31.76 14.95 19.33
CA THR C 39 30.48 15.27 18.77
C THR C 39 29.30 15.13 19.75
N TRP C 40 29.51 14.45 20.89
CA TRP C 40 28.38 14.29 21.85
C TRP C 40 28.15 15.66 22.56
N ASN C 41 29.06 16.63 22.43
CA ASN C 41 28.74 18.02 22.93
C ASN C 41 27.88 18.79 22.00
N TYR C 42 26.83 19.38 22.56
CA TYR C 42 25.94 20.17 21.74
C TYR C 42 26.36 21.66 21.87
N THR C 43 26.43 22.33 20.74
CA THR C 43 26.68 23.83 20.83
C THR C 43 25.75 24.52 19.89
N ASP C 44 25.27 25.74 20.20
CA ASP C 44 24.52 26.45 19.26
C ASP C 44 25.32 27.05 18.09
N GLU C 45 26.61 27.09 18.26
CA GLU C 45 27.51 27.62 17.19
C GLU C 45 27.48 26.61 16.04
N THR C 46 27.65 27.15 14.86
CA THR C 46 27.73 26.28 13.64
C THR C 46 28.87 26.90 12.80
N TRP C 47 29.58 26.07 12.02
CA TRP C 47 30.66 26.49 11.05
C TRP C 47 31.92 27.00 11.69
N MET C 48 31.80 28.18 12.30
CA MET C 48 32.91 28.79 13.00
C MET C 48 32.50 29.34 14.35
N SER C 49 33.39 29.16 15.28
CA SER C 49 33.08 29.66 16.66
C SER C 49 33.55 31.12 16.79
N GLU C 50 32.87 31.85 17.70
CA GLU C 50 33.41 33.19 18.08
C GLU C 50 34.86 33.19 18.48
N ASP C 51 35.45 32.04 18.89
CA ASP C 51 36.83 31.93 19.33
C ASP C 51 37.88 31.85 18.18
N GLY C 52 37.33 31.87 16.98
CA GLY C 52 38.16 32.01 15.75
C GLY C 52 38.57 30.73 15.02
N ARG C 53 38.02 29.62 15.52
CA ARG C 53 38.32 28.28 14.89
C ARG C 53 37.02 27.59 14.55
N PRO C 54 37.10 26.56 13.64
CA PRO C 54 35.91 25.84 13.26
C PRO C 54 35.12 25.17 14.37
N VAL C 55 33.83 25.06 14.14
CA VAL C 55 32.99 24.22 14.98
C VAL C 55 33.07 22.83 14.40
N TYR C 56 33.39 21.85 15.24
CA TYR C 56 33.55 20.42 14.80
C TYR C 56 32.33 19.58 15.13
N SER C 57 31.46 20.10 16.01
CA SER C 57 30.29 19.34 16.35
C SER C 57 29.12 19.51 15.41
N SER C 58 28.49 18.40 15.04
CA SER C 58 27.24 18.40 14.24
C SER C 58 26.04 17.88 15.05
N MET C 59 26.17 17.90 16.37
CA MET C 59 25.08 17.46 17.17
C MET C 59 23.93 18.45 17.16
N TYR C 60 22.69 17.95 17.23
CA TYR C 60 21.53 18.82 17.20
C TYR C 60 20.67 18.58 18.45
N GLN C 61 19.66 19.44 18.63
CA GLN C 61 18.77 19.25 19.84
C GLN C 61 17.89 18.02 19.78
N ASN C 62 17.63 17.49 20.99
CA ASN C 62 16.63 16.44 21.15
C ASN C 62 17.01 15.18 20.39
N LEU C 63 18.30 14.93 20.36
CA LEU C 63 18.77 13.68 19.61
C LEU C 63 18.79 12.54 20.59
N PHE C 64 18.33 11.36 20.11
CA PHE C 64 18.48 10.14 20.93
C PHE C 64 19.38 9.18 20.16
N VAL C 65 20.13 8.36 20.90
CA VAL C 65 21.01 7.42 20.16
C VAL C 65 20.26 6.50 19.28
N ASN C 66 20.96 6.01 18.26
CA ASN C 66 20.35 5.00 17.33
C ASN C 66 20.83 3.56 17.55
N LEU C 67 21.62 3.34 18.60
CA LEU C 67 22.04 1.97 19.01
C LEU C 67 21.82 1.94 20.52
N PRO C 68 21.43 0.79 21.08
CA PRO C 68 21.19 0.77 22.54
C PRO C 68 22.44 1.06 23.34
N LYS C 69 22.26 1.67 24.50
CA LYS C 69 23.39 2.01 25.36
C LYS C 69 24.23 0.78 25.71
N GLU C 70 23.62 -0.42 25.67
CA GLU C 70 24.35 -1.66 25.98
C GLU C 70 25.43 -1.90 24.92
N LEU C 71 25.20 -1.45 23.69
CA LEU C 71 26.23 -1.65 22.62
C LEU C 71 27.13 -0.43 22.51
N MET C 72 26.73 0.68 23.09
CA MET C 72 27.57 1.84 23.04
C MET C 72 28.64 1.93 24.18
N ALA C 73 28.43 1.15 25.24
CA ALA C 73 29.40 1.08 26.33
C ALA C 73 30.53 0.16 25.89
N PHE C 74 31.74 0.48 26.31
CA PHE C 74 32.88 -0.49 26.21
C PHE C 74 32.59 -1.73 27.05
N PRO C 75 33.09 -2.89 26.61
CA PRO C 75 32.81 -4.14 27.38
C PRO C 75 33.25 -4.10 28.83
N ASP C 76 34.26 -3.28 29.19
CA ASP C 76 34.70 -3.23 30.59
C ASP C 76 34.39 -1.91 31.26
N PHE C 77 33.40 -1.16 30.76
CA PHE C 77 33.08 0.09 31.43
C PHE C 77 31.61 0.29 31.15
N PRO C 78 30.77 -0.29 32.01
CA PRO C 78 29.34 -0.25 31.67
C PRO C 78 28.78 1.14 31.79
N PHE C 79 27.67 1.34 31.13
CA PHE C 79 26.88 2.56 31.26
C PHE C 79 26.43 2.81 32.69
N HIS C 80 26.43 4.05 33.14
CA HIS C 80 25.87 4.44 34.45
C HIS C 80 24.36 4.06 34.51
N ASP C 81 23.73 4.05 35.70
CA ASP C 81 22.29 3.73 35.73
C ASP C 81 21.46 4.81 35.11
N ILE C 82 20.73 4.42 34.09
CA ILE C 82 19.72 5.28 33.51
C ILE C 82 18.60 4.40 33.01
N GLU C 83 17.38 4.86 33.14
CA GLU C 83 16.26 4.11 32.61
C GLU C 83 16.19 4.16 31.06
N GLY C 84 16.10 3.02 30.35
CA GLY C 84 15.96 3.10 28.88
C GLY C 84 17.27 2.70 28.19
N SER C 85 17.12 1.93 27.12
CA SER C 85 18.31 1.63 26.25
C SER C 85 18.66 2.76 25.27
N TYR C 86 17.64 3.47 24.73
CA TYR C 86 17.95 4.52 23.69
C TYR C 86 17.90 5.86 24.36
N VAL C 87 19.03 6.21 24.95
CA VAL C 87 19.26 7.36 25.84
C VAL C 87 19.34 8.65 24.99
N PRO C 88 18.97 9.79 25.61
CA PRO C 88 19.34 11.05 24.96
C PRO C 88 20.84 11.28 24.84
N SER C 89 21.20 12.18 23.92
CA SER C 89 22.63 12.43 23.72
C SER C 89 23.36 12.86 25.00
N LYS C 90 22.71 13.59 25.95
CA LYS C 90 23.48 14.07 27.03
C LYS C 90 23.91 12.95 27.98
N GLU C 91 23.25 11.77 27.87
CA GLU C 91 23.75 10.62 28.68
C GLU C 91 25.03 9.99 28.13
N VAL C 92 25.23 10.11 26.80
CA VAL C 92 26.48 9.58 26.25
C VAL C 92 27.62 10.57 26.49
N LEU C 93 27.30 11.88 26.42
CA LEU C 93 28.27 12.83 26.89
C LEU C 93 28.73 12.55 28.34
N LYS C 94 27.76 12.28 29.26
CA LYS C 94 28.06 11.98 30.62
C LYS C 94 28.91 10.72 30.71
N TYR C 95 28.58 9.70 29.92
CA TYR C 95 29.34 8.44 29.88
C TYR C 95 30.81 8.73 29.54
N PHE C 96 31.10 9.58 28.52
CA PHE C 96 32.51 9.89 28.21
C PHE C 96 33.22 10.81 29.23
N ASP C 97 32.45 11.73 29.88
CA ASP C 97 32.98 12.51 30.97
C ASP C 97 33.39 11.57 32.13
N ASN C 98 32.49 10.64 32.47
CA ASN C 98 32.77 9.60 33.50
C ASN C 98 33.92 8.67 33.17
N PHE C 99 33.99 8.22 31.89
CA PHE C 99 35.16 7.50 31.43
C PHE C 99 36.51 8.26 31.65
N THR C 100 36.45 9.53 31.29
CA THR C 100 37.66 10.36 31.40
C THR C 100 38.16 10.38 32.86
N ASP C 101 37.24 10.65 33.79
CA ASP C 101 37.61 10.57 35.22
C ASP C 101 37.92 9.17 35.75
N ALA C 102 37.21 8.14 35.32
CA ALA C 102 37.51 6.79 35.84
C ALA C 102 38.90 6.33 35.52
N PHE C 103 39.40 6.69 34.34
CA PHE C 103 40.77 6.29 33.96
C PHE C 103 41.80 7.41 34.14
N ASP C 104 41.45 8.45 34.87
CA ASP C 104 42.45 9.47 35.30
C ASP C 104 43.12 10.14 34.09
N LEU C 105 42.29 10.46 33.08
CA LEU C 105 42.83 11.01 31.80
C LEU C 105 42.69 12.48 31.78
N ARG C 106 41.92 13.07 32.69
CA ARG C 106 41.65 14.51 32.64
C ARG C 106 42.96 15.36 32.75
N LYS C 107 43.94 14.88 33.53
CA LYS C 107 45.23 15.58 33.70
C LYS C 107 46.08 15.56 32.42
N LEU C 108 45.76 14.62 31.51
CA LEU C 108 46.41 14.57 30.18
C LEU C 108 45.91 15.55 29.13
N ILE C 109 44.73 16.15 29.31
CA ILE C 109 44.03 16.81 28.21
C ILE C 109 44.21 18.31 28.31
N LYS C 110 44.74 18.91 27.25
CA LYS C 110 44.71 20.30 27.07
C LYS C 110 43.48 20.80 26.30
N LEU C 111 42.52 21.31 27.04
CA LEU C 111 41.30 21.85 26.45
C LEU C 111 41.52 23.24 25.88
N GLN C 112 40.62 23.59 24.98
CA GLN C 112 40.64 24.85 24.23
C GLN C 112 41.97 25.01 23.58
N HIS C 113 42.57 23.89 23.15
CA HIS C 113 43.83 23.91 22.34
C HIS C 113 43.54 23.43 20.90
N HIS C 114 43.83 24.26 19.89
CA HIS C 114 43.45 23.92 18.51
C HIS C 114 44.74 23.58 17.80
N VAL C 115 44.81 22.38 17.22
CA VAL C 115 45.96 21.91 16.50
C VAL C 115 45.98 22.56 15.13
N GLU C 116 47.08 23.24 14.86
CA GLU C 116 47.17 24.02 13.62
C GLU C 116 48.04 23.35 12.58
N ASN C 117 49.07 22.64 12.99
CA ASN C 117 49.98 21.96 12.08
C ASN C 117 50.72 20.79 12.71
N VAL C 118 50.94 19.78 11.89
CA VAL C 118 51.70 18.63 12.26
C VAL C 118 52.68 18.36 11.14
N ARG C 119 53.97 18.33 11.47
CA ARG C 119 54.98 17.95 10.45
C ARG C 119 56.06 17.08 11.05
N PRO C 120 56.65 16.19 10.23
CA PRO C 120 57.83 15.35 10.69
C PRO C 120 59.09 16.21 10.99
N CYS C 121 59.90 15.76 11.95
CA CYS C 121 61.02 16.57 12.44
C CYS C 121 62.05 15.57 12.81
N GLU C 122 63.07 15.44 11.94
CA GLU C 122 63.94 14.26 11.93
C GLU C 122 63.03 13.04 11.98
N SER C 123 63.28 12.18 12.97
CA SER C 123 62.55 10.95 13.27
C SER C 123 61.24 11.17 14.06
N GLY C 124 61.10 12.34 14.68
CA GLY C 124 59.85 12.67 15.45
C GLY C 124 58.81 13.47 14.65
N TRP C 125 58.03 14.23 15.37
CA TRP C 125 56.90 15.02 14.86
C TRP C 125 56.92 16.38 15.60
N LEU C 126 56.61 17.46 14.89
CA LEU C 126 56.41 18.73 15.56
C LEU C 126 54.94 19.20 15.43
N VAL C 127 54.28 19.43 16.56
CA VAL C 127 52.90 19.81 16.57
C VAL C 127 52.74 21.24 17.02
N THR C 128 52.10 22.04 16.20
CA THR C 128 51.83 23.47 16.54
C THR C 128 50.38 23.64 16.96
N VAL C 129 50.15 24.20 18.13
CA VAL C 129 48.78 24.31 18.65
C VAL C 129 48.52 25.70 19.19
N THR C 130 47.35 26.24 19.06
CA THR C 130 47.03 27.53 19.69
C THR C 130 46.21 27.31 20.93
N ASP C 131 46.62 27.95 22.06
CA ASP C 131 45.76 28.06 23.24
C ASP C 131 44.74 29.14 23.01
N LEU C 132 43.49 28.74 22.81
CA LEU C 132 42.46 29.69 22.46
C LEU C 132 42.09 30.64 23.62
N THR C 133 42.57 30.36 24.83
CA THR C 133 42.21 31.32 25.93
C THR C 133 43.14 32.54 25.89
N THR C 134 44.29 32.37 25.27
CA THR C 134 45.35 33.39 25.28
C THR C 134 45.76 33.74 23.84
N MET C 135 45.28 32.95 22.87
CA MET C 135 45.69 33.07 21.47
C MET C 135 47.18 32.96 21.22
N VAL C 136 47.91 32.40 22.16
CA VAL C 136 49.33 32.15 21.92
C VAL C 136 49.54 30.79 21.30
N GLU C 137 50.47 30.70 20.35
CA GLU C 137 50.87 29.51 19.65
C GLU C 137 52.00 28.80 20.38
N HIS C 138 51.85 27.51 20.59
CA HIS C 138 52.83 26.76 21.29
C HIS C 138 53.21 25.61 20.40
N SER C 139 54.38 25.12 20.62
CA SER C 139 54.93 24.14 19.82
C SER C 139 55.35 22.94 20.72
N PHE C 140 55.25 21.71 20.20
CA PHE C 140 55.49 20.49 21.00
C PHE C 140 56.06 19.39 20.17
N GLU C 141 57.06 18.69 20.73
CA GLU C 141 57.78 17.63 20.05
C GLU C 141 57.29 16.27 20.52
N PHE C 142 57.06 15.35 19.60
CA PHE C 142 56.54 14.03 19.94
C PHE C 142 57.26 12.92 19.20
N ASP C 143 57.30 11.70 19.73
CA ASP C 143 57.77 10.59 18.97
C ASP C 143 56.73 9.92 18.07
N ALA C 144 55.46 10.17 18.42
CA ALA C 144 54.34 9.56 17.68
C ALA C 144 53.14 10.46 17.80
N VAL C 145 52.24 10.35 16.78
CA VAL C 145 51.04 11.20 16.76
C VAL C 145 49.87 10.31 16.39
N VAL C 146 48.79 10.41 17.19
CA VAL C 146 47.58 9.62 16.92
C VAL C 146 46.43 10.57 16.63
N VAL C 147 45.96 10.53 15.39
CA VAL C 147 44.99 11.51 14.91
C VAL C 147 43.58 11.02 15.14
N CYS C 148 42.81 11.79 15.95
CA CYS C 148 41.46 11.35 16.38
C CYS C 148 40.49 12.51 16.22
N THR C 149 40.55 13.27 15.12
CA THR C 149 39.77 14.49 15.00
C THR C 149 38.43 14.36 14.25
N GLY C 150 38.04 13.12 13.90
CA GLY C 150 36.64 12.87 13.49
C GLY C 150 36.43 13.16 12.00
N GLN C 151 35.25 12.80 11.53
CA GLN C 151 34.94 12.91 10.12
C GLN C 151 33.51 13.32 9.87
N THR C 152 32.92 14.07 10.78
CA THR C 152 31.51 14.44 10.61
C THR C 152 31.39 15.95 10.81
N TRP C 153 32.33 16.70 10.28
CA TRP C 153 32.25 18.17 10.33
C TRP C 153 32.45 18.86 8.99
N CYS C 154 33.15 18.25 8.03
CA CYS C 154 33.41 18.95 6.76
C CYS C 154 32.44 18.40 5.73
N PRO C 155 31.48 19.23 5.25
CA PRO C 155 30.29 18.66 4.60
C PRO C 155 30.65 18.16 3.16
N LEU C 156 29.91 17.19 2.70
CA LEU C 156 30.05 16.79 1.28
C LEU C 156 28.69 17.12 0.67
N TYR C 157 28.71 17.68 -0.54
CA TYR C 157 27.55 18.13 -1.23
C TYR C 157 27.47 17.36 -2.55
N PRO C 158 26.27 16.96 -2.97
CA PRO C 158 26.21 16.32 -4.29
C PRO C 158 26.35 17.39 -5.39
N ASP C 159 26.75 17.05 -6.59
CA ASP C 159 26.70 18.07 -7.62
C ASP C 159 25.34 17.92 -8.30
N VAL C 160 24.53 18.96 -8.40
CA VAL C 160 23.18 18.72 -8.91
C VAL C 160 23.03 19.71 -10.08
N GLU C 161 22.53 19.27 -11.22
CA GLU C 161 22.49 20.14 -12.39
C GLU C 161 21.63 21.39 -12.02
N GLY C 162 22.16 22.59 -12.19
CA GLY C 162 21.31 23.78 -12.03
C GLY C 162 21.36 24.32 -10.61
N ARG C 163 22.13 23.73 -9.73
CA ARG C 163 22.19 24.24 -8.36
C ARG C 163 22.53 25.72 -8.25
N SER C 164 23.42 26.21 -9.10
CA SER C 164 23.72 27.61 -9.03
C SER C 164 22.49 28.50 -9.30
N PHE C 165 21.38 27.95 -9.78
CA PHE C 165 20.23 28.85 -10.07
C PHE C 165 19.26 28.86 -8.94
N PHE C 166 19.39 27.93 -7.99
CA PHE C 166 18.39 27.86 -6.89
C PHE C 166 18.48 29.10 -6.00
N ARG C 167 17.31 29.66 -5.64
CA ARG C 167 17.29 30.93 -4.88
C ARG C 167 16.60 30.79 -3.54
N GLY C 168 16.17 29.57 -3.20
CA GLY C 168 15.87 29.28 -1.79
C GLY C 168 17.06 29.15 -0.89
N ARG C 169 16.85 28.69 0.33
CA ARG C 169 17.93 28.69 1.28
C ARG C 169 18.51 27.26 1.28
N LEU C 170 19.85 27.16 1.27
CA LEU C 170 20.58 25.91 1.24
C LEU C 170 21.22 25.72 2.55
N THR C 171 21.11 24.54 3.14
CA THR C 171 21.89 24.29 4.32
C THR C 171 22.34 22.79 4.25
N HIS C 172 23.29 22.49 5.12
CA HIS C 172 23.78 21.11 5.25
C HIS C 172 23.45 20.58 6.63
N ALA C 173 23.37 19.29 6.74
CA ALA C 173 23.25 18.63 8.06
C ALA C 173 24.18 19.16 9.16
N HIS C 174 25.43 19.60 8.88
CA HIS C 174 26.39 20.07 9.88
C HIS C 174 25.72 21.15 10.73
N GLU C 175 24.97 22.01 10.05
CA GLU C 175 24.46 23.22 10.77
C GLU C 175 23.06 23.03 11.34
N PHE C 176 22.50 21.84 11.16
CA PHE C 176 21.18 21.63 11.72
C PHE C 176 21.26 21.55 13.23
N ARG C 177 20.47 22.35 13.92
CA ARG C 177 20.49 22.36 15.38
C ARG C 177 19.07 22.13 15.93
N SER C 178 18.07 22.59 15.20
CA SER C 178 16.66 22.37 15.59
C SER C 178 15.82 22.67 14.40
N PRO C 179 14.56 22.21 14.42
CA PRO C 179 13.75 22.35 13.22
C PRO C 179 13.21 23.78 13.01
N GLU C 180 13.41 24.67 13.97
CA GLU C 180 12.77 26.00 13.93
C GLU C 180 12.91 26.83 12.66
N PRO C 181 14.08 26.86 12.01
CA PRO C 181 14.19 27.68 10.78
C PRO C 181 13.28 27.09 9.65
N PHE C 182 12.84 25.85 9.77
CA PHE C 182 12.00 25.19 8.75
C PHE C 182 10.47 25.35 9.01
N ARG C 183 10.12 26.10 10.07
CA ARG C 183 8.71 26.20 10.42
C ARG C 183 7.92 26.81 9.23
N ASN C 184 6.85 26.14 8.84
CA ASN C 184 5.95 26.52 7.77
C ASN C 184 6.60 26.61 6.40
N LYS C 185 7.73 25.94 6.19
CA LYS C 185 8.42 26.01 4.89
C LYS C 185 8.19 24.68 4.16
N ARG C 186 8.13 24.79 2.86
CA ARG C 186 8.36 23.56 1.97
CA ARG C 186 8.34 23.62 2.01
C ARG C 186 9.93 23.15 1.75
N VAL C 187 10.15 21.98 2.35
CA VAL C 187 11.57 21.55 2.58
C VAL C 187 11.86 20.26 1.81
N LEU C 188 12.94 20.37 1.07
CA LEU C 188 13.51 19.18 0.40
C LEU C 188 14.73 18.77 1.20
N ILE C 189 14.75 17.53 1.68
CA ILE C 189 15.90 16.90 2.31
C ILE C 189 16.51 15.94 1.32
N VAL C 190 17.77 16.14 1.02
CA VAL C 190 18.53 15.29 0.07
C VAL C 190 19.43 14.31 0.88
N GLY C 191 19.20 13.01 0.68
CA GLY C 191 20.07 12.03 1.33
C GLY C 191 19.25 11.38 2.37
N ALA C 192 19.00 10.07 2.20
CA ALA C 192 18.10 9.38 3.15
C ALA C 192 18.88 8.32 3.99
N GLY C 193 19.95 8.81 4.66
CA GLY C 193 20.69 8.04 5.68
C GLY C 193 20.16 8.39 7.08
N PRO C 194 20.96 8.19 8.15
CA PRO C 194 20.46 8.52 9.50
C PRO C 194 20.03 9.97 9.70
N SER C 195 20.81 10.91 9.13
CA SER C 195 20.53 12.36 9.28
C SER C 195 19.30 12.67 8.51
N GLY C 196 19.23 12.18 7.26
CA GLY C 196 18.05 12.51 6.46
C GLY C 196 16.70 12.02 7.10
N HIS C 197 16.67 10.77 7.54
CA HIS C 197 15.47 10.22 8.20
C HIS C 197 15.09 10.92 9.50
N ASP C 198 16.01 10.98 10.42
CA ASP C 198 15.84 11.75 11.68
C ASP C 198 15.53 13.22 11.48
N MET C 199 16.28 13.96 10.64
CA MET C 199 15.95 15.35 10.42
C MET C 199 14.59 15.45 9.78
N ALA C 200 14.23 14.56 8.83
CA ALA C 200 12.90 14.57 8.22
C ALA C 200 11.81 14.42 9.30
N LEU C 201 12.04 13.53 10.24
CA LEU C 201 11.11 13.33 11.35
C LEU C 201 11.00 14.58 12.23
N HIS C 202 12.13 15.23 12.54
CA HIS C 202 12.09 16.40 13.44
C HIS C 202 11.46 17.55 12.68
N ILE C 203 11.72 17.66 11.35
CA ILE C 203 11.19 18.79 10.59
C ILE C 203 9.71 18.59 10.26
N SER C 204 9.31 17.34 10.12
CA SER C 204 7.94 17.04 9.77
C SER C 204 7.01 17.64 10.84
N TYR C 205 7.51 17.88 12.05
CA TYR C 205 6.67 18.42 13.13
C TYR C 205 6.39 19.90 12.97
N VAL C 206 7.20 20.64 12.19
CA VAL C 206 7.02 22.12 12.14
C VAL C 206 6.69 22.60 10.74
N SER C 207 6.90 21.72 9.77
CA SER C 207 6.94 22.25 8.40
C SER C 207 5.70 21.94 7.68
N LYS C 208 5.51 22.67 6.59
CA LYS C 208 4.31 22.47 5.81
C LYS C 208 4.40 21.06 5.22
N GLU C 209 5.30 20.93 4.25
CA GLU C 209 5.44 19.74 3.46
C GLU C 209 6.96 19.46 3.42
N VAL C 210 7.33 18.25 3.79
CA VAL C 210 8.71 17.75 3.73
C VAL C 210 8.83 16.72 2.63
N PHE C 211 9.83 16.87 1.79
CA PHE C 211 10.17 15.86 0.77
C PHE C 211 11.52 15.24 1.11
N LEU C 212 11.64 13.90 0.98
CA LEU C 212 12.93 13.23 1.24
C LEU C 212 13.38 12.50 0.00
N SER C 213 14.45 12.97 -0.59
CA SER C 213 14.97 12.45 -1.85
C SER C 213 16.15 11.49 -1.62
N ARG C 214 15.98 10.28 -2.15
CA ARG C 214 16.99 9.27 -1.96
C ARG C 214 17.27 8.66 -3.28
N LYS C 215 18.54 8.42 -3.56
CA LYS C 215 18.90 7.62 -4.72
C LYS C 215 18.94 6.15 -4.32
N PHE C 224 7.39 6.98 7.62
CA PHE C 224 7.46 8.38 8.10
C PHE C 224 6.09 8.99 8.33
N PRO C 225 6.02 10.12 9.05
CA PRO C 225 4.73 10.80 9.20
C PRO C 225 4.10 11.20 7.87
N ASP C 226 2.81 11.52 7.93
CA ASP C 226 2.02 11.88 6.73
C ASP C 226 2.78 12.94 6.03
N ASN C 227 3.41 13.75 6.85
CA ASN C 227 4.16 14.90 6.45
C ASN C 227 5.25 14.64 5.41
N VAL C 228 5.79 13.44 5.37
CA VAL C 228 7.02 13.22 4.56
C VAL C 228 6.74 12.48 3.28
N THR C 229 6.93 13.12 2.15
CA THR C 229 6.79 12.48 0.85
C THR C 229 8.15 12.06 0.30
N GLU C 230 8.28 10.77 -0.05
CA GLU C 230 9.48 10.20 -0.64
C GLU C 230 9.68 10.61 -2.06
N LYS C 231 10.91 10.89 -2.45
CA LYS C 231 11.22 11.22 -3.85
C LYS C 231 12.41 10.40 -4.26
N PRO C 232 12.52 10.16 -5.55
CA PRO C 232 13.73 9.56 -6.09
C PRO C 232 14.87 10.59 -6.23
N LEU C 233 15.87 10.30 -7.06
CA LEU C 233 17.07 11.11 -7.15
C LEU C 233 16.72 12.54 -7.64
N LEU C 234 17.37 13.53 -7.02
CA LEU C 234 17.24 14.94 -7.48
C LEU C 234 18.18 15.08 -8.66
N THR C 235 17.66 15.51 -9.80
CA THR C 235 18.49 15.67 -10.97
C THR C 235 18.67 17.06 -11.49
N SER C 236 17.82 18.00 -11.11
CA SER C 236 18.22 19.39 -11.34
C SER C 236 17.33 20.30 -10.46
N LEU C 237 17.82 21.51 -10.43
CA LEU C 237 17.25 22.61 -9.64
C LEU C 237 17.05 23.76 -10.63
N SER C 238 15.95 24.48 -10.39
CA SER C 238 15.90 25.82 -11.00
C SER C 238 15.62 26.83 -9.88
N GLU C 239 15.12 28.03 -10.23
CA GLU C 239 15.08 29.11 -9.19
C GLU C 239 14.39 28.72 -7.89
N TYR C 240 13.24 28.09 -7.97
CA TYR C 240 12.49 27.72 -6.77
C TYR C 240 11.92 26.35 -6.83
N THR C 241 12.45 25.50 -7.76
CA THR C 241 11.81 24.28 -8.09
C THR C 241 12.86 23.17 -8.16
N ALA C 242 12.52 22.02 -7.60
CA ALA C 242 13.40 20.85 -7.67
C ALA C 242 12.77 19.85 -8.65
N HIS C 243 13.64 19.18 -9.39
CA HIS C 243 13.26 18.30 -10.54
C HIS C 243 13.89 16.90 -10.21
N PHE C 244 13.05 15.89 -10.28
CA PHE C 244 13.47 14.52 -9.92
C PHE C 244 13.64 13.61 -11.14
N SER C 245 14.43 12.53 -10.96
CA SER C 245 14.71 11.55 -12.02
C SER C 245 13.48 10.87 -12.60
N ASP C 246 12.39 10.87 -11.84
CA ASP C 246 11.05 10.43 -12.26
C ASP C 246 10.24 11.44 -13.08
N GLY C 247 10.90 12.49 -13.59
CA GLY C 247 10.16 13.51 -14.35
C GLY C 247 9.29 14.50 -13.52
N THR C 248 9.02 14.25 -12.24
CA THR C 248 8.18 15.15 -11.38
C THR C 248 8.95 16.34 -10.81
N SER C 249 8.22 17.38 -10.37
CA SER C 249 8.90 18.55 -9.82
C SER C 249 8.06 19.15 -8.67
N THR C 250 8.72 19.78 -7.70
CA THR C 250 7.97 20.38 -6.61
C THR C 250 8.66 21.72 -6.28
N ASP C 251 7.86 22.71 -5.89
CA ASP C 251 8.45 23.98 -5.53
C ASP C 251 8.89 23.90 -4.07
N VAL C 252 10.08 24.42 -3.75
CA VAL C 252 10.56 24.31 -2.38
C VAL C 252 11.22 25.59 -1.94
N ASP C 253 11.14 25.87 -0.64
CA ASP C 253 11.77 27.10 -0.05
C ASP C 253 13.14 26.81 0.50
N GLU C 254 13.38 25.56 0.95
CA GLU C 254 14.62 25.21 1.66
C GLU C 254 15.06 23.85 1.12
N ILE C 255 16.38 23.74 0.89
CA ILE C 255 17.01 22.42 0.66
C ILE C 255 17.98 22.21 1.81
N LEU C 256 17.90 21.00 2.38
CA LEU C 256 18.75 20.58 3.48
C LEU C 256 19.49 19.34 2.96
N TYR C 257 20.81 19.52 2.77
CA TYR C 257 21.61 18.38 2.32
C TYR C 257 22.09 17.49 3.44
N CYS C 258 21.59 16.24 3.47
CA CYS C 258 22.00 15.18 4.46
C CYS C 258 22.78 14.12 3.68
N THR C 259 23.74 14.62 2.92
CA THR C 259 24.52 13.81 1.99
C THR C 259 25.87 13.39 2.62
N GLY C 260 26.02 13.60 3.92
CA GLY C 260 27.26 13.15 4.62
C GLY C 260 28.40 14.13 4.56
N TYR C 261 29.61 13.62 4.87
CA TYR C 261 30.76 14.41 5.18
C TYR C 261 31.96 13.92 4.39
N ARG C 262 32.99 14.74 4.32
CA ARG C 262 34.21 14.27 3.74
C ARG C 262 35.35 14.30 4.76
N TYR C 263 36.42 13.54 4.48
CA TYR C 263 37.59 13.64 5.33
C TYR C 263 38.29 14.92 5.12
N ARG C 264 38.80 15.49 6.22
CA ARG C 264 39.49 16.76 6.17
C ARG C 264 40.40 16.88 7.39
N PHE C 265 41.74 17.05 7.19
CA PHE C 265 42.72 17.15 8.26
C PHE C 265 43.60 18.36 7.93
N PRO C 266 43.14 19.57 8.17
CA PRO C 266 43.88 20.78 7.67
C PRO C 266 45.26 20.92 8.23
N PHE C 267 45.52 20.31 9.38
CA PHE C 267 46.78 20.39 10.04
C PHE C 267 47.85 19.50 9.48
N LEU C 268 47.53 18.55 8.58
CA LEU C 268 48.57 17.61 8.17
C LEU C 268 49.41 18.24 7.08
N SER C 269 50.70 18.42 7.29
CA SER C 269 51.49 19.05 6.23
C SER C 269 51.74 17.97 5.19
N PRO C 270 51.99 18.33 3.92
CA PRO C 270 52.16 17.23 2.94
C PRO C 270 53.29 16.23 3.29
N GLU C 271 54.29 16.74 4.00
CA GLU C 271 55.40 15.87 4.42
C GLU C 271 54.98 14.74 5.34
N CYS C 272 53.80 14.87 5.98
CA CYS C 272 53.33 13.69 6.77
C CYS C 272 53.10 12.46 5.92
N GLY C 273 52.95 12.57 4.58
CA GLY C 273 52.88 11.39 3.71
C GLY C 273 51.47 10.86 3.44
N VAL C 274 50.43 11.61 3.85
CA VAL C 274 49.04 11.12 3.74
C VAL C 274 48.34 11.89 2.62
N THR C 275 47.60 11.20 1.73
CA THR C 275 46.70 11.92 0.82
C THR C 275 45.30 11.79 1.35
N VAL C 276 44.57 12.93 1.39
CA VAL C 276 43.19 12.93 1.92
C VAL C 276 42.25 13.27 0.77
N ASP C 277 41.46 12.32 0.29
CA ASP C 277 40.45 12.56 -0.70
C ASP C 277 39.13 12.58 0.05
N GLU C 278 38.04 12.91 -0.63
CA GLU C 278 36.78 13.05 0.04
C GLU C 278 36.33 11.84 0.86
N LYS C 279 36.54 10.65 0.29
CA LYS C 279 36.11 9.44 1.02
C LYS C 279 37.23 8.42 1.16
N TYR C 280 38.47 8.89 1.03
CA TYR C 280 39.65 7.97 1.05
C TYR C 280 40.83 8.63 1.61
N VAL C 281 41.48 7.98 2.61
CA VAL C 281 42.66 8.48 3.21
C VAL C 281 43.75 7.43 3.02
N TYR C 282 44.88 7.81 2.50
CA TYR C 282 45.83 6.71 2.15
C TYR C 282 47.27 7.23 2.16
N PRO C 283 48.25 6.31 2.36
CA PRO C 283 48.00 4.89 2.49
C PRO C 283 48.01 4.45 3.97
N LEU C 284 46.91 3.88 4.40
CA LEU C 284 46.78 3.44 5.81
C LEU C 284 46.72 1.90 5.73
N TYR C 285 47.37 1.26 6.67
CA TYR C 285 47.11 -0.15 6.88
C TYR C 285 46.01 -0.30 7.93
N LEU C 286 45.04 -1.16 7.59
CA LEU C 286 43.89 -1.48 8.48
C LEU C 286 43.17 -0.23 8.91
N HIS C 287 43.14 0.79 8.06
CA HIS C 287 42.53 2.15 8.42
C HIS C 287 43.20 2.91 9.51
N MET C 288 44.42 2.51 9.94
CA MET C 288 45.04 3.14 11.06
C MET C 288 46.47 3.62 10.79
N LEU C 289 47.33 2.74 10.27
CA LEU C 289 48.78 3.05 10.26
C LEU C 289 49.22 3.77 8.98
N ASN C 290 49.80 4.93 9.14
CA ASN C 290 50.37 5.71 7.97
C ASN C 290 51.59 4.91 7.46
N ILE C 291 51.43 4.24 6.32
CA ILE C 291 52.53 3.31 5.83
C ILE C 291 53.75 4.16 5.53
N ASN C 292 53.56 5.40 5.09
CA ASN C 292 54.73 6.22 4.73
C ASN C 292 55.53 6.74 5.99
N LYS C 293 54.82 6.98 7.12
CA LYS C 293 55.42 7.50 8.34
C LYS C 293 54.72 6.75 9.49
N PRO C 294 55.21 5.54 9.80
CA PRO C 294 54.45 4.61 10.64
C PRO C 294 54.40 4.94 12.13
N THR C 295 54.90 6.10 12.55
CA THR C 295 54.67 6.62 13.90
C THR C 295 53.48 7.59 13.97
N MET C 296 52.82 7.76 12.81
CA MET C 296 51.51 8.46 12.77
C MET C 296 50.45 7.43 12.57
N LEU C 297 49.39 7.44 13.39
CA LEU C 297 48.32 6.50 13.20
C LEU C 297 46.98 7.27 13.39
N PHE C 298 45.89 6.72 12.87
CA PHE C 298 44.59 7.37 12.94
C PHE C 298 43.66 6.41 13.65
N ILE C 299 42.74 6.95 14.43
CA ILE C 299 41.62 6.15 14.98
C ILE C 299 40.36 6.85 14.56
N GLY C 300 39.38 6.09 14.13
CA GLY C 300 38.17 6.79 13.70
C GLY C 300 38.09 7.22 12.28
N VAL C 301 38.99 6.76 11.45
CA VAL C 301 38.86 7.04 9.98
C VAL C 301 37.83 6.03 9.46
N SER C 302 37.86 4.78 9.92
CA SER C 302 36.78 3.80 9.53
C SER C 302 35.48 4.17 10.21
N TYR C 303 34.37 3.70 9.65
CA TYR C 303 33.06 3.98 10.22
C TYR C 303 32.07 2.95 9.70
N ASN C 304 30.84 3.15 10.12
CA ASN C 304 29.71 2.27 9.89
C ASN C 304 30.05 0.88 10.47
N ALA C 305 30.07 0.83 11.78
CA ALA C 305 30.47 -0.35 12.56
C ALA C 305 29.83 -0.23 13.95
N CYS C 306 30.02 -1.26 14.77
CA CYS C 306 29.71 -1.18 16.19
C CYS C 306 30.84 -0.30 16.76
N TYR C 307 30.58 1.01 16.90
CA TYR C 307 31.67 1.95 17.23
C TYR C 307 32.41 1.72 18.58
N SER C 308 31.72 1.32 19.64
CA SER C 308 32.44 1.11 20.92
C SER C 308 33.59 0.06 20.75
N ILE C 309 33.28 -1.07 20.05
CA ILE C 309 34.29 -2.11 19.83
C ILE C 309 35.36 -1.52 18.92
N MET C 310 34.92 -0.79 17.89
CA MET C 310 35.91 -0.26 16.92
C MET C 310 36.91 0.70 17.62
N PHE C 311 36.41 1.61 18.48
CA PHE C 311 37.33 2.52 19.15
C PHE C 311 38.25 1.77 20.09
N ASP C 312 37.64 0.87 20.88
CA ASP C 312 38.45 0.12 21.85
C ASP C 312 39.53 -0.71 21.22
N LEU C 313 39.22 -1.37 20.11
CA LEU C 313 40.25 -2.24 19.49
C LEU C 313 41.25 -1.41 18.67
N GLN C 314 40.81 -0.35 17.99
CA GLN C 314 41.74 0.48 17.30
C GLN C 314 42.77 1.10 18.26
N ALA C 315 42.33 1.53 19.45
CA ALA C 315 43.18 2.21 20.37
C ALA C 315 44.14 1.16 20.93
N GLN C 316 43.66 -0.06 21.20
CA GLN C 316 44.66 -1.06 21.69
C GLN C 316 45.65 -1.47 20.57
N TRP C 317 45.17 -1.53 19.32
CA TRP C 317 46.11 -1.95 18.23
C TRP C 317 47.14 -0.85 18.04
N VAL C 318 46.72 0.42 17.98
CA VAL C 318 47.67 1.54 17.86
C VAL C 318 48.68 1.56 19.00
N THR C 319 48.19 1.32 20.22
CA THR C 319 49.07 1.30 21.39
C THR C 319 50.10 0.14 21.20
N ALA C 320 49.66 -1.04 20.75
CA ALA C 320 50.55 -2.21 20.63
C ALA C 320 51.60 -1.91 19.58
N VAL C 321 51.23 -1.20 18.52
CA VAL C 321 52.24 -0.85 17.50
C VAL C 321 53.28 0.07 18.10
N LEU C 322 52.86 1.09 18.83
CA LEU C 322 53.80 2.01 19.38
C LEU C 322 54.65 1.37 20.46
N ALA C 323 54.12 0.35 21.13
CA ALA C 323 54.82 -0.29 22.27
C ALA C 323 55.74 -1.39 21.71
N GLY C 324 55.72 -1.61 20.41
CA GLY C 324 56.56 -2.63 19.86
C GLY C 324 56.07 -4.06 20.00
N ARG C 325 54.78 -4.21 20.31
CA ARG C 325 54.11 -5.49 20.62
C ARG C 325 53.16 -6.01 19.55
N CYS C 326 53.05 -5.40 18.37
CA CYS C 326 52.09 -5.86 17.40
C CYS C 326 52.74 -6.63 16.23
N THR C 327 52.01 -7.63 15.73
CA THR C 327 52.44 -8.58 14.70
C THR C 327 52.29 -7.97 13.30
N LEU C 328 53.23 -7.10 12.91
CA LEU C 328 53.08 -6.32 11.64
C LEU C 328 53.85 -6.88 10.42
N PRO C 329 53.29 -6.76 9.21
CA PRO C 329 54.13 -7.19 8.08
C PRO C 329 55.00 -6.06 7.57
N ASP C 330 55.86 -6.32 6.54
CA ASP C 330 56.64 -5.14 6.08
C ASP C 330 55.79 -4.18 5.25
N ALA C 331 56.29 -2.97 5.06
CA ALA C 331 55.58 -1.94 4.33
C ALA C 331 55.10 -2.47 2.98
N GLU C 332 55.89 -3.33 2.31
CA GLU C 332 55.46 -3.78 0.98
C GLU C 332 54.21 -4.62 1.08
N THR C 333 54.13 -5.41 2.14
CA THR C 333 53.07 -6.34 2.29
C THR C 333 51.83 -5.46 2.74
N MET C 334 52.09 -4.42 3.51
CA MET C 334 50.92 -3.56 3.97
C MET C 334 50.31 -2.89 2.73
N ARG C 335 51.18 -2.44 1.78
CA ARG C 335 50.64 -1.80 0.52
C ARG C 335 49.89 -2.73 -0.29
N LYS C 336 50.38 -4.00 -0.42
CA LYS C 336 49.65 -4.98 -1.14
C LYS C 336 48.24 -5.29 -0.53
N GLU C 337 48.19 -5.44 0.80
CA GLU C 337 46.95 -5.87 1.43
C GLU C 337 45.94 -4.69 1.37
N GLU C 338 46.45 -3.49 1.51
CA GLU C 338 45.58 -2.24 1.46
C GLU C 338 44.96 -2.22 0.04
N ALA C 339 45.77 -2.36 -1.01
CA ALA C 339 45.23 -2.48 -2.33
C ALA C 339 44.12 -3.53 -2.62
N GLU C 340 44.34 -4.78 -2.11
CA GLU C 340 43.43 -5.85 -2.19
C GLU C 340 42.15 -5.44 -1.46
N TYR C 341 42.31 -4.83 -0.27
CA TYR C 341 41.17 -4.53 0.52
C TYR C 341 40.31 -3.49 -0.26
N MET C 342 40.96 -2.46 -0.78
CA MET C 342 40.21 -1.36 -1.45
C MET C 342 39.59 -1.84 -2.80
N GLU C 343 40.23 -2.82 -3.47
CA GLU C 343 39.55 -3.49 -4.60
C GLU C 343 38.23 -4.18 -4.20
N LYS C 344 38.25 -4.86 -3.04
CA LYS C 344 37.09 -5.49 -2.53
C LYS C 344 36.01 -4.44 -2.10
N GLN C 345 36.44 -3.29 -1.52
CA GLN C 345 35.37 -2.32 -1.21
C GLN C 345 34.67 -1.85 -2.49
N ARG C 346 35.44 -1.62 -3.53
CA ARG C 346 34.80 -1.23 -4.79
C ARG C 346 33.91 -2.34 -5.30
N ALA C 347 34.33 -3.62 -5.19
CA ALA C 347 33.46 -4.70 -5.67
C ALA C 347 32.17 -4.82 -4.88
N GLU C 348 32.19 -4.45 -3.58
CA GLU C 348 31.00 -4.56 -2.71
C GLU C 348 30.19 -3.22 -2.73
N ALA C 349 30.65 -2.24 -3.48
CA ALA C 349 29.99 -0.93 -3.68
C ALA C 349 29.84 -0.19 -2.38
N VAL C 350 30.91 -0.23 -1.59
CA VAL C 350 30.93 0.60 -0.37
C VAL C 350 32.09 1.56 -0.42
N HIS C 351 32.06 2.63 0.39
CA HIS C 351 33.19 3.55 0.35
C HIS C 351 34.44 2.91 1.05
N PRO C 352 35.62 3.41 0.78
CA PRO C 352 36.91 2.85 1.23
C PRO C 352 36.96 2.48 2.69
N HIS C 353 36.36 3.27 3.58
CA HIS C 353 36.66 2.95 5.00
C HIS C 353 35.42 2.44 5.74
N VAL C 354 34.44 1.92 4.99
CA VAL C 354 33.20 1.37 5.56
C VAL C 354 33.38 -0.05 6.03
N LEU C 355 33.17 -0.31 7.34
CA LEU C 355 33.47 -1.65 7.89
C LEU C 355 32.24 -2.59 7.94
N MET C 356 31.02 -2.13 7.69
CA MET C 356 29.81 -2.86 7.95
C MET C 356 29.79 -4.28 7.41
N ASN C 357 30.35 -4.54 6.22
CA ASN C 357 30.12 -5.89 5.73
C ASN C 357 31.04 -6.94 6.36
N HIS C 358 32.18 -6.54 6.90
CA HIS C 358 33.17 -7.45 7.52
C HIS C 358 33.70 -7.05 8.90
N GLN C 359 32.92 -6.28 9.68
CA GLN C 359 33.49 -5.71 10.89
C GLN C 359 33.95 -6.79 11.86
N TRP C 360 33.20 -7.88 11.95
CA TRP C 360 33.54 -8.87 12.97
C TRP C 360 34.82 -9.56 12.63
N GLU C 361 35.05 -9.81 11.37
CA GLU C 361 36.27 -10.45 10.97
C GLU C 361 37.47 -9.46 11.14
N TYR C 362 37.27 -8.22 10.79
CA TYR C 362 38.26 -7.14 11.04
C TYR C 362 38.58 -7.04 12.52
N PHE C 363 37.55 -7.05 13.41
CA PHE C 363 37.84 -6.90 14.83
C PHE C 363 38.61 -8.15 15.33
N LYS C 364 38.23 -9.33 14.86
CA LYS C 364 39.06 -10.54 15.24
C LYS C 364 40.52 -10.35 14.88
N LYS C 365 40.82 -9.77 13.71
CA LYS C 365 42.21 -9.58 13.26
C LYS C 365 42.90 -8.55 14.12
N LEU C 366 42.17 -7.47 14.53
CA LEU C 366 42.82 -6.48 15.39
C LEU C 366 43.13 -7.11 16.78
N GLU C 367 42.23 -7.95 17.29
CA GLU C 367 42.49 -8.61 18.55
C GLU C 367 43.73 -9.50 18.47
N GLU C 368 43.83 -10.29 17.39
CA GLU C 368 44.99 -11.22 17.29
C GLU C 368 46.30 -10.44 17.23
N MET C 369 46.29 -9.33 16.51
CA MET C 369 47.52 -8.57 16.39
C MET C 369 47.93 -7.87 17.64
N SER C 370 47.00 -7.33 18.39
CA SER C 370 47.31 -6.43 19.43
C SER C 370 47.35 -7.10 20.84
N GLY C 371 46.89 -8.33 20.95
CA GLY C 371 46.70 -9.02 22.25
C GLY C 371 45.56 -8.47 23.12
N ALA C 372 44.64 -7.74 22.48
CA ALA C 372 43.45 -7.23 23.17
C ALA C 372 42.65 -8.46 23.69
N LYS C 373 41.93 -8.26 24.82
CA LYS C 373 40.95 -9.27 25.35
C LYS C 373 39.86 -9.49 24.27
N THR C 374 39.50 -10.72 24.09
CA THR C 374 38.44 -11.09 23.12
C THR C 374 37.12 -10.39 23.46
N MET C 375 36.45 -9.87 22.42
CA MET C 375 35.14 -9.20 22.58
C MET C 375 34.09 -10.21 23.00
N PRO C 376 33.18 -9.85 23.94
CA PRO C 376 32.04 -10.76 24.29
C PRO C 376 31.18 -10.99 23.07
N PRO C 377 30.89 -12.24 22.72
CA PRO C 377 30.15 -12.53 21.46
C PRO C 377 28.74 -11.89 21.47
N VAL C 378 28.20 -11.57 22.67
CA VAL C 378 26.82 -10.92 22.75
C VAL C 378 26.85 -9.56 22.05
N TYR C 379 27.96 -8.87 21.95
CA TYR C 379 27.99 -7.59 21.17
C TYR C 379 27.63 -7.85 19.70
N MET C 380 28.20 -8.94 19.16
CA MET C 380 27.89 -9.29 17.75
C MET C 380 26.44 -9.72 17.55
N LYS C 381 25.97 -10.51 18.50
CA LYS C 381 24.71 -11.08 18.36
C LYS C 381 23.65 -9.94 18.52
N MET C 382 23.85 -9.06 19.51
CA MET C 382 22.89 -7.97 19.67
C MET C 382 22.96 -6.96 18.53
N PHE C 383 24.16 -6.56 18.13
CA PHE C 383 24.29 -5.59 17.04
C PHE C 383 23.62 -6.09 15.79
N ASP C 384 23.96 -7.33 15.39
CA ASP C 384 23.35 -7.92 14.22
C ASP C 384 21.80 -8.00 14.35
N ASP C 385 21.25 -8.23 15.52
CA ASP C 385 19.83 -8.17 15.70
C ASP C 385 19.23 -6.78 15.65
N VAL C 386 19.89 -5.79 16.25
CA VAL C 386 19.23 -4.51 16.39
C VAL C 386 19.71 -3.38 15.56
N ALA C 387 20.87 -3.46 14.89
CA ALA C 387 21.43 -2.18 14.42
C ALA C 387 20.65 -1.44 13.29
N SER C 388 20.08 -2.25 12.39
CA SER C 388 19.25 -1.74 11.30
C SER C 388 17.79 -1.40 11.73
N ASP C 389 17.51 -1.39 13.04
CA ASP C 389 16.11 -1.07 13.48
C ASP C 389 15.71 0.37 13.19
N LEU C 390 16.68 1.29 13.09
CA LEU C 390 16.42 2.70 12.69
C LEU C 390 15.76 2.77 11.28
N VAL C 391 16.29 1.94 10.38
CA VAL C 391 15.78 1.73 9.03
C VAL C 391 14.42 1.00 9.07
N LYS C 392 14.37 -0.10 9.81
CA LYS C 392 13.15 -0.97 9.85
C LYS C 392 11.93 -0.40 10.59
N ASP C 393 12.13 0.44 11.61
CA ASP C 393 11.05 0.92 12.44
C ASP C 393 11.45 2.29 13.02
N LEU C 394 11.80 3.19 12.12
CA LEU C 394 12.21 4.52 12.48
C LEU C 394 11.40 5.14 13.60
N GLN C 395 10.08 4.90 13.58
CA GLN C 395 9.24 5.66 14.48
C GLN C 395 9.16 5.02 15.84
N ASN C 396 9.33 3.71 15.91
CA ASN C 396 9.19 3.09 17.24
C ASN C 396 10.37 2.34 17.85
N PHE C 397 11.43 2.08 17.08
CA PHE C 397 12.55 1.25 17.59
C PHE C 397 13.14 1.74 18.93
N ARG C 398 13.07 3.03 19.23
CA ARG C 398 13.74 3.57 20.44
C ARG C 398 12.88 3.22 21.64
N LYS C 399 11.72 2.60 21.42
CA LYS C 399 10.92 2.23 22.58
C LYS C 399 11.41 0.89 23.17
N ASN C 400 12.29 0.21 22.45
CA ASN C 400 12.78 -1.11 22.90
C ASN C 400 13.88 -1.00 23.94
N ASN C 401 13.87 -1.93 24.88
CA ASN C 401 14.90 -1.96 25.97
C ASN C 401 15.50 -3.32 26.04
N TYR C 402 16.80 -3.34 26.29
CA TYR C 402 17.59 -4.59 26.28
C TYR C 402 18.35 -4.76 27.58
N MET C 403 18.74 -6.01 27.91
CA MET C 403 19.64 -6.20 29.05
C MET C 403 20.61 -7.30 28.62
N ILE C 404 21.92 -7.07 28.82
CA ILE C 404 22.89 -8.15 28.66
C ILE C 404 22.83 -9.15 29.81
N ILE C 405 22.69 -10.43 29.54
CA ILE C 405 22.61 -11.44 30.59
C ILE C 405 23.99 -11.93 30.93
N ASP C 406 24.81 -12.24 29.93
CA ASP C 406 26.16 -12.78 30.17
C ASP C 406 26.91 -12.53 28.87
N ASN C 407 28.14 -13.08 28.63
CA ASN C 407 28.91 -12.65 27.49
C ASN C 407 28.39 -13.23 26.19
N GLU C 408 27.39 -14.11 26.25
CA GLU C 408 26.78 -14.71 25.06
C GLU C 408 25.34 -14.30 24.78
N ASN C 409 24.61 -13.87 25.78
CA ASN C 409 23.17 -13.72 25.62
C ASN C 409 22.62 -12.39 26.12
N TYR C 410 21.54 -11.92 25.46
CA TYR C 410 20.83 -10.75 25.94
C TYR C 410 19.34 -11.03 25.91
N LYS C 411 18.58 -10.16 26.57
CA LYS C 411 17.17 -10.19 26.30
C LYS C 411 16.56 -8.81 26.06
N LYS C 412 15.41 -8.82 25.35
CA LYS C 412 14.54 -7.63 25.21
C LYS C 412 13.69 -7.49 26.47
N ILE C 413 13.62 -6.32 27.11
CA ILE C 413 12.85 -6.13 28.36
C ILE C 413 11.53 -5.51 27.92
N TYR C 414 10.49 -5.64 28.76
CA TYR C 414 9.35 -4.66 28.84
C TYR C 414 8.91 -4.36 30.29
N MET D 1 2.14 -21.94 -25.06
CA MET D 1 3.37 -21.41 -25.71
C MET D 1 4.16 -22.47 -26.52
N ARG D 2 3.90 -22.54 -27.82
CA ARG D 2 4.55 -23.54 -28.62
C ARG D 2 5.22 -22.91 -29.89
N ARG D 3 4.45 -22.25 -30.76
N ARG D 3 4.43 -22.21 -30.70
CA ARG D 3 5.00 -21.75 -32.04
CA ARG D 3 4.92 -21.65 -31.96
C ARG D 3 5.42 -20.28 -31.96
C ARG D 3 5.47 -20.24 -31.74
N VAL D 4 6.73 -20.02 -32.15
CA VAL D 4 7.29 -18.69 -31.99
C VAL D 4 7.81 -18.19 -33.35
N ALA D 5 7.37 -17.01 -33.82
CA ALA D 5 7.98 -16.43 -35.03
C ALA D 5 9.11 -15.49 -34.62
N VAL D 6 10.23 -15.51 -35.36
CA VAL D 6 11.36 -14.56 -35.17
C VAL D 6 11.43 -13.78 -36.42
N LEU D 7 11.35 -12.47 -36.28
CA LEU D 7 11.33 -11.63 -37.52
C LEU D 7 12.73 -11.05 -37.74
N GLY D 8 13.46 -11.56 -38.75
CA GLY D 8 14.85 -11.08 -39.00
C GLY D 8 15.84 -12.15 -38.64
N ALA D 9 16.83 -12.35 -39.48
CA ALA D 9 17.92 -13.29 -39.18
C ALA D 9 19.29 -12.62 -39.24
N GLY D 10 19.37 -11.39 -38.70
CA GLY D 10 20.63 -10.83 -38.34
C GLY D 10 21.06 -11.34 -37.03
N PRO D 11 22.07 -10.75 -36.43
CA PRO D 11 22.60 -11.18 -35.11
C PRO D 11 21.47 -11.33 -34.03
N SER D 12 20.54 -10.37 -33.93
CA SER D 12 19.40 -10.49 -32.91
C SER D 12 18.58 -11.73 -33.20
N GLY D 13 18.15 -11.96 -34.46
CA GLY D 13 17.21 -13.02 -34.78
C GLY D 13 17.92 -14.41 -34.67
N LEU D 14 19.17 -14.43 -35.07
CA LEU D 14 19.97 -15.69 -34.98
C LEU D 14 20.18 -16.10 -33.54
N THR D 15 20.48 -15.16 -32.68
CA THR D 15 20.66 -15.43 -31.26
C THR D 15 19.31 -15.84 -30.62
N ALA D 16 18.25 -15.12 -30.97
CA ALA D 16 16.89 -15.55 -30.56
C ALA D 16 16.65 -17.00 -30.97
N ALA D 17 16.87 -17.33 -32.25
CA ALA D 17 16.53 -18.67 -32.71
C ALA D 17 17.38 -19.75 -31.92
N ARG D 18 18.66 -19.48 -31.60
CA ARG D 18 19.50 -20.36 -30.78
C ARG D 18 18.78 -20.75 -29.51
N TYR D 19 18.33 -19.77 -28.74
CA TYR D 19 17.85 -20.04 -27.43
C TYR D 19 16.40 -20.54 -27.47
N LEU D 20 15.62 -20.05 -28.44
CA LEU D 20 14.26 -20.53 -28.55
C LEU D 20 14.29 -22.03 -28.95
N LYS D 21 15.17 -22.38 -29.88
CA LYS D 21 15.34 -23.81 -30.32
C LYS D 21 15.76 -24.66 -29.13
N GLN D 22 16.74 -24.18 -28.40
CA GLN D 22 17.21 -24.88 -27.16
C GLN D 22 16.10 -25.08 -26.11
N ALA D 23 15.19 -24.12 -25.98
CA ALA D 23 14.09 -24.24 -25.04
C ALA D 23 12.99 -25.18 -25.51
N GLY D 24 13.11 -25.75 -26.72
CA GLY D 24 12.06 -26.66 -27.24
C GLY D 24 10.88 -26.03 -27.96
N PHE D 25 10.93 -24.73 -28.29
CA PHE D 25 9.87 -24.10 -29.10
C PHE D 25 9.96 -24.55 -30.55
N GLU D 26 8.82 -24.46 -31.22
CA GLU D 26 8.73 -24.64 -32.63
C GLU D 26 8.95 -23.24 -33.26
N VAL D 27 10.09 -23.04 -33.87
CA VAL D 27 10.55 -21.67 -34.21
C VAL D 27 10.55 -21.53 -35.71
N MET D 28 10.03 -20.39 -36.25
CA MET D 28 10.14 -20.15 -37.65
C MET D 28 10.74 -18.74 -37.76
N VAL D 29 11.85 -18.63 -38.49
CA VAL D 29 12.50 -17.30 -38.61
C VAL D 29 12.19 -16.76 -40.04
N PHE D 30 11.69 -15.53 -40.15
CA PHE D 30 11.45 -15.00 -41.51
C PHE D 30 12.52 -13.95 -41.81
N GLU D 31 13.23 -14.11 -42.92
CA GLU D 31 14.27 -13.11 -43.25
C GLU D 31 14.09 -12.76 -44.72
N ARG D 32 14.08 -11.46 -45.05
CA ARG D 32 13.77 -11.10 -46.42
C ARG D 32 15.02 -11.33 -47.33
N TYR D 33 16.21 -11.37 -46.76
CA TYR D 33 17.42 -11.44 -47.63
C TYR D 33 17.68 -12.89 -47.98
N HIS D 34 18.62 -13.10 -48.93
CA HIS D 34 18.92 -14.51 -49.33
C HIS D 34 20.06 -15.13 -48.54
N HIS D 35 20.53 -14.45 -47.51
CA HIS D 35 21.60 -14.89 -46.67
C HIS D 35 21.30 -14.40 -45.23
N VAL D 36 21.81 -15.14 -44.23
CA VAL D 36 21.65 -14.66 -42.85
C VAL D 36 22.70 -13.64 -42.56
N GLY D 37 22.60 -13.00 -41.36
CA GLY D 37 23.71 -12.15 -40.92
C GLY D 37 23.35 -10.65 -40.92
N GLY D 38 22.13 -10.30 -41.38
CA GLY D 38 21.69 -8.90 -41.18
C GLY D 38 22.54 -7.87 -41.95
N THR D 39 22.84 -6.79 -41.25
CA THR D 39 23.59 -5.65 -41.77
C THR D 39 25.00 -6.05 -42.18
N TRP D 40 25.44 -7.22 -41.77
CA TRP D 40 26.82 -7.62 -42.11
C TRP D 40 26.90 -8.07 -43.57
N ASN D 41 25.78 -8.31 -44.20
CA ASN D 41 25.72 -8.57 -45.67
C ASN D 41 26.00 -7.23 -46.42
N TYR D 42 26.92 -7.26 -47.37
CA TYR D 42 27.14 -6.12 -48.26
C TYR D 42 26.32 -6.36 -49.58
N THR D 43 25.59 -5.32 -50.01
CA THR D 43 24.92 -5.36 -51.30
C THR D 43 25.15 -4.03 -52.04
N ASP D 44 25.37 -4.08 -53.39
CA ASP D 44 25.35 -2.83 -54.14
C ASP D 44 23.97 -2.11 -54.20
N GLU D 45 22.85 -2.80 -53.92
CA GLU D 45 21.55 -2.17 -53.98
C GLU D 45 21.35 -1.23 -52.79
N THR D 46 20.55 -0.19 -53.04
CA THR D 46 20.25 0.78 -51.95
C THR D 46 18.77 1.07 -52.06
N TRP D 47 18.17 1.46 -50.90
CA TRP D 47 16.78 1.91 -50.81
C TRP D 47 15.81 0.79 -51.09
N MET D 48 15.67 0.38 -52.34
CA MET D 48 14.74 -0.70 -52.79
C MET D 48 15.48 -1.67 -53.66
N SER D 49 15.22 -2.93 -53.40
CA SER D 49 15.83 -4.01 -54.19
C SER D 49 15.01 -4.22 -55.46
N GLU D 50 15.66 -4.81 -56.48
CA GLU D 50 14.93 -5.18 -57.67
C GLU D 50 13.92 -6.30 -57.40
N ASP D 51 13.97 -6.93 -56.22
CA ASP D 51 12.93 -7.85 -55.83
C ASP D 51 11.60 -7.25 -55.33
N GLY D 52 11.56 -5.89 -55.27
CA GLY D 52 10.38 -5.19 -54.95
C GLY D 52 10.12 -4.87 -53.47
N ARG D 53 11.13 -5.16 -52.66
CA ARG D 53 11.10 -4.72 -51.22
C ARG D 53 12.32 -3.94 -50.79
N PRO D 54 12.26 -3.27 -49.63
CA PRO D 54 13.32 -2.40 -49.25
C PRO D 54 14.64 -3.11 -49.06
N VAL D 55 15.70 -2.34 -49.14
CA VAL D 55 17.06 -2.82 -48.81
C VAL D 55 17.27 -2.42 -47.40
N TYR D 56 17.56 -3.36 -46.51
CA TYR D 56 17.75 -3.05 -45.09
C TYR D 56 19.17 -2.92 -44.66
N SER D 57 20.13 -3.34 -45.49
CA SER D 57 21.50 -3.25 -45.13
C SER D 57 22.05 -1.85 -45.46
N SER D 58 22.83 -1.31 -44.54
CA SER D 58 23.58 -0.04 -44.79
C SER D 58 25.08 -0.30 -44.79
N MET D 59 25.51 -1.54 -44.98
CA MET D 59 26.94 -1.85 -45.06
C MET D 59 27.60 -1.21 -46.27
N TYR D 60 28.82 -0.75 -46.07
CA TYR D 60 29.57 -0.23 -47.20
C TYR D 60 30.88 -0.96 -47.42
N GLN D 61 31.53 -0.69 -48.56
CA GLN D 61 32.81 -1.35 -48.84
C GLN D 61 33.95 -0.98 -48.00
N ASN D 62 34.85 -1.96 -47.80
CA ASN D 62 36.05 -1.72 -47.01
C ASN D 62 35.82 -1.24 -45.64
N LEU D 63 34.78 -1.77 -44.98
CA LEU D 63 34.51 -1.36 -43.59
C LEU D 63 35.29 -2.32 -42.62
N PHE D 64 35.87 -1.78 -41.56
CA PHE D 64 36.51 -2.64 -40.53
C PHE D 64 35.76 -2.36 -39.26
N VAL D 65 35.58 -3.39 -38.42
CA VAL D 65 34.85 -3.21 -37.15
C VAL D 65 35.41 -2.14 -36.22
N ASN D 66 34.55 -1.56 -35.38
CA ASN D 66 35.00 -0.60 -34.44
C ASN D 66 34.98 -1.10 -32.99
N LEU D 67 34.81 -2.42 -32.81
CA LEU D 67 35.06 -3.19 -31.58
C LEU D 67 35.96 -4.41 -31.94
N PRO D 68 36.94 -4.78 -31.06
CA PRO D 68 37.82 -5.86 -31.40
C PRO D 68 36.95 -7.16 -31.51
N LYS D 69 37.35 -8.09 -32.38
CA LYS D 69 36.60 -9.34 -32.57
C LYS D 69 36.37 -10.10 -31.28
N GLU D 70 37.29 -9.91 -30.32
CA GLU D 70 37.22 -10.61 -29.03
C GLU D 70 35.98 -10.17 -28.29
N LEU D 71 35.52 -8.93 -28.48
CA LEU D 71 34.26 -8.42 -27.84
C LEU D 71 33.04 -8.65 -28.71
N MET D 72 33.24 -8.86 -30.00
CA MET D 72 32.15 -9.15 -30.93
C MET D 72 31.63 -10.58 -30.82
N ALA D 73 32.50 -11.48 -30.38
CA ALA D 73 32.12 -12.89 -30.17
C ALA D 73 31.29 -13.05 -28.96
N PHE D 74 30.32 -13.95 -29.08
CA PHE D 74 29.62 -14.39 -27.82
C PHE D 74 30.64 -15.10 -26.91
N PRO D 75 30.49 -14.97 -25.57
CA PRO D 75 31.36 -15.67 -24.63
C PRO D 75 31.55 -17.18 -24.88
N ASP D 76 30.58 -17.94 -25.36
CA ASP D 76 30.82 -19.35 -25.59
C ASP D 76 30.86 -19.70 -27.04
N PHE D 77 31.15 -18.70 -27.91
CA PHE D 77 31.34 -19.04 -29.32
C PHE D 77 32.45 -18.12 -29.88
N PRO D 78 33.72 -18.55 -29.75
CA PRO D 78 34.81 -17.61 -30.14
C PRO D 78 34.86 -17.49 -31.66
N PHE D 79 35.41 -16.36 -32.05
CA PHE D 79 35.70 -16.16 -33.42
C PHE D 79 36.63 -17.20 -33.90
N HIS D 80 36.52 -17.48 -35.16
CA HIS D 80 37.47 -18.28 -35.92
C HIS D 80 38.89 -17.61 -35.92
N ASP D 81 39.89 -18.43 -36.27
CA ASP D 81 41.26 -17.96 -36.12
C ASP D 81 41.50 -16.95 -37.25
N ILE D 82 41.70 -15.68 -36.90
CA ILE D 82 42.02 -14.67 -37.90
C ILE D 82 42.98 -13.74 -37.17
N GLU D 83 44.13 -13.37 -37.79
CA GLU D 83 45.03 -12.46 -37.08
C GLU D 83 44.42 -11.04 -37.05
N GLY D 84 44.59 -10.32 -35.94
CA GLY D 84 44.12 -8.94 -35.92
C GLY D 84 42.79 -8.92 -35.20
N SER D 85 42.63 -7.97 -34.28
CA SER D 85 41.33 -7.82 -33.57
C SER D 85 40.33 -7.04 -34.42
N TYR D 86 40.77 -6.05 -35.23
CA TYR D 86 39.81 -5.16 -35.87
C TYR D 86 39.57 -5.57 -37.29
N VAL D 87 38.77 -6.64 -37.41
CA VAL D 87 38.62 -7.38 -38.67
C VAL D 87 37.75 -6.69 -39.74
N PRO D 88 37.89 -7.08 -41.03
CA PRO D 88 36.98 -6.60 -42.07
C PRO D 88 35.58 -7.14 -41.88
N SER D 89 34.58 -6.38 -42.34
CA SER D 89 33.19 -6.87 -42.23
C SER D 89 32.91 -8.29 -42.67
N LYS D 90 33.55 -8.79 -43.74
CA LYS D 90 33.22 -10.09 -44.18
C LYS D 90 33.57 -11.13 -43.11
N GLU D 91 34.52 -10.87 -42.17
CA GLU D 91 34.86 -11.88 -41.13
C GLU D 91 33.71 -11.98 -40.15
N VAL D 92 32.95 -10.88 -39.95
CA VAL D 92 31.81 -10.96 -38.99
C VAL D 92 30.67 -11.70 -39.69
N LEU D 93 30.52 -11.47 -40.99
CA LEU D 93 29.52 -12.18 -41.71
C LEU D 93 29.78 -13.67 -41.63
N LYS D 94 31.01 -14.08 -41.79
CA LYS D 94 31.36 -15.50 -41.68
C LYS D 94 31.08 -16.03 -40.26
N TYR D 95 31.41 -15.22 -39.27
CA TYR D 95 31.15 -15.57 -37.90
C TYR D 95 29.69 -15.91 -37.74
N PHE D 96 28.75 -15.06 -38.22
CA PHE D 96 27.33 -15.39 -38.13
C PHE D 96 26.83 -16.58 -39.00
N ASP D 97 27.46 -16.77 -40.16
CA ASP D 97 27.20 -17.99 -40.94
C ASP D 97 27.62 -19.24 -40.15
N ASN D 98 28.80 -19.17 -39.53
CA ASN D 98 29.36 -20.32 -38.72
C ASN D 98 28.51 -20.57 -37.49
N PHE D 99 28.04 -19.48 -36.87
CA PHE D 99 27.10 -19.60 -35.74
C PHE D 99 25.80 -20.33 -36.16
N THR D 100 25.23 -19.97 -37.31
CA THR D 100 23.99 -20.55 -37.83
C THR D 100 24.13 -22.03 -38.00
N ASP D 101 25.22 -22.40 -38.66
CA ASP D 101 25.50 -23.84 -38.87
C ASP D 101 25.80 -24.57 -37.59
N ALA D 102 26.50 -23.96 -36.63
CA ALA D 102 26.98 -24.65 -35.38
C ALA D 102 25.81 -25.00 -34.54
N PHE D 103 24.78 -24.16 -34.53
CA PHE D 103 23.52 -24.43 -33.80
C PHE D 103 22.36 -25.00 -34.59
N ASP D 104 22.65 -25.41 -35.83
CA ASP D 104 21.69 -26.12 -36.65
C ASP D 104 20.39 -25.28 -36.83
N LEU D 105 20.62 -23.96 -37.08
CA LEU D 105 19.46 -23.06 -37.18
C LEU D 105 18.97 -22.88 -38.58
N ARG D 106 19.75 -23.24 -39.59
CA ARG D 106 19.36 -22.97 -40.97
C ARG D 106 18.01 -23.58 -41.37
N LYS D 107 17.64 -24.74 -40.80
CA LYS D 107 16.41 -25.41 -41.17
C LYS D 107 15.20 -24.64 -40.64
N LEU D 108 15.48 -23.68 -39.75
CA LEU D 108 14.35 -22.91 -39.14
C LEU D 108 14.06 -21.63 -39.89
N ILE D 109 14.89 -21.26 -40.82
CA ILE D 109 14.87 -19.91 -41.38
C ILE D 109 14.27 -19.94 -42.76
N LYS D 110 13.23 -19.13 -43.03
CA LYS D 110 12.66 -19.04 -44.34
C LYS D 110 13.28 -17.76 -44.93
N LEU D 111 14.27 -17.94 -45.82
CA LEU D 111 14.92 -16.84 -46.55
C LEU D 111 14.09 -16.32 -47.67
N GLN D 112 14.35 -15.05 -48.03
CA GLN D 112 13.58 -14.36 -49.06
C GLN D 112 12.07 -14.37 -48.71
N HIS D 113 11.77 -14.16 -47.42
CA HIS D 113 10.40 -13.96 -46.94
C HIS D 113 10.31 -12.61 -46.24
N HIS D 114 9.53 -11.68 -46.78
CA HIS D 114 9.47 -10.30 -46.29
C HIS D 114 8.18 -10.21 -45.47
N VAL D 115 8.36 -9.81 -44.20
CA VAL D 115 7.20 -9.65 -43.31
C VAL D 115 6.50 -8.35 -43.65
N GLU D 116 5.18 -8.46 -43.90
CA GLU D 116 4.36 -7.33 -44.34
C GLU D 116 3.40 -6.84 -43.24
N ASN D 117 2.94 -7.74 -42.38
CA ASN D 117 2.00 -7.40 -41.32
C ASN D 117 2.05 -8.36 -40.17
N VAL D 118 1.80 -7.83 -38.95
CA VAL D 118 1.71 -8.60 -37.74
C VAL D 118 0.48 -8.02 -37.05
N ARG D 119 -0.43 -8.85 -36.65
CA ARG D 119 -1.54 -8.31 -35.81
C ARG D 119 -1.89 -9.34 -34.75
N PRO D 120 -2.50 -8.90 -33.63
CA PRO D 120 -2.82 -9.94 -32.65
C PRO D 120 -4.06 -10.75 -33.02
N CYS D 121 -4.08 -12.01 -32.56
CA CYS D 121 -5.30 -12.83 -32.54
C CYS D 121 -5.23 -13.74 -31.28
N GLU D 122 -6.17 -13.44 -30.36
CA GLU D 122 -6.16 -13.75 -28.90
C GLU D 122 -4.87 -13.37 -28.21
N SER D 123 -4.30 -14.34 -27.50
CA SER D 123 -2.97 -14.20 -26.88
C SER D 123 -1.84 -14.44 -27.89
N GLY D 124 -2.20 -14.71 -29.15
CA GLY D 124 -1.25 -15.03 -30.23
C GLY D 124 -1.26 -13.96 -31.33
N TRP D 125 -0.94 -14.38 -32.53
CA TRP D 125 -0.53 -13.46 -33.65
C TRP D 125 -0.76 -14.07 -34.99
N LEU D 126 -1.08 -13.21 -35.95
CA LEU D 126 -1.14 -13.56 -37.37
C LEU D 126 0.06 -12.76 -38.01
N VAL D 127 0.95 -13.46 -38.69
CA VAL D 127 2.07 -12.86 -39.37
C VAL D 127 1.89 -13.07 -40.86
N THR D 128 1.89 -11.96 -41.61
CA THR D 128 1.66 -12.06 -43.05
C THR D 128 2.99 -11.80 -43.73
N VAL D 129 3.33 -12.66 -44.66
CA VAL D 129 4.63 -12.57 -45.28
C VAL D 129 4.53 -12.81 -46.76
N THR D 130 5.45 -12.24 -47.53
CA THR D 130 5.45 -12.55 -48.97
C THR D 130 6.68 -13.40 -49.26
N ASP D 131 6.50 -14.54 -49.98
CA ASP D 131 7.61 -15.38 -50.39
C ASP D 131 8.08 -14.71 -51.66
N LEU D 132 9.29 -14.14 -51.66
CA LEU D 132 9.71 -13.22 -52.72
C LEU D 132 10.13 -14.12 -53.96
N THR D 133 10.33 -15.39 -53.75
CA THR D 133 10.67 -16.24 -54.95
C THR D 133 9.48 -16.51 -55.84
N THR D 134 8.26 -16.35 -55.32
CA THR D 134 7.03 -16.69 -56.04
C THR D 134 6.11 -15.49 -56.03
N MET D 135 6.46 -14.46 -55.22
CA MET D 135 5.58 -13.30 -54.86
C MET D 135 4.19 -13.71 -54.26
N VAL D 136 4.03 -14.95 -53.84
CA VAL D 136 2.82 -15.35 -53.10
C VAL D 136 2.83 -14.85 -51.63
N GLU D 137 1.70 -14.37 -51.16
CA GLU D 137 1.55 -13.89 -49.76
C GLU D 137 1.00 -15.01 -48.97
N HIS D 138 1.56 -15.25 -47.78
CA HIS D 138 1.07 -16.29 -46.89
C HIS D 138 0.89 -15.66 -45.49
N SER D 139 -0.14 -16.06 -44.76
CA SER D 139 -0.33 -15.71 -43.34
C SER D 139 -0.25 -16.94 -42.46
N PHE D 140 0.38 -16.80 -41.30
CA PHE D 140 0.73 -17.92 -40.42
C PHE D 140 0.37 -17.52 -39.04
N GLU D 141 -0.01 -18.48 -38.23
CA GLU D 141 -0.47 -18.13 -36.88
C GLU D 141 0.60 -18.57 -35.91
N PHE D 142 0.84 -17.78 -34.84
CA PHE D 142 1.88 -18.08 -33.86
C PHE D 142 1.40 -17.71 -32.44
N ASP D 143 2.03 -18.31 -31.44
CA ASP D 143 1.67 -17.97 -30.09
C ASP D 143 2.49 -16.79 -29.60
N ALA D 144 3.67 -16.53 -30.22
CA ALA D 144 4.53 -15.47 -29.75
C ALA D 144 5.31 -14.95 -30.96
N VAL D 145 5.72 -13.71 -30.86
CA VAL D 145 6.54 -13.08 -31.92
C VAL D 145 7.71 -12.31 -31.32
N VAL D 146 8.91 -12.57 -31.86
CA VAL D 146 10.12 -11.87 -31.41
C VAL D 146 10.62 -11.02 -32.60
N VAL D 147 10.57 -9.72 -32.41
CA VAL D 147 10.86 -8.78 -33.50
C VAL D 147 12.35 -8.37 -33.45
N CYS D 148 13.08 -8.65 -34.56
CA CYS D 148 14.57 -8.51 -34.61
C CYS D 148 14.93 -7.91 -35.94
N THR D 149 14.27 -6.81 -36.32
CA THR D 149 14.41 -6.32 -37.70
C THR D 149 15.32 -5.10 -37.80
N GLY D 150 15.91 -4.66 -36.70
CA GLY D 150 17.05 -3.67 -36.72
C GLY D 150 16.53 -2.24 -36.85
N GLN D 151 17.46 -1.33 -36.76
CA GLN D 151 17.07 0.09 -36.86
C GLN D 151 18.26 0.87 -37.40
N THR D 152 18.94 0.29 -38.41
CA THR D 152 19.93 1.12 -39.18
C THR D 152 19.65 1.21 -40.69
N TRP D 153 18.38 1.39 -41.01
CA TRP D 153 17.94 1.41 -42.43
C TRP D 153 17.01 2.54 -42.79
N CYS D 154 16.24 3.06 -41.83
CA CYS D 154 15.24 4.14 -42.09
C CYS D 154 15.90 5.47 -41.63
N PRO D 155 16.22 6.37 -42.58
CA PRO D 155 17.10 7.48 -42.28
C PRO D 155 16.42 8.55 -41.41
N LEU D 156 17.22 9.18 -40.56
CA LEU D 156 16.79 10.44 -39.94
C LEU D 156 17.58 11.57 -40.61
N TYR D 157 16.84 12.62 -41.00
CA TYR D 157 17.42 13.82 -41.62
C TYR D 157 17.13 15.02 -40.67
N PRO D 158 18.08 15.91 -40.47
CA PRO D 158 17.80 17.06 -39.59
C PRO D 158 16.95 18.01 -40.39
N ASP D 159 16.13 18.86 -39.83
CA ASP D 159 15.56 19.86 -40.76
C ASP D 159 16.42 21.08 -40.69
N VAL D 160 16.79 21.56 -41.86
CA VAL D 160 17.68 22.69 -41.96
C VAL D 160 16.97 23.78 -42.81
N GLU D 161 17.00 25.05 -42.35
CA GLU D 161 16.40 26.13 -43.14
C GLU D 161 16.95 26.17 -44.55
N GLY D 162 16.01 26.31 -45.48
CA GLY D 162 16.35 26.39 -46.89
C GLY D 162 16.77 25.05 -47.52
N ARG D 163 16.65 23.92 -46.82
CA ARG D 163 17.03 22.66 -47.45
C ARG D 163 16.38 22.47 -48.80
N SER D 164 15.16 22.91 -48.96
CA SER D 164 14.52 22.64 -50.19
C SER D 164 15.02 23.52 -51.35
N PHE D 165 15.90 24.51 -51.06
CA PHE D 165 16.55 25.23 -52.18
C PHE D 165 17.84 24.58 -52.66
N PHE D 166 18.36 23.59 -51.95
CA PHE D 166 19.66 23.01 -52.37
C PHE D 166 19.53 22.18 -53.64
N ARG D 167 20.46 22.39 -54.57
CA ARG D 167 20.29 21.73 -55.91
C ARG D 167 21.41 20.75 -56.19
N GLY D 168 22.33 20.64 -55.24
CA GLY D 168 23.38 19.57 -55.36
C GLY D 168 22.82 18.20 -55.02
N ARG D 169 23.73 17.20 -54.94
CA ARG D 169 23.28 15.81 -54.67
C ARG D 169 23.18 15.64 -53.19
N LEU D 170 22.07 15.21 -52.66
CA LEU D 170 21.94 15.11 -51.20
C LEU D 170 21.73 13.60 -50.94
N THR D 171 22.53 12.98 -50.07
CA THR D 171 22.39 11.54 -49.81
C THR D 171 22.46 11.33 -48.33
N HIS D 172 22.07 10.11 -47.94
CA HIS D 172 22.14 9.69 -46.52
C HIS D 172 23.13 8.58 -46.36
N ALA D 173 23.70 8.42 -45.16
CA ALA D 173 24.58 7.30 -44.85
C ALA D 173 24.04 5.93 -45.29
N HIS D 174 22.73 5.70 -45.30
CA HIS D 174 22.13 4.41 -45.66
C HIS D 174 22.65 3.99 -47.02
N GLU D 175 22.74 4.96 -47.94
CA GLU D 175 23.04 4.55 -49.33
C GLU D 175 24.53 4.66 -49.63
N PHE D 176 25.33 4.98 -48.62
CA PHE D 176 26.76 5.09 -48.90
C PHE D 176 27.30 3.67 -49.15
N ARG D 177 27.99 3.46 -50.26
CA ARG D 177 28.63 2.16 -50.56
C ARG D 177 30.11 2.21 -50.83
N SER D 178 30.57 3.29 -51.40
CA SER D 178 31.98 3.52 -51.56
C SER D 178 32.14 5.04 -51.81
N PRO D 179 33.37 5.51 -51.79
CA PRO D 179 33.57 6.90 -52.07
C PRO D 179 33.46 7.32 -53.54
N GLU D 180 33.34 6.35 -54.48
CA GLU D 180 33.35 6.67 -55.91
C GLU D 180 32.56 7.90 -56.37
N PRO D 181 31.28 8.04 -55.96
CA PRO D 181 30.48 9.15 -56.49
C PRO D 181 30.98 10.50 -55.97
N PHE D 182 31.86 10.51 -54.97
CA PHE D 182 32.36 11.74 -54.38
C PHE D 182 33.68 12.24 -54.95
N ARG D 183 34.17 11.48 -55.95
CA ARG D 183 35.50 11.82 -56.50
C ARG D 183 35.54 13.26 -57.04
N ASN D 184 36.55 14.03 -56.64
CA ASN D 184 36.76 15.39 -57.12
C ASN D 184 35.60 16.34 -56.78
N LYS D 185 34.78 15.98 -55.81
CA LYS D 185 33.64 16.82 -55.41
C LYS D 185 33.95 17.59 -54.14
N ARG D 186 33.26 18.72 -53.95
CA ARG D 186 33.33 19.38 -52.64
C ARG D 186 32.12 18.86 -51.79
N VAL D 187 32.40 18.26 -50.64
CA VAL D 187 31.41 17.45 -49.95
C VAL D 187 31.24 17.95 -48.56
N LEU D 188 29.99 18.14 -48.12
CA LEU D 188 29.74 18.45 -46.69
C LEU D 188 29.11 17.21 -46.11
N ILE D 189 29.74 16.76 -45.02
CA ILE D 189 29.15 15.61 -44.31
C ILE D 189 28.51 16.19 -43.05
N VAL D 190 27.23 15.87 -42.82
CA VAL D 190 26.51 16.37 -41.60
C VAL D 190 26.43 15.25 -40.58
N GLY D 191 27.07 15.43 -39.43
CA GLY D 191 26.98 14.43 -38.34
C GLY D 191 28.32 13.77 -38.20
N ALA D 192 28.86 13.80 -36.99
CA ALA D 192 30.24 13.30 -36.72
C ALA D 192 30.25 12.13 -35.75
N GLY D 193 29.23 11.26 -35.81
CA GLY D 193 29.32 9.94 -35.19
C GLY D 193 30.21 8.97 -36.02
N PRO D 194 30.02 7.65 -35.81
CA PRO D 194 30.89 6.66 -36.45
C PRO D 194 30.71 6.71 -37.98
N SER D 195 29.51 7.02 -38.46
CA SER D 195 29.35 7.00 -39.97
C SER D 195 30.09 8.26 -40.52
N GLY D 196 29.82 9.37 -39.86
CA GLY D 196 30.32 10.63 -40.43
C GLY D 196 31.82 10.55 -40.33
N HIS D 197 32.36 10.03 -39.23
CA HIS D 197 33.85 10.02 -39.11
C HIS D 197 34.49 9.05 -40.12
N ASP D 198 33.97 7.83 -40.20
CA ASP D 198 34.53 6.90 -41.17
C ASP D 198 34.29 7.30 -42.65
N MET D 199 33.06 7.76 -42.97
CA MET D 199 32.81 8.25 -44.33
C MET D 199 33.63 9.46 -44.67
N ALA D 200 33.88 10.36 -43.72
CA ALA D 200 34.77 11.50 -43.98
C ALA D 200 36.15 10.98 -44.32
N LEU D 201 36.65 10.01 -43.57
CA LEU D 201 37.93 9.40 -43.93
C LEU D 201 37.98 8.77 -45.30
N HIS D 202 36.99 7.94 -45.63
CA HIS D 202 36.97 7.29 -46.96
C HIS D 202 36.85 8.28 -48.10
N ILE D 203 36.01 9.29 -47.88
CA ILE D 203 35.80 10.31 -48.91
C ILE D 203 37.03 11.18 -49.06
N SER D 204 37.77 11.45 -47.99
CA SER D 204 38.94 12.36 -47.99
C SER D 204 39.99 11.87 -49.00
N TYR D 205 39.99 10.55 -49.31
CA TYR D 205 40.96 10.05 -50.28
C TYR D 205 40.57 10.26 -51.72
N VAL D 206 39.36 10.70 -52.02
CA VAL D 206 38.94 10.82 -53.42
C VAL D 206 38.58 12.25 -53.72
N SER D 207 38.39 13.03 -52.69
CA SER D 207 37.56 14.28 -52.94
C SER D 207 38.40 15.47 -52.93
N LYS D 208 37.80 16.54 -53.46
CA LYS D 208 38.55 17.80 -53.48
C LYS D 208 38.67 18.38 -52.00
N GLU D 209 37.54 18.66 -51.38
CA GLU D 209 37.57 19.12 -50.03
C GLU D 209 36.36 18.54 -49.38
N VAL D 210 36.56 18.12 -48.12
CA VAL D 210 35.48 17.51 -47.35
C VAL D 210 35.36 18.45 -46.18
N PHE D 211 34.12 18.72 -45.77
CA PHE D 211 33.73 19.58 -44.62
C PHE D 211 32.89 18.66 -43.77
N LEU D 212 33.15 18.61 -42.45
CA LEU D 212 32.42 17.71 -41.57
C LEU D 212 31.83 18.63 -40.52
N SER D 213 30.51 18.66 -40.43
CA SER D 213 29.80 19.61 -39.57
C SER D 213 29.21 18.86 -38.38
N ARG D 214 29.54 19.33 -37.18
CA ARG D 214 29.06 18.65 -35.95
C ARG D 214 28.39 19.76 -35.13
N LYS D 215 27.30 19.44 -34.43
CA LYS D 215 26.68 20.48 -33.58
C LYS D 215 27.45 20.61 -32.27
N PHE D 224 41.67 14.34 -39.15
CA PHE D 224 41.55 13.65 -40.45
C PHE D 224 42.57 14.24 -41.41
N PRO D 225 42.68 13.71 -42.62
CA PRO D 225 43.60 14.35 -43.52
C PRO D 225 43.46 15.86 -43.60
N ASP D 226 44.52 16.46 -44.12
CA ASP D 226 44.61 17.87 -44.47
C ASP D 226 43.34 18.43 -45.12
N ASN D 227 42.71 17.64 -45.98
CA ASN D 227 41.50 18.12 -46.65
C ASN D 227 40.16 17.75 -45.94
N VAL D 228 40.17 17.43 -44.62
CA VAL D 228 38.88 17.44 -43.89
C VAL D 228 38.75 18.63 -42.96
N THR D 229 37.88 19.60 -43.28
CA THR D 229 37.77 20.81 -42.51
C THR D 229 36.58 20.70 -41.59
N GLU D 230 36.79 20.94 -40.29
CA GLU D 230 35.71 20.97 -39.31
C GLU D 230 34.86 22.20 -39.48
N LYS D 231 33.56 22.05 -39.32
CA LYS D 231 32.58 23.17 -39.36
C LYS D 231 31.70 23.02 -38.15
N PRO D 232 31.13 24.15 -37.71
CA PRO D 232 30.14 23.97 -36.67
C PRO D 232 28.75 23.66 -37.25
N LEU D 233 27.71 23.96 -36.51
CA LEU D 233 26.36 23.64 -36.91
C LEU D 233 25.90 24.22 -38.32
N LEU D 234 25.31 23.38 -39.16
CA LEU D 234 24.75 23.82 -40.44
C LEU D 234 23.47 24.55 -40.11
N THR D 235 23.44 25.85 -40.41
CA THR D 235 22.18 26.62 -40.18
C THR D 235 21.31 26.98 -41.37
N SER D 236 21.82 26.94 -42.62
CA SER D 236 20.94 27.11 -43.74
C SER D 236 21.64 26.55 -45.01
N LEU D 237 20.80 26.27 -45.99
CA LEU D 237 21.29 25.89 -47.34
C LEU D 237 20.71 26.86 -48.36
N SER D 238 21.50 27.12 -49.40
CA SER D 238 20.96 27.71 -50.62
C SER D 238 21.29 26.86 -51.81
N GLU D 239 21.14 27.38 -53.03
CA GLU D 239 21.17 26.48 -54.18
C GLU D 239 22.45 25.63 -54.21
N TYR D 240 23.64 26.18 -53.93
CA TYR D 240 24.85 25.38 -53.97
C TYR D 240 25.81 25.71 -52.84
N THR D 241 25.28 26.28 -51.74
CA THR D 241 26.13 26.80 -50.70
C THR D 241 25.54 26.39 -49.37
N ALA D 242 26.43 25.97 -48.46
CA ALA D 242 26.04 25.65 -47.12
C ALA D 242 26.50 26.81 -46.26
N HIS D 243 25.65 27.15 -45.25
CA HIS D 243 25.93 28.28 -44.38
C HIS D 243 25.88 27.81 -42.93
N PHE D 244 26.79 28.30 -42.12
CA PHE D 244 26.99 27.72 -40.75
C PHE D 244 26.78 28.79 -39.67
N SER D 245 26.70 28.30 -38.44
CA SER D 245 26.39 29.16 -37.26
C SER D 245 27.49 30.15 -36.92
N ASP D 246 28.74 29.87 -37.34
CA ASP D 246 29.79 30.84 -37.12
C ASP D 246 29.77 31.89 -38.20
N GLY D 247 28.72 31.90 -39.01
CA GLY D 247 28.59 32.87 -40.13
C GLY D 247 29.35 32.64 -41.48
N THR D 248 30.12 31.56 -41.53
CA THR D 248 30.91 31.22 -42.74
C THR D 248 29.96 30.49 -43.71
N SER D 249 30.40 30.40 -44.96
CA SER D 249 29.64 29.62 -45.95
C SER D 249 30.67 28.89 -46.84
N THR D 250 30.22 27.81 -47.43
CA THR D 250 31.10 27.05 -48.35
C THR D 250 30.29 26.50 -49.50
N ASP D 251 30.79 26.63 -50.70
CA ASP D 251 30.08 26.03 -51.81
C ASP D 251 30.33 24.54 -51.78
N VAL D 252 29.26 23.77 -52.00
CA VAL D 252 29.40 22.30 -52.05
C VAL D 252 28.54 21.68 -53.14
N ASP D 253 29.08 20.56 -53.68
CA ASP D 253 28.43 19.78 -54.75
C ASP D 253 27.53 18.68 -54.15
N GLU D 254 27.91 18.22 -52.93
CA GLU D 254 27.36 16.93 -52.40
C GLU D 254 27.12 17.22 -50.91
N ILE D 255 25.96 16.78 -50.36
CA ILE D 255 25.83 16.81 -48.88
C ILE D 255 25.42 15.38 -48.53
N LEU D 256 26.16 14.86 -47.58
CA LEU D 256 25.93 13.47 -47.10
C LEU D 256 25.50 13.57 -45.64
N TYR D 257 24.27 13.16 -45.40
CA TYR D 257 23.72 13.20 -43.99
C TYR D 257 24.14 11.87 -43.27
N CYS D 258 24.96 12.01 -42.25
CA CYS D 258 25.36 10.93 -41.31
C CYS D 258 24.75 11.26 -39.95
N THR D 259 23.45 11.50 -39.99
CA THR D 259 22.71 11.99 -38.85
C THR D 259 21.95 10.84 -38.18
N GLY D 260 22.29 9.61 -38.55
CA GLY D 260 21.68 8.45 -37.92
C GLY D 260 20.39 7.98 -38.55
N TYR D 261 19.63 7.19 -37.76
CA TYR D 261 18.51 6.43 -38.27
C TYR D 261 17.31 6.54 -37.28
N ARG D 262 16.10 6.23 -37.74
CA ARG D 262 14.97 6.21 -36.85
C ARG D 262 14.42 4.82 -36.79
N TYR D 263 13.68 4.52 -35.73
CA TYR D 263 12.90 3.31 -35.63
C TYR D 263 11.81 3.27 -36.63
N ARG D 264 11.62 2.05 -37.19
CA ARG D 264 10.58 1.87 -38.22
C ARG D 264 10.25 0.44 -38.30
N PHE D 265 8.99 0.09 -38.07
CA PHE D 265 8.49 -1.31 -38.10
C PHE D 265 7.15 -1.29 -38.85
N PRO D 266 7.20 -1.19 -40.19
CA PRO D 266 6.02 -0.95 -41.04
C PRO D 266 4.96 -2.03 -40.85
N PHE D 267 5.41 -3.24 -40.55
CA PHE D 267 4.53 -4.36 -40.37
C PHE D 267 3.72 -4.38 -39.03
N LEU D 268 4.02 -3.50 -38.09
CA LEU D 268 3.30 -3.55 -36.86
C LEU D 268 1.96 -2.83 -36.95
N SER D 269 0.91 -3.56 -36.87
CA SER D 269 -0.39 -2.83 -36.97
C SER D 269 -0.60 -2.14 -35.63
N PRO D 270 -1.35 -1.01 -35.58
CA PRO D 270 -1.50 -0.26 -34.33
C PRO D 270 -2.09 -1.14 -33.21
N GLU D 271 -2.84 -2.12 -33.60
CA GLU D 271 -3.46 -3.12 -32.69
C GLU D 271 -2.39 -3.90 -31.88
N CYS D 272 -1.12 -3.90 -32.35
CA CYS D 272 -0.17 -4.71 -31.58
C CYS D 272 0.15 -3.98 -30.28
N GLY D 273 -0.30 -2.75 -30.16
CA GLY D 273 -0.13 -1.96 -28.98
C GLY D 273 1.20 -1.26 -28.78
N VAL D 274 2.06 -1.23 -29.82
CA VAL D 274 3.35 -0.57 -29.79
C VAL D 274 3.28 0.81 -30.47
N THR D 275 3.77 1.87 -29.86
CA THR D 275 3.95 3.17 -30.55
C THR D 275 5.39 3.43 -30.92
N VAL D 276 5.60 3.76 -32.18
CA VAL D 276 6.97 3.90 -32.67
C VAL D 276 7.25 5.35 -33.06
N ASP D 277 8.10 6.02 -32.32
CA ASP D 277 8.49 7.38 -32.62
C ASP D 277 9.90 7.27 -33.19
N GLU D 278 10.49 8.38 -33.58
CA GLU D 278 11.78 8.34 -34.24
C GLU D 278 12.89 7.65 -33.39
N LYS D 279 12.93 7.97 -32.09
CA LYS D 279 13.96 7.43 -31.18
C LYS D 279 13.36 6.76 -29.95
N TYR D 280 12.11 6.38 -30.01
CA TYR D 280 11.42 5.81 -28.86
C TYR D 280 10.35 4.81 -29.26
N VAL D 281 10.45 3.60 -28.73
CA VAL D 281 9.44 2.53 -29.00
C VAL D 281 8.87 2.25 -27.64
N TYR D 282 7.53 2.19 -27.57
CA TYR D 282 6.93 2.00 -26.24
C TYR D 282 5.57 1.36 -26.28
N PRO D 283 5.12 0.71 -25.19
CA PRO D 283 5.81 0.58 -23.93
C PRO D 283 6.46 -0.81 -23.82
N LEU D 284 7.78 -0.78 -23.77
CA LEU D 284 8.60 -1.97 -23.63
C LEU D 284 9.19 -2.11 -22.25
N TYR D 285 9.07 -3.28 -21.64
CA TYR D 285 9.80 -3.43 -20.37
C TYR D 285 11.24 -3.90 -20.68
N LEU D 286 12.23 -3.12 -20.16
CA LEU D 286 13.69 -3.43 -20.26
C LEU D 286 14.06 -3.53 -21.78
N HIS D 287 13.42 -2.67 -22.57
CA HIS D 287 13.67 -2.60 -24.06
C HIS D 287 13.21 -3.84 -24.80
N MET D 288 12.47 -4.77 -24.21
CA MET D 288 12.14 -6.01 -24.87
C MET D 288 10.67 -6.33 -24.89
N LEU D 289 10.01 -6.26 -23.71
CA LEU D 289 8.71 -6.90 -23.60
C LEU D 289 7.58 -5.86 -23.89
N ASN D 290 6.74 -6.16 -24.87
CA ASN D 290 5.52 -5.32 -25.19
C ASN D 290 4.54 -5.43 -23.97
N ILE D 291 4.47 -4.38 -23.17
CA ILE D 291 3.73 -4.44 -21.87
C ILE D 291 2.23 -4.62 -22.24
N ASN D 292 1.79 -3.99 -23.35
CA ASN D 292 0.37 -4.15 -23.86
C ASN D 292 0.02 -5.55 -24.36
N LYS D 293 0.97 -6.27 -24.95
CA LYS D 293 0.67 -7.55 -25.51
C LYS D 293 1.93 -8.48 -25.27
N PRO D 294 2.04 -9.11 -24.09
CA PRO D 294 3.33 -9.56 -23.64
C PRO D 294 3.86 -10.86 -24.26
N THR D 295 3.21 -11.39 -25.28
CA THR D 295 3.83 -12.43 -26.09
C THR D 295 4.48 -11.82 -27.34
N MET D 296 4.51 -10.51 -27.46
CA MET D 296 5.43 -9.90 -28.46
C MET D 296 6.64 -9.35 -27.74
N LEU D 297 7.88 -9.68 -28.20
CA LEU D 297 9.04 -9.10 -27.56
C LEU D 297 10.01 -8.63 -28.67
N PHE D 298 10.89 -7.73 -28.29
CA PHE D 298 11.87 -7.14 -29.24
C PHE D 298 13.29 -7.50 -28.77
N ILE D 299 14.22 -7.76 -29.72
CA ILE D 299 15.64 -7.85 -29.36
C ILE D 299 16.33 -6.88 -30.29
N GLY D 300 17.28 -6.14 -29.73
CA GLY D 300 18.04 -5.18 -30.53
C GLY D 300 17.39 -3.82 -30.78
N VAL D 301 16.35 -3.44 -29.97
CA VAL D 301 15.83 -2.09 -29.96
C VAL D 301 16.82 -1.21 -29.16
N SER D 302 17.38 -1.70 -28.02
CA SER D 302 18.50 -0.97 -27.39
C SER D 302 19.80 -1.04 -28.18
N TYR D 303 20.63 -0.02 -27.99
CA TYR D 303 21.85 0.08 -28.70
C TYR D 303 22.86 0.90 -27.95
N ASN D 304 24.03 1.12 -28.60
CA ASN D 304 25.24 1.70 -27.98
C ASN D 304 25.63 0.95 -26.68
N ALA D 305 26.18 -0.25 -26.87
CA ALA D 305 26.46 -1.20 -25.76
C ALA D 305 27.42 -2.23 -26.29
N CYS D 306 27.87 -3.14 -25.42
CA CYS D 306 28.64 -4.31 -25.82
C CYS D 306 27.57 -5.25 -26.51
N TYR D 307 27.43 -5.19 -27.84
CA TYR D 307 26.33 -5.84 -28.56
C TYR D 307 26.28 -7.31 -28.37
N SER D 308 27.45 -7.95 -28.34
CA SER D 308 27.43 -9.42 -28.22
C SER D 308 26.73 -9.89 -26.96
N ILE D 309 27.07 -9.27 -25.83
CA ILE D 309 26.49 -9.59 -24.52
C ILE D 309 25.04 -9.14 -24.55
N MET D 310 24.78 -8.01 -25.23
CA MET D 310 23.38 -7.53 -25.23
C MET D 310 22.49 -8.55 -26.00
N PHE D 311 22.92 -9.04 -27.15
CA PHE D 311 22.10 -9.90 -27.92
C PHE D 311 21.89 -11.22 -27.18
N ASP D 312 23.00 -11.79 -26.71
CA ASP D 312 22.94 -13.08 -25.97
C ASP D 312 22.03 -12.98 -24.74
N LEU D 313 22.11 -11.91 -23.97
CA LEU D 313 21.30 -11.80 -22.75
C LEU D 313 19.84 -11.51 -23.09
N GLN D 314 19.61 -10.57 -24.04
CA GLN D 314 18.25 -10.35 -24.45
C GLN D 314 17.59 -11.60 -24.99
N ALA D 315 18.30 -12.40 -25.81
CA ALA D 315 17.67 -13.61 -26.30
C ALA D 315 17.37 -14.56 -25.14
N GLN D 316 18.29 -14.72 -24.18
CA GLN D 316 18.00 -15.67 -23.07
C GLN D 316 16.86 -15.14 -22.20
N TRP D 317 16.77 -13.84 -22.03
CA TRP D 317 15.59 -13.27 -21.24
C TRP D 317 14.28 -13.46 -21.92
N VAL D 318 14.22 -13.13 -23.23
CA VAL D 318 13.04 -13.38 -24.04
C VAL D 318 12.61 -14.85 -23.93
N THR D 319 13.57 -15.78 -24.07
CA THR D 319 13.29 -17.17 -24.02
C THR D 319 12.77 -17.52 -22.60
N ALA D 320 13.38 -16.97 -21.58
CA ALA D 320 12.99 -17.35 -20.18
C ALA D 320 11.56 -16.89 -19.98
N VAL D 321 11.24 -15.71 -20.52
CA VAL D 321 9.87 -15.15 -20.36
C VAL D 321 8.89 -16.05 -21.07
N LEU D 322 9.16 -16.48 -22.32
CA LEU D 322 8.23 -17.34 -23.04
C LEU D 322 8.12 -18.72 -22.45
N ALA D 323 9.17 -19.16 -21.76
CA ALA D 323 9.23 -20.52 -21.25
C ALA D 323 8.59 -20.54 -19.85
N GLY D 324 8.16 -19.39 -19.34
CA GLY D 324 7.62 -19.32 -17.97
C GLY D 324 8.63 -19.47 -16.83
N ARG D 325 9.92 -19.21 -17.10
CA ARG D 325 11.02 -19.36 -16.13
C ARG D 325 11.41 -18.03 -15.54
N CYS D 326 10.96 -16.97 -16.16
CA CYS D 326 11.23 -15.64 -15.69
C CYS D 326 9.93 -15.04 -15.24
N THR D 327 9.82 -14.80 -13.94
CA THR D 327 8.59 -14.22 -13.42
C THR D 327 8.78 -12.71 -13.39
N LEU D 328 7.80 -12.01 -13.97
CA LEU D 328 7.87 -10.58 -14.20
C LEU D 328 7.03 -9.78 -13.18
N PRO D 329 7.40 -8.53 -12.95
CA PRO D 329 6.43 -7.68 -12.21
C PRO D 329 5.08 -7.67 -12.91
N ASP D 330 4.02 -7.15 -12.27
CA ASP D 330 2.78 -7.07 -13.03
C ASP D 330 2.81 -5.86 -13.95
N ALA D 331 1.80 -5.72 -14.82
CA ALA D 331 1.83 -4.69 -15.85
C ALA D 331 1.93 -3.27 -15.40
N GLU D 332 1.28 -2.90 -14.28
CA GLU D 332 1.47 -1.55 -13.74
C GLU D 332 2.86 -1.23 -13.24
N THR D 333 3.47 -2.20 -12.56
CA THR D 333 4.80 -2.07 -12.05
C THR D 333 5.74 -1.91 -13.26
N MET D 334 5.56 -2.77 -14.25
CA MET D 334 6.42 -2.60 -15.49
C MET D 334 6.27 -1.26 -16.12
N ARG D 335 5.01 -0.78 -16.25
CA ARG D 335 4.77 0.53 -16.80
C ARG D 335 5.42 1.60 -15.97
N LYS D 336 5.33 1.44 -14.64
CA LYS D 336 5.98 2.45 -13.79
C LYS D 336 7.44 2.46 -13.94
N GLU D 337 8.04 1.28 -14.03
CA GLU D 337 9.50 1.23 -14.14
C GLU D 337 9.99 1.75 -15.54
N GLU D 338 9.20 1.43 -16.59
CA GLU D 338 9.58 1.95 -17.97
C GLU D 338 9.48 3.46 -17.96
N ALA D 339 8.41 4.01 -17.37
CA ALA D 339 8.30 5.49 -17.33
C ALA D 339 9.41 6.17 -16.51
N GLU D 340 9.72 5.65 -15.32
CA GLU D 340 10.90 6.04 -14.51
C GLU D 340 12.23 6.04 -15.28
N TYR D 341 12.44 4.96 -16.02
CA TYR D 341 13.68 4.81 -16.69
C TYR D 341 13.81 5.86 -17.82
N MET D 342 12.70 6.15 -18.47
CA MET D 342 12.74 7.03 -19.65
C MET D 342 12.99 8.47 -19.17
N GLU D 343 12.31 8.77 -18.05
CA GLU D 343 12.58 10.07 -17.37
C GLU D 343 14.04 10.25 -17.01
N LYS D 344 14.70 9.17 -16.55
CA LYS D 344 16.09 9.26 -16.30
C LYS D 344 17.00 9.41 -17.55
N GLN D 345 16.62 8.80 -18.65
CA GLN D 345 17.41 8.96 -19.85
C GLN D 345 17.40 10.46 -20.29
N ARG D 346 16.21 11.05 -20.23
CA ARG D 346 16.08 12.49 -20.64
C ARG D 346 16.88 13.35 -19.73
N ALA D 347 16.65 13.05 -18.43
CA ALA D 347 17.35 13.83 -17.42
C ALA D 347 18.82 13.69 -17.63
N GLU D 348 19.25 12.61 -18.28
CA GLU D 348 20.68 12.34 -18.49
C GLU D 348 21.20 12.72 -19.89
N ALA D 349 20.31 13.30 -20.70
CA ALA D 349 20.60 13.77 -22.07
C ALA D 349 20.93 12.62 -23.05
N VAL D 350 20.32 11.43 -22.92
CA VAL D 350 20.62 10.40 -23.95
C VAL D 350 19.34 9.89 -24.49
N HIS D 351 19.41 9.31 -25.69
CA HIS D 351 18.21 8.82 -26.32
C HIS D 351 17.64 7.64 -25.51
N PRO D 352 16.33 7.41 -25.62
CA PRO D 352 15.55 6.52 -24.84
C PRO D 352 16.18 5.11 -24.70
N HIS D 353 16.69 4.58 -25.80
CA HIS D 353 17.11 3.15 -25.72
C HIS D 353 18.65 2.98 -25.76
N VAL D 354 19.37 4.05 -25.45
CA VAL D 354 20.81 3.99 -25.39
C VAL D 354 21.28 3.39 -24.05
N LEU D 355 22.10 2.31 -24.09
CA LEU D 355 22.42 1.65 -22.85
C LEU D 355 23.82 2.03 -22.23
N MET D 356 24.58 2.82 -22.96
CA MET D 356 26.04 3.04 -22.72
C MET D 356 26.36 3.38 -21.25
N ASN D 357 25.55 4.19 -20.61
CA ASN D 357 25.83 4.65 -19.27
C ASN D 357 25.64 3.64 -18.14
N HIS D 358 24.76 2.68 -18.30
CA HIS D 358 24.40 1.78 -17.25
C HIS D 358 24.32 0.29 -17.77
N GLN D 359 25.02 0.02 -18.83
CA GLN D 359 24.84 -1.29 -19.45
C GLN D 359 25.23 -2.44 -18.58
N TRP D 360 26.27 -2.31 -17.75
CA TRP D 360 26.71 -3.46 -16.96
C TRP D 360 25.70 -3.80 -15.86
N GLU D 361 25.08 -2.75 -15.25
CA GLU D 361 23.96 -2.98 -14.33
C GLU D 361 22.75 -3.60 -15.00
N TYR D 362 22.46 -3.16 -16.23
CA TYR D 362 21.36 -3.69 -17.02
C TYR D 362 21.60 -5.18 -17.33
N PHE D 363 22.83 -5.49 -17.72
CA PHE D 363 23.12 -6.89 -18.06
C PHE D 363 23.01 -7.75 -16.82
N LYS D 364 23.54 -7.23 -15.72
CA LYS D 364 23.41 -8.00 -14.40
C LYS D 364 21.97 -8.32 -14.06
N LYS D 365 21.09 -7.35 -14.27
CA LYS D 365 19.64 -7.59 -14.08
C LYS D 365 19.10 -8.61 -15.03
N LEU D 366 19.44 -8.54 -16.32
CA LEU D 366 18.95 -9.56 -17.23
C LEU D 366 19.51 -10.96 -16.85
N GLU D 367 20.75 -11.03 -16.39
CA GLU D 367 21.28 -12.30 -15.94
C GLU D 367 20.50 -12.84 -14.73
N GLU D 368 20.26 -11.98 -13.74
CA GLU D 368 19.45 -12.43 -12.55
C GLU D 368 18.05 -12.92 -12.96
N MET D 369 17.35 -12.18 -13.83
CA MET D 369 16.02 -12.62 -14.17
C MET D 369 15.94 -13.84 -15.04
N SER D 370 16.92 -14.03 -15.93
CA SER D 370 16.81 -15.07 -16.97
C SER D 370 17.48 -16.44 -16.59
N GLY D 371 18.36 -16.43 -15.59
CA GLY D 371 19.21 -17.60 -15.33
C GLY D 371 20.41 -17.70 -16.23
N ALA D 372 20.71 -16.69 -17.08
CA ALA D 372 21.94 -16.75 -17.92
C ALA D 372 23.20 -16.91 -17.09
N LYS D 373 24.18 -17.59 -17.66
CA LYS D 373 25.56 -17.66 -17.05
C LYS D 373 26.11 -16.24 -16.97
N THR D 374 26.82 -15.95 -15.87
CA THR D 374 27.37 -14.64 -15.63
C THR D 374 28.36 -14.29 -16.72
N MET D 375 28.33 -13.04 -17.20
CA MET D 375 29.33 -12.64 -18.22
C MET D 375 30.75 -12.62 -17.66
N PRO D 376 31.76 -13.04 -18.49
CA PRO D 376 33.16 -12.94 -17.93
C PRO D 376 33.50 -11.48 -17.71
N PRO D 377 34.05 -11.14 -16.56
CA PRO D 377 34.42 -9.73 -16.34
C PRO D 377 35.34 -9.11 -17.36
N VAL D 378 36.18 -9.92 -18.00
CA VAL D 378 37.12 -9.37 -18.97
C VAL D 378 36.40 -8.61 -20.10
N TYR D 379 35.15 -9.04 -20.46
CA TYR D 379 34.36 -8.26 -21.43
C TYR D 379 34.18 -6.79 -20.96
N MET D 380 33.81 -6.58 -19.72
CA MET D 380 33.64 -5.20 -19.27
C MET D 380 34.96 -4.41 -19.35
N LYS D 381 36.01 -5.05 -18.86
CA LYS D 381 37.31 -4.46 -18.81
C LYS D 381 37.76 -4.04 -20.18
N MET D 382 37.69 -4.98 -21.09
CA MET D 382 38.11 -4.77 -22.43
C MET D 382 37.25 -3.68 -23.06
N PHE D 383 35.92 -3.76 -22.88
CA PHE D 383 35.04 -2.74 -23.47
C PHE D 383 35.38 -1.32 -22.94
N ASP D 384 35.47 -1.16 -21.63
CA ASP D 384 35.91 0.17 -21.14
C ASP D 384 37.28 0.63 -21.64
N ASP D 385 38.26 -0.26 -21.78
CA ASP D 385 39.55 0.08 -22.41
C ASP D 385 39.42 0.54 -23.85
N VAL D 386 38.61 -0.15 -24.66
CA VAL D 386 38.38 0.20 -26.04
C VAL D 386 37.70 1.58 -26.10
N ALA D 387 36.80 1.83 -25.14
CA ALA D 387 36.05 3.10 -25.14
C ALA D 387 37.10 4.21 -24.88
N SER D 388 38.08 3.91 -24.03
CA SER D 388 39.16 4.86 -23.73
C SER D 388 40.07 5.13 -24.94
N ASP D 389 40.40 4.08 -25.70
CA ASP D 389 41.11 4.22 -27.01
C ASP D 389 40.41 5.10 -28.02
N LEU D 390 39.08 4.98 -28.10
CA LEU D 390 38.26 5.77 -29.03
C LEU D 390 38.25 7.29 -28.67
N VAL D 391 38.49 7.58 -27.40
CA VAL D 391 38.62 8.99 -26.97
C VAL D 391 40.05 9.46 -27.23
N LYS D 392 41.02 8.69 -26.73
CA LYS D 392 42.44 9.00 -26.94
C LYS D 392 42.81 9.20 -28.42
N ASP D 393 42.46 8.25 -29.28
CA ASP D 393 42.93 8.29 -30.66
C ASP D 393 41.98 7.63 -31.69
N LEU D 394 40.99 8.40 -32.14
CA LEU D 394 40.12 7.93 -33.26
C LEU D 394 40.82 7.40 -34.54
N GLN D 395 42.02 7.88 -34.88
CA GLN D 395 42.63 7.54 -36.17
C GLN D 395 43.48 6.26 -36.15
N ASN D 396 43.76 5.75 -34.95
CA ASN D 396 44.69 4.63 -34.81
C ASN D 396 44.31 3.52 -33.83
N PHE D 397 43.12 3.62 -33.23
CA PHE D 397 42.73 2.66 -32.18
C PHE D 397 42.75 1.23 -32.75
N ARG D 398 42.69 1.09 -34.06
CA ARG D 398 42.56 -0.26 -34.64
C ARG D 398 43.88 -0.97 -34.75
N LYS D 399 44.90 -0.28 -34.30
CA LYS D 399 46.23 -0.84 -34.25
C LYS D 399 46.39 -1.72 -33.01
N ASN D 400 45.42 -1.69 -32.09
CA ASN D 400 45.56 -2.57 -30.97
C ASN D 400 45.00 -3.96 -31.27
N ASN D 401 45.63 -4.98 -30.68
CA ASN D 401 45.14 -6.33 -30.75
C ASN D 401 44.99 -6.91 -29.38
N TYR D 402 43.82 -7.48 -29.09
CA TYR D 402 43.56 -7.94 -27.76
C TYR D 402 43.55 -9.46 -27.78
N MET D 403 44.07 -10.06 -26.72
CA MET D 403 43.88 -11.52 -26.62
C MET D 403 43.27 -11.79 -25.26
N ILE D 404 42.22 -12.62 -25.18
CA ILE D 404 41.67 -12.88 -23.85
C ILE D 404 42.53 -14.03 -23.21
N ILE D 405 42.99 -13.84 -21.98
CA ILE D 405 43.86 -14.83 -21.29
C ILE D 405 42.98 -15.69 -20.47
N ASP D 406 42.06 -15.12 -19.72
CA ASP D 406 41.15 -15.92 -18.92
C ASP D 406 39.89 -15.08 -18.70
N ASN D 407 39.03 -15.44 -17.75
CA ASN D 407 37.79 -14.64 -17.59
C ASN D 407 37.97 -13.24 -16.99
N GLU D 408 39.15 -12.88 -16.45
CA GLU D 408 39.41 -11.61 -15.85
C GLU D 408 40.34 -10.70 -16.61
N ASN D 409 41.21 -11.29 -17.41
CA ASN D 409 42.36 -10.61 -17.89
C ASN D 409 42.49 -10.78 -19.41
N TYR D 410 43.05 -9.72 -20.02
CA TYR D 410 43.34 -9.73 -21.44
C TYR D 410 44.76 -9.17 -21.62
N LYS D 411 45.36 -9.46 -22.75
CA LYS D 411 46.63 -8.87 -23.14
C LYS D 411 46.37 -8.02 -24.40
N LYS D 412 46.78 -6.77 -24.31
CA LYS D 412 46.77 -5.87 -25.43
C LYS D 412 48.09 -6.09 -26.12
N ILE D 413 48.24 -5.52 -27.29
CA ILE D 413 49.54 -5.40 -27.94
C ILE D 413 49.31 -4.36 -29.02
N TYR D 414 50.21 -3.39 -29.11
CA TYR D 414 50.03 -2.40 -30.14
C TYR D 414 50.80 -2.91 -31.35
N ALA D 415 50.13 -3.03 -32.52
CA ALA D 415 50.88 -3.33 -33.74
C ALA D 415 51.15 -1.99 -34.48
N ALA D 416 52.35 -1.40 -34.27
CA ALA D 416 52.75 -0.05 -34.75
C ALA D 416 52.58 0.15 -36.28
N ALA D 417 53.00 -0.88 -37.02
CA ALA D 417 53.01 -0.87 -38.47
C ALA D 417 51.67 -1.26 -39.14
#